data_8GX9
#
_entry.id   8GX9
#
_cell.length_a   110.511
_cell.length_b   154.856
_cell.length_c   158.423
_cell.angle_alpha   90.000
_cell.angle_beta   90.000
_cell.angle_gamma   90.000
#
_symmetry.space_group_name_H-M   'P 21 21 21'
#
loop_
_entity.id
_entity.type
_entity.pdbx_description
1 polymer 'Spike protein S1'
2 polymer 'light chain of P2C-1F11'
3 polymer 'heavy chain of P2C-1F11'
4 polymer 'light chain of P2B-1G5'
5 polymer 'heavy chain of P2B-1G5'
6 non-polymer 2-acetamido-2-deoxy-beta-D-glucopyranose
#
loop_
_entity_poly.entity_id
_entity_poly.type
_entity_poly.pdbx_seq_one_letter_code
_entity_poly.pdbx_strand_id
1 'polypeptide(L)'
;RVQPTESIVRFPNITNLCPFGEVFNATRFASVYAWNRKRISNCVADYSVLYNSASFSTFKCYGVSPTKLNDLCFTNVYAD
SFVIRGDEVRQIAPGQTGKIADYNYKLPDDFTGCVIAWNSNNLDSKVGGNYNYLYRLFRKSNLKPFERDISTEIYQAGST
PCNGVEGFNCYFPLQSYGFQPTNGVGYQPYRVVVLSFELLHAPATVCGPKK
;
A,E
2 'polypeptide(L)'
;EIVLTQSPGTLSLSPGERATLSCRASQSVSSSYLAWYQQKPGQAPRLLIYGASSRATGIPDRFSGSGSGTDFTLTISRLE
PEDFAVYYCQQYGSSPTFGQGTKLEIKRTVAAPSVFIFPPSDEQLKSGTASVVCLLNNFYPREAKVQWKVDNALQSGNSQ
ESVTEQDSKDSTYSLSSTLTLSKADYEKHKVYACEVTHQGLSSPVTKSFNRGEC
;
F,L
3 'polypeptide(L)'
;EVQLVESGGGLVQPGGSLRLSCAASGITVSSNYMNWVRQAPGKGLEWVSLIYSGGSTYYADSVKGRFTISRDNSKNTLYL
QMNSLRAEDTAVYHCARDLVVYGMDVWGQGTTVTVSSASTKGPSVFPLAPSSKSTSGGTAALGCLVKDYFPEPVTVSWNS
GALTSGVHTFPAVLQSSGLYSLSSVVTVPSSSLGTQTYICNVNHKPSNTKVDKKVE
;
H,I
4 'polypeptide(L)'
;SYVLTQPPSVSVAPGKTARITCGGNNIGSKSVHWYQQKPGQAPVLVIYYDSDRPSGIPERFSGSNSGNTATLTISGVEAG
DEADYYCQVWDSISDHRVFGGGTKLTVLGQPKAAPSVTLFPPSSEELQANKATLVCLISDFYPGAVTVAWKADSSPVKAG
VETTTPSKQSNNKYAASSYLSLTPEQWKSHRSYSCQVTHEGSTVEKTVAPTECS
;
M,N
5 'polypeptide(L)'
;QVQLVQSGSELKKPGASVKVSCKASGYTFTTYVMNWVRQAPGQGLEWMGWINTNTGNPTYAQGFTGRFVFSLDTSVSTAS
LQISSLKAEDTAVYYCSCEITTLGGMDVWGQGTTVTVSSASTKGPSVFPLAPSSKSTSGGTAALGCLVKDYFPEPVTVSW
NSGALTSGVHTFPAVLQSSGLYSLSSVVTVPSSSLGTQTYICNVNHKPSNTKVDKKVE
;
O,P
#
# COMPACT_ATOMS: atom_id res chain seq x y z
N THR A 15 27.95 9.96 29.87
CA THR A 15 27.02 9.19 30.70
C THR A 15 25.88 10.07 31.19
N ASN A 16 25.52 11.06 30.38
CA ASN A 16 24.38 11.93 30.64
C ASN A 16 23.11 11.28 30.12
N LEU A 17 21.99 11.55 30.79
CA LEU A 17 20.72 10.98 30.38
C LEU A 17 20.11 11.79 29.23
N CYS A 18 19.40 11.09 28.34
CA CYS A 18 18.88 11.73 27.14
C CYS A 18 17.73 12.66 27.47
N PRO A 19 17.54 13.72 26.68
CA PRO A 19 16.46 14.68 26.96
C PRO A 19 15.14 14.27 26.35
N PHE A 20 14.77 12.98 26.46
CA PHE A 20 13.47 12.54 25.97
C PHE A 20 12.32 13.29 26.64
N GLY A 21 12.49 13.68 27.90
CA GLY A 21 11.48 14.48 28.55
C GLY A 21 11.20 15.78 27.83
N GLU A 22 12.21 16.34 27.16
CA GLU A 22 12.04 17.63 26.50
C GLU A 22 11.19 17.52 25.24
N VAL A 23 11.19 16.36 24.59
CA VAL A 23 10.34 16.13 23.43
C VAL A 23 8.94 15.70 23.84
N PHE A 24 8.85 14.65 24.66
CA PHE A 24 7.55 14.08 25.02
C PHE A 24 6.72 15.04 25.85
N ASN A 25 7.33 15.71 26.82
CA ASN A 25 6.63 16.59 27.75
C ASN A 25 6.72 18.06 27.32
N ALA A 26 6.82 18.33 26.02
CA ALA A 26 6.90 19.70 25.54
C ALA A 26 5.52 20.34 25.51
N THR A 27 5.42 21.59 25.96
CA THR A 27 4.10 22.20 26.16
C THR A 27 3.37 22.43 24.85
N ARG A 28 4.05 22.93 23.82
CA ARG A 28 3.42 23.14 22.52
C ARG A 28 4.15 22.30 21.48
N PHE A 29 3.39 21.59 20.67
CA PHE A 29 3.92 20.77 19.59
C PHE A 29 3.80 21.52 18.27
N ALA A 30 4.21 20.85 17.19
CA ALA A 30 4.30 21.45 15.87
C ALA A 30 3.15 21.00 14.99
N SER A 31 2.97 21.73 13.89
CA SER A 31 2.07 21.26 12.84
C SER A 31 2.71 20.10 12.10
N VAL A 32 1.88 19.26 11.49
CA VAL A 32 2.38 18.01 10.92
C VAL A 32 3.15 18.25 9.62
N TYR A 33 2.74 19.23 8.82
CA TYR A 33 3.51 19.59 7.62
C TYR A 33 4.86 20.19 7.95
N ALA A 34 4.99 20.83 9.11
CA ALA A 34 6.23 21.42 9.61
C ALA A 34 6.60 20.72 10.90
N TRP A 35 7.07 19.48 10.76
CA TRP A 35 7.44 18.62 11.88
C TRP A 35 8.85 18.92 12.33
N ASN A 36 9.14 18.55 13.59
CA ASN A 36 10.42 18.84 14.22
C ASN A 36 11.35 17.63 14.16
N ARG A 37 12.65 17.91 14.24
CA ARG A 37 13.66 16.86 14.33
C ARG A 37 14.59 17.30 15.41
N LYS A 38 14.18 17.06 16.66
CA LYS A 38 15.17 17.11 17.72
C LYS A 38 16.21 16.02 17.44
N ARG A 39 17.48 16.41 17.39
CA ARG A 39 18.57 15.48 17.17
C ARG A 39 19.14 15.02 18.50
N ILE A 40 19.02 13.72 18.78
CA ILE A 40 19.52 13.13 20.02
C ILE A 40 20.90 12.56 19.78
N SER A 41 21.84 12.88 20.68
CA SER A 41 23.23 12.49 20.50
C SER A 41 23.92 12.52 21.85
N ASN A 42 24.81 11.55 22.08
CA ASN A 42 25.72 11.56 23.23
C ASN A 42 24.96 11.49 24.55
N CYS A 43 24.15 10.46 24.74
CA CYS A 43 23.42 10.31 25.99
C CYS A 43 22.91 8.88 26.13
N VAL A 44 22.57 8.51 27.36
CA VAL A 44 21.98 7.21 27.66
C VAL A 44 20.47 7.35 27.72
N ALA A 45 19.76 6.40 27.11
CA ALA A 45 18.31 6.42 27.03
C ALA A 45 17.76 5.14 27.64
N ASP A 46 16.90 5.29 28.64
CA ASP A 46 16.18 4.16 29.22
C ASP A 46 14.85 4.07 28.48
N TYR A 47 14.86 3.31 27.39
CA TYR A 47 13.65 3.16 26.58
C TYR A 47 12.56 2.43 27.37
N SER A 48 12.95 1.52 28.27
CA SER A 48 11.94 0.79 29.02
C SER A 48 11.16 1.69 29.98
N VAL A 49 11.75 2.82 30.38
CA VAL A 49 10.99 3.81 31.15
C VAL A 49 9.87 4.40 30.31
N LEU A 50 10.07 4.50 29.00
CA LEU A 50 9.09 5.17 28.14
C LEU A 50 7.90 4.28 27.81
N TYR A 51 8.14 3.00 27.54
CA TYR A 51 7.06 2.18 26.98
C TYR A 51 6.16 1.63 28.08
N ASN A 52 6.72 1.26 29.24
CA ASN A 52 5.89 0.93 30.40
C ASN A 52 5.12 2.12 30.95
N SER A 53 5.26 3.31 30.37
CA SER A 53 4.48 4.47 30.81
C SER A 53 2.98 4.19 30.73
N ALA A 54 2.56 3.36 29.78
CA ALA A 54 1.14 3.01 29.59
C ALA A 54 0.27 4.25 29.42
N SER A 55 0.85 5.31 28.86
CA SER A 55 0.15 6.57 28.65
C SER A 55 -0.13 6.82 27.18
N PHE A 56 0.07 5.81 26.33
CA PHE A 56 0.04 5.95 24.88
C PHE A 56 -1.04 5.04 24.33
N SER A 57 -1.87 5.57 23.44
CA SER A 57 -2.81 4.72 22.71
C SER A 57 -2.15 4.06 21.52
N THR A 58 -0.94 4.48 21.15
CA THR A 58 -0.17 3.85 20.10
C THR A 58 1.30 3.92 20.47
N PHE A 59 1.98 2.77 20.46
CA PHE A 59 3.40 2.62 20.74
C PHE A 59 3.88 1.45 19.88
N LYS A 60 4.01 1.68 18.58
CA LYS A 60 4.20 0.61 17.61
C LYS A 60 5.53 0.84 16.90
N CYS A 61 6.53 0.02 17.24
CA CYS A 61 7.83 0.13 16.62
C CYS A 61 7.80 -0.63 15.29
N TYR A 62 8.91 -0.57 14.54
CA TYR A 62 9.07 -1.42 13.36
C TYR A 62 10.54 -1.75 13.22
N GLY A 63 10.84 -3.02 12.91
CA GLY A 63 12.22 -3.43 12.71
C GLY A 63 13.01 -3.66 13.97
N VAL A 64 12.37 -3.58 15.14
CA VAL A 64 13.05 -3.76 16.42
C VAL A 64 11.98 -3.98 17.48
N SER A 65 12.34 -4.62 18.58
CA SER A 65 11.46 -4.98 19.68
C SER A 65 11.53 -3.96 20.81
N PRO A 66 10.38 -3.58 21.37
CA PRO A 66 10.41 -2.50 22.38
C PRO A 66 11.14 -2.89 23.65
N THR A 67 11.06 -4.16 24.05
CA THR A 67 11.68 -4.60 25.30
C THR A 67 13.17 -4.84 25.12
N LYS A 68 13.58 -5.32 23.94
CA LYS A 68 14.99 -5.50 23.61
C LYS A 68 15.68 -4.20 23.29
N LEU A 69 14.98 -3.07 23.35
CA LEU A 69 15.58 -1.79 22.93
C LEU A 69 16.60 -1.29 23.94
N ASN A 70 16.41 -1.55 25.23
CA ASN A 70 17.34 -1.06 26.24
C ASN A 70 18.76 -1.52 25.95
N ASP A 71 18.92 -2.71 25.40
CA ASP A 71 20.22 -3.35 25.26
C ASP A 71 20.80 -3.11 23.87
N LEU A 72 20.85 -1.84 23.44
CA LEU A 72 21.17 -1.54 22.06
C LEU A 72 21.83 -0.16 21.99
N CYS A 73 22.38 0.15 20.82
CA CYS A 73 23.06 1.42 20.60
C CYS A 73 22.84 1.87 19.16
N PHE A 74 22.95 3.18 18.94
CA PHE A 74 22.79 3.76 17.62
C PHE A 74 23.67 4.99 17.50
N THR A 75 23.93 5.41 16.24
CA THR A 75 24.78 6.57 16.02
C THR A 75 24.01 7.87 16.23
N ASN A 76 22.75 7.91 15.81
CA ASN A 76 21.91 9.08 15.98
C ASN A 76 20.46 8.64 16.14
N VAL A 77 19.76 9.24 17.09
CA VAL A 77 18.34 9.02 17.31
C VAL A 77 17.62 10.32 16.96
N TYR A 78 16.62 10.23 16.11
CA TYR A 78 15.85 11.38 15.66
C TYR A 78 14.43 11.29 16.21
N ALA A 79 14.08 12.21 17.11
CA ALA A 79 12.75 12.27 17.71
C ALA A 79 11.92 13.28 16.93
N ASP A 80 11.12 12.77 16.01
CA ASP A 80 10.18 13.61 15.26
C ASP A 80 8.85 13.63 16.00
N SER A 81 8.27 14.83 16.12
CA SER A 81 7.04 14.99 16.90
C SER A 81 6.14 15.98 16.18
N PHE A 82 4.84 15.66 16.14
CA PHE A 82 3.85 16.50 15.50
C PHE A 82 2.48 16.14 16.07
N VAL A 83 1.44 16.81 15.57
CA VAL A 83 0.06 16.60 16.00
C VAL A 83 -0.81 16.28 14.80
N ILE A 84 -1.62 15.23 14.92
CA ILE A 84 -2.59 14.82 13.91
C ILE A 84 -3.85 14.36 14.63
N ARG A 85 -4.84 13.91 13.86
CA ARG A 85 -6.02 13.33 14.46
C ARG A 85 -5.80 11.83 14.71
N GLY A 86 -6.67 11.25 15.53
CA GLY A 86 -6.57 9.82 15.80
C GLY A 86 -6.83 8.96 14.59
N ASP A 87 -7.69 9.43 13.69
CA ASP A 87 -7.99 8.70 12.46
C ASP A 87 -6.72 8.47 11.64
N GLU A 88 -5.82 9.44 11.64
CA GLU A 88 -4.63 9.46 10.80
C GLU A 88 -3.43 8.81 11.47
N VAL A 89 -3.54 8.45 12.76
CA VAL A 89 -2.44 7.80 13.45
C VAL A 89 -2.00 6.54 12.71
N ARG A 90 -2.96 5.83 12.10
CA ARG A 90 -2.64 4.65 11.30
C ARG A 90 -1.67 4.95 10.18
N GLN A 91 -1.64 6.19 9.70
CA GLN A 91 -0.82 6.55 8.55
C GLN A 91 0.63 6.82 8.92
N ILE A 92 0.93 7.10 10.19
CA ILE A 92 2.31 7.24 10.62
C ILE A 92 2.92 5.85 10.70
N ALA A 93 3.09 5.23 9.54
CA ALA A 93 3.62 3.88 9.42
C ALA A 93 4.29 3.77 8.06
N PRO A 94 5.17 2.79 7.87
CA PRO A 94 5.72 2.57 6.53
C PRO A 94 4.62 2.14 5.56
N GLY A 95 4.79 2.52 4.31
CA GLY A 95 3.88 2.12 3.25
C GLY A 95 2.42 2.42 3.51
N GLN A 96 2.12 3.66 3.90
CA GLN A 96 0.76 4.13 4.06
C GLN A 96 0.44 5.20 3.03
N THR A 97 -0.83 5.31 2.69
CA THR A 97 -1.34 6.42 1.89
C THR A 97 -2.23 7.28 2.78
N GLY A 98 -2.79 8.31 2.18
CA GLY A 98 -3.57 9.28 2.91
C GLY A 98 -2.88 10.64 2.92
N LYS A 99 -3.66 11.65 3.33
CA LYS A 99 -3.20 13.03 3.19
C LYS A 99 -1.99 13.33 4.07
N ILE A 100 -1.93 12.72 5.25
CA ILE A 100 -0.76 12.92 6.12
C ILE A 100 0.43 12.14 5.58
N ALA A 101 0.23 10.86 5.26
CA ALA A 101 1.34 10.04 4.81
C ALA A 101 1.92 10.53 3.49
N ASP A 102 1.09 11.14 2.64
CA ASP A 102 1.53 11.53 1.31
C ASP A 102 2.08 12.96 1.25
N TYR A 103 1.46 13.90 1.95
CA TYR A 103 1.76 15.32 1.77
C TYR A 103 2.35 15.99 3.00
N ASN A 104 2.57 15.27 4.10
CA ASN A 104 3.01 15.94 5.33
C ASN A 104 4.22 15.26 5.96
N TYR A 105 4.11 13.98 6.25
CA TYR A 105 5.18 13.22 6.92
C TYR A 105 5.14 11.80 6.39
N LYS A 106 6.18 11.39 5.68
CA LYS A 106 6.27 10.05 5.10
C LYS A 106 7.40 9.28 5.74
N LEU A 107 7.09 8.07 6.22
CA LEU A 107 7.97 7.03 6.73
C LEU A 107 8.40 6.10 5.59
N PRO A 108 9.67 5.75 5.55
CA PRO A 108 10.16 4.87 4.48
C PRO A 108 9.69 3.43 4.66
N ASP A 109 9.60 2.71 3.54
CA ASP A 109 9.22 1.31 3.61
C ASP A 109 10.26 0.47 4.37
N ASP A 110 11.46 1.00 4.54
CA ASP A 110 12.50 0.39 5.38
C ASP A 110 12.67 1.13 6.70
N PHE A 111 11.58 1.65 7.25
CA PHE A 111 11.62 2.31 8.55
C PHE A 111 11.97 1.30 9.64
N THR A 112 12.77 1.75 10.60
CA THR A 112 13.29 0.87 11.64
C THR A 112 13.29 1.57 12.99
N GLY A 113 12.18 2.22 13.33
CA GLY A 113 12.04 2.92 14.58
C GLY A 113 10.70 2.63 15.22
N CYS A 114 10.29 3.55 16.10
CA CYS A 114 9.06 3.42 16.85
C CYS A 114 8.15 4.62 16.57
N VAL A 115 6.84 4.36 16.56
CA VAL A 115 5.83 5.40 16.50
C VAL A 115 5.06 5.36 17.81
N ILE A 116 4.97 6.51 18.48
CA ILE A 116 4.31 6.63 19.77
C ILE A 116 3.27 7.74 19.68
N ALA A 117 2.07 7.47 20.20
CA ALA A 117 0.98 8.42 20.11
C ALA A 117 0.11 8.35 21.36
N TRP A 118 -0.46 9.49 21.73
CA TRP A 118 -1.39 9.55 22.85
C TRP A 118 -2.38 10.69 22.61
N ASN A 119 -3.58 10.53 23.15
CA ASN A 119 -4.64 11.50 22.94
C ASN A 119 -4.32 12.80 23.68
N SER A 120 -4.54 13.92 23.00
CA SER A 120 -4.19 15.24 23.51
C SER A 120 -5.37 16.20 23.52
N ASN A 121 -6.60 15.67 23.59
CA ASN A 121 -7.78 16.52 23.52
C ASN A 121 -7.87 17.46 24.71
N ASN A 122 -7.26 17.09 25.84
CA ASN A 122 -7.27 17.98 27.00
C ASN A 122 -6.36 19.19 26.79
N LEU A 123 -5.16 18.96 26.26
CA LEU A 123 -4.20 20.06 26.10
C LEU A 123 -4.41 20.83 24.80
N ASP A 124 -4.85 20.16 23.75
CA ASP A 124 -4.75 20.69 22.39
C ASP A 124 -6.12 20.95 21.77
N SER A 125 -7.09 21.39 22.57
CA SER A 125 -8.40 21.73 22.02
C SER A 125 -9.03 22.84 22.85
N LYS A 126 -9.48 23.88 22.17
CA LYS A 126 -10.16 25.01 22.78
C LYS A 126 -11.64 24.96 22.45
N VAL A 127 -12.47 25.49 23.36
CA VAL A 127 -13.91 25.36 23.20
C VAL A 127 -14.40 26.10 21.96
N GLY A 128 -13.98 27.35 21.80
CA GLY A 128 -14.31 28.09 20.59
C GLY A 128 -13.68 27.54 19.32
N GLY A 129 -12.80 26.54 19.44
CA GLY A 129 -12.09 25.99 18.31
C GLY A 129 -10.64 26.45 18.26
N ASN A 130 -9.70 25.50 18.23
CA ASN A 130 -8.28 25.80 18.18
C ASN A 130 -7.80 25.46 16.78
N TYR A 131 -7.51 26.50 15.98
CA TYR A 131 -7.03 26.34 14.63
C TYR A 131 -5.53 26.54 14.50
N ASN A 132 -4.79 26.39 15.60
CA ASN A 132 -3.35 26.60 15.56
C ASN A 132 -2.66 25.52 14.74
N TYR A 133 -3.15 24.28 14.84
CA TYR A 133 -2.52 23.15 14.17
C TYR A 133 -3.01 23.05 12.72
N LEU A 134 -2.12 22.60 11.85
CA LEU A 134 -2.38 22.59 10.42
C LEU A 134 -1.82 21.34 9.77
N TYR A 135 -2.35 21.03 8.58
CA TYR A 135 -1.87 19.98 7.70
C TYR A 135 -1.87 20.51 6.26
N ARG A 136 -1.21 19.77 5.38
CA ARG A 136 -1.14 20.12 3.96
C ARG A 136 -2.15 19.31 3.18
N LEU A 137 -3.08 19.99 2.50
CA LEU A 137 -4.16 19.33 1.80
C LEU A 137 -3.95 19.23 0.30
N PHE A 138 -3.12 20.10 -0.28
CA PHE A 138 -2.90 20.13 -1.72
C PHE A 138 -1.41 20.14 -2.01
N ARG A 139 -0.96 19.22 -2.87
CA ARG A 139 0.43 19.18 -3.29
C ARG A 139 0.52 18.31 -4.53
N LYS A 140 1.42 18.68 -5.45
CA LYS A 140 1.48 18.08 -6.77
C LYS A 140 2.04 16.66 -6.78
N SER A 141 2.74 16.26 -5.72
CA SER A 141 3.31 14.92 -5.67
C SER A 141 3.60 14.56 -4.22
N ASN A 142 3.74 13.26 -3.96
CA ASN A 142 3.99 12.79 -2.60
C ASN A 142 5.37 13.23 -2.12
N LEU A 143 5.51 13.24 -0.79
CA LEU A 143 6.78 13.57 -0.16
C LEU A 143 7.75 12.40 -0.22
N LYS A 144 9.03 12.73 -0.39
CA LYS A 144 10.09 11.78 -0.15
C LYS A 144 10.15 11.47 1.34
N PRO A 145 10.69 10.31 1.71
CA PRO A 145 10.79 9.96 3.14
C PRO A 145 11.57 11.00 3.93
N PHE A 146 10.99 11.44 5.05
CA PHE A 146 11.56 12.50 5.89
C PHE A 146 11.73 13.82 5.15
N GLU A 147 10.81 14.13 4.22
CA GLU A 147 10.79 15.45 3.61
C GLU A 147 9.88 16.37 4.41
N ARG A 148 10.38 17.57 4.69
CA ARG A 148 9.60 18.62 5.33
C ARG A 148 9.33 19.69 4.28
N ASP A 149 8.05 20.02 4.08
CA ASP A 149 7.63 21.02 3.10
C ASP A 149 6.90 22.13 3.84
N ILE A 150 7.54 23.30 3.92
CA ILE A 150 6.99 24.47 4.59
C ILE A 150 6.62 25.56 3.58
N SER A 151 6.60 25.25 2.30
CA SER A 151 6.28 26.24 1.28
C SER A 151 4.78 26.52 1.28
N THR A 152 4.42 27.80 1.39
CA THR A 152 3.03 28.23 1.44
C THR A 152 2.54 28.77 0.09
N GLU A 153 3.04 28.19 -1.00
CA GLU A 153 2.78 28.70 -2.34
C GLU A 153 1.40 28.29 -2.80
N ILE A 154 0.63 29.25 -3.30
CA ILE A 154 -0.74 29.02 -3.80
C ILE A 154 -0.76 27.86 -4.78
N TYR A 155 -1.52 26.83 -4.45
CA TYR A 155 -1.60 25.64 -5.30
C TYR A 155 -2.35 25.95 -6.59
N GLN A 156 -1.75 25.57 -7.72
CA GLN A 156 -2.34 25.80 -9.03
C GLN A 156 -3.06 24.53 -9.50
N ALA A 157 -4.35 24.66 -9.80
CA ALA A 157 -5.15 23.53 -10.22
C ALA A 157 -5.49 23.55 -11.70
N GLY A 158 -5.45 24.72 -12.34
CA GLY A 158 -5.76 24.83 -13.74
C GLY A 158 -4.52 25.06 -14.59
N SER A 159 -4.75 25.19 -15.90
CA SER A 159 -3.68 25.61 -16.80
C SER A 159 -3.31 27.07 -16.58
N THR A 160 -4.20 27.84 -15.96
CA THR A 160 -3.96 29.26 -15.74
C THR A 160 -3.22 29.47 -14.43
N PRO A 161 -2.06 30.12 -14.44
CA PRO A 161 -1.29 30.30 -13.21
C PRO A 161 -1.98 31.25 -12.25
N CYS A 162 -1.50 31.22 -11.00
CA CYS A 162 -2.14 31.89 -9.87
C CYS A 162 -1.59 33.27 -9.62
N ASN A 163 -0.26 33.40 -9.52
CA ASN A 163 0.39 34.64 -9.14
C ASN A 163 -0.12 35.15 -7.79
N GLY A 164 -0.08 34.26 -6.79
CA GLY A 164 -0.35 34.62 -5.41
C GLY A 164 -1.72 35.21 -5.16
N VAL A 165 -2.71 34.88 -6.00
CA VAL A 165 -4.06 35.39 -5.86
C VAL A 165 -5.01 34.20 -5.82
N GLU A 166 -5.67 34.02 -4.68
CA GLU A 166 -6.62 32.92 -4.55
C GLU A 166 -7.79 33.10 -5.50
N GLY A 167 -8.57 32.05 -5.63
CA GLY A 167 -9.71 32.03 -6.52
C GLY A 167 -9.92 30.63 -7.07
N PHE A 168 -10.55 30.58 -8.24
CA PHE A 168 -10.82 29.30 -8.87
C PHE A 168 -9.53 28.67 -9.39
N ASN A 169 -9.37 27.37 -9.15
CA ASN A 169 -8.19 26.58 -9.50
C ASN A 169 -6.91 27.11 -8.85
N CYS A 170 -7.03 27.97 -7.84
CA CYS A 170 -5.87 28.56 -7.17
C CYS A 170 -6.20 28.66 -5.69
N TYR A 171 -5.69 27.71 -4.91
CA TYR A 171 -6.07 27.56 -3.51
C TYR A 171 -4.83 27.53 -2.63
N PHE A 172 -5.03 27.95 -1.38
CA PHE A 172 -3.97 27.89 -0.38
C PHE A 172 -3.68 26.43 -0.06
N PRO A 173 -2.41 26.00 -0.11
CA PRO A 173 -2.09 24.57 0.04
C PRO A 173 -2.38 24.00 1.42
N LEU A 174 -2.60 24.84 2.43
CA LEU A 174 -2.71 24.39 3.81
C LEU A 174 -4.12 24.61 4.33
N GLN A 175 -4.62 23.63 5.07
CA GLN A 175 -5.88 23.72 5.79
C GLN A 175 -5.61 23.57 7.29
N SER A 176 -6.65 23.74 8.09
CA SER A 176 -6.51 23.77 9.54
C SER A 176 -7.33 22.65 10.16
N TYR A 177 -6.73 21.92 11.10
CA TYR A 177 -7.49 21.00 11.94
C TYR A 177 -8.49 21.76 12.79
N GLY A 178 -9.71 21.23 12.85
CA GLY A 178 -10.72 21.77 13.74
C GLY A 178 -10.91 20.90 14.96
N PHE A 179 -10.17 21.21 16.02
CA PHE A 179 -10.15 20.38 17.23
C PHE A 179 -11.10 21.00 18.26
N GLN A 180 -12.18 20.30 18.55
CA GLN A 180 -13.06 20.72 19.64
C GLN A 180 -13.21 19.57 20.63
N PRO A 181 -13.35 19.87 21.92
CA PRO A 181 -13.49 18.78 22.92
C PRO A 181 -14.67 17.87 22.65
N THR A 182 -15.64 18.33 21.87
CA THR A 182 -16.82 17.55 21.52
C THR A 182 -16.69 16.82 20.20
N ASN A 183 -15.53 16.93 19.54
CA ASN A 183 -15.28 16.14 18.33
C ASN A 183 -15.31 14.64 18.67
N GLY A 184 -15.54 13.84 17.63
CA GLY A 184 -15.38 12.41 17.78
C GLY A 184 -13.96 12.04 18.13
N VAL A 185 -13.81 10.88 18.78
CA VAL A 185 -12.50 10.46 19.28
C VAL A 185 -11.48 10.39 18.14
N GLY A 186 -11.93 9.98 16.96
CA GLY A 186 -11.04 10.01 15.80
C GLY A 186 -10.77 11.41 15.30
N TYR A 187 -11.73 12.32 15.47
CA TYR A 187 -11.56 13.73 15.10
C TYR A 187 -10.86 14.54 16.18
N GLN A 188 -10.29 13.88 17.19
CA GLN A 188 -9.60 14.45 18.33
C GLN A 188 -8.10 14.48 18.09
N PRO A 189 -7.37 15.36 18.77
CA PRO A 189 -5.92 15.47 18.53
C PRO A 189 -5.12 14.40 19.26
N TYR A 190 -4.14 13.85 18.55
CA TYR A 190 -3.22 12.84 19.08
C TYR A 190 -1.80 13.31 18.86
N ARG A 191 -1.03 13.40 19.95
CA ARG A 191 0.37 13.80 19.86
C ARG A 191 1.22 12.59 19.48
N VAL A 192 2.04 12.75 18.44
CA VAL A 192 2.86 11.67 17.91
C VAL A 192 4.31 12.00 18.16
N VAL A 193 5.09 10.99 18.55
CA VAL A 193 6.55 11.08 18.64
C VAL A 193 7.12 9.91 17.87
N VAL A 194 7.96 10.19 16.88
CA VAL A 194 8.55 9.17 16.02
C VAL A 194 10.04 9.11 16.29
N LEU A 195 10.51 7.96 16.79
CA LEU A 195 11.92 7.76 17.10
C LEU A 195 12.56 6.94 16.00
N SER A 196 13.41 7.58 15.20
CA SER A 196 14.11 6.93 14.10
C SER A 196 15.53 6.56 14.52
N PHE A 197 15.91 5.30 14.27
CA PHE A 197 17.18 4.75 14.68
C PHE A 197 18.03 4.45 13.46
N GLU A 198 19.33 4.74 13.53
CA GLU A 198 20.19 4.61 12.37
C GLU A 198 20.98 3.30 12.39
N LEU A 199 22.30 3.38 12.50
CA LEU A 199 23.15 2.20 12.37
C LEU A 199 24.49 2.49 13.03
N LEU A 200 25.43 1.54 12.91
CA LEU A 200 26.79 1.77 13.39
C LEU A 200 27.74 2.17 12.26
N HIS A 201 28.66 1.28 11.89
CA HIS A 201 29.79 1.62 11.04
C HIS A 201 30.52 2.83 11.63
N ALA A 202 29.87 3.99 11.60
CA ALA A 202 30.31 5.12 12.40
C ALA A 202 30.05 4.83 13.89
N PRO A 203 30.80 5.46 14.79
CA PRO A 203 30.68 5.13 16.22
C PRO A 203 29.32 5.55 16.80
N ALA A 204 28.98 4.91 17.91
CA ALA A 204 27.67 5.07 18.55
C ALA A 204 27.75 6.06 19.72
N THR A 205 26.61 6.68 20.03
CA THR A 205 26.53 7.68 21.09
C THR A 205 25.31 7.54 22.00
N VAL A 206 24.36 6.65 21.70
CA VAL A 206 23.11 6.52 22.43
C VAL A 206 22.90 5.05 22.75
N CYS A 207 22.80 4.73 24.04
CA CYS A 207 22.69 3.34 24.48
C CYS A 207 21.71 3.25 25.65
N GLY A 208 21.77 2.16 26.40
CA GLY A 208 20.96 1.97 27.59
C GLY A 208 21.58 1.00 28.58
N THR B 15 -12.17 -18.46 36.32
CA THR B 15 -10.93 -17.77 36.69
C THR B 15 -9.71 -18.63 36.41
N ASN B 16 -9.79 -19.41 35.33
CA ASN B 16 -8.67 -20.21 34.87
C ASN B 16 -7.75 -19.33 34.01
N LEU B 17 -6.49 -19.73 33.90
CA LEU B 17 -5.59 -18.97 33.03
C LEU B 17 -5.75 -19.39 31.57
N CYS B 18 -5.28 -18.50 30.67
CA CYS B 18 -5.37 -18.74 29.23
C CYS B 18 -4.17 -19.54 28.75
N PRO B 19 -4.39 -20.46 27.79
CA PRO B 19 -3.36 -21.43 27.42
C PRO B 19 -2.36 -20.91 26.39
N PHE B 20 -1.91 -19.66 26.55
CA PHE B 20 -1.00 -19.07 25.58
C PHE B 20 0.26 -19.90 25.39
N GLY B 21 0.77 -20.49 26.49
CA GLY B 21 1.96 -21.32 26.41
C GLY B 21 1.81 -22.48 25.45
N GLU B 22 0.57 -22.88 25.19
CA GLU B 22 0.31 -23.97 24.25
C GLU B 22 0.41 -23.51 22.80
N VAL B 23 0.25 -22.21 22.53
CA VAL B 23 0.36 -21.68 21.17
C VAL B 23 1.81 -21.31 20.88
N PHE B 24 2.37 -20.42 21.69
CA PHE B 24 3.72 -19.91 21.45
C PHE B 24 4.75 -21.02 21.55
N ASN B 25 4.88 -21.62 22.73
CA ASN B 25 5.87 -22.65 23.00
C ASN B 25 5.55 -23.99 22.35
N ALA B 26 4.62 -24.05 21.40
CA ALA B 26 4.33 -25.28 20.68
C ALA B 26 5.56 -25.72 19.89
N THR B 27 5.86 -27.02 19.93
CA THR B 27 7.10 -27.50 19.35
C THR B 27 7.14 -27.31 17.84
N ARG B 28 6.02 -27.52 17.17
CA ARG B 28 5.95 -27.32 15.72
C ARG B 28 4.74 -26.47 15.38
N PHE B 29 4.89 -25.67 14.32
CA PHE B 29 3.89 -24.74 13.85
C PHE B 29 3.27 -25.28 12.56
N ALA B 30 2.52 -24.42 11.88
CA ALA B 30 1.90 -24.77 10.60
C ALA B 30 2.37 -23.81 9.52
N SER B 31 2.36 -24.29 8.28
CA SER B 31 2.68 -23.42 7.15
C SER B 31 1.69 -22.26 7.08
N VAL B 32 2.15 -21.16 6.47
CA VAL B 32 1.35 -19.94 6.49
C VAL B 32 0.06 -20.10 5.69
N TYR B 33 0.07 -20.88 4.61
CA TYR B 33 -1.12 -21.03 3.79
C TYR B 33 -2.20 -21.86 4.46
N ALA B 34 -1.82 -22.77 5.36
CA ALA B 34 -2.78 -23.47 6.22
C ALA B 34 -2.65 -22.98 7.65
N TRP B 35 -2.85 -21.69 7.86
CA TRP B 35 -2.51 -21.06 9.13
C TRP B 35 -3.43 -21.55 10.25
N ASN B 36 -2.91 -21.48 11.47
CA ASN B 36 -3.58 -21.99 12.64
C ASN B 36 -4.38 -20.89 13.33
N ARG B 37 -5.48 -21.27 13.96
CA ARG B 37 -6.31 -20.33 14.71
C ARG B 37 -6.77 -21.04 15.99
N LYS B 38 -6.31 -20.55 17.13
CA LYS B 38 -6.76 -21.04 18.42
C LYS B 38 -7.79 -20.07 18.97
N ARG B 39 -8.85 -20.63 19.57
CA ARG B 39 -9.91 -19.84 20.17
C ARG B 39 -9.71 -19.78 21.68
N ILE B 40 -9.71 -18.58 22.23
CA ILE B 40 -9.43 -18.34 23.64
C ILE B 40 -10.70 -17.77 24.28
N SER B 41 -11.14 -18.40 25.36
CA SER B 41 -12.35 -17.98 26.05
C SER B 41 -12.29 -18.41 27.51
N ASN B 42 -13.10 -17.72 28.33
CA ASN B 42 -13.34 -18.11 29.72
C ASN B 42 -12.04 -18.29 30.51
N CYS B 43 -11.10 -17.36 30.31
CA CYS B 43 -9.85 -17.42 31.03
C CYS B 43 -9.27 -16.01 31.17
N VAL B 44 -8.28 -15.90 32.05
CA VAL B 44 -7.59 -14.65 32.31
C VAL B 44 -6.20 -14.72 31.66
N ALA B 45 -5.70 -13.57 31.21
CA ALA B 45 -4.45 -13.51 30.48
C ALA B 45 -3.63 -12.30 30.92
N ASP B 46 -2.34 -12.53 31.15
CA ASP B 46 -1.40 -11.46 31.50
C ASP B 46 -0.58 -11.17 30.25
N TYR B 47 -0.90 -10.05 29.59
CA TYR B 47 -0.26 -9.74 28.31
C TYR B 47 1.15 -9.20 28.49
N SER B 48 1.34 -8.25 29.41
CA SER B 48 2.65 -7.64 29.57
C SER B 48 3.72 -8.64 30.00
N VAL B 49 3.33 -9.81 30.50
CA VAL B 49 4.31 -10.86 30.80
C VAL B 49 4.89 -11.41 29.50
N LEU B 50 4.03 -11.72 28.52
CA LEU B 50 4.53 -12.01 27.18
C LEU B 50 5.32 -10.84 26.63
N TYR B 51 4.91 -9.62 26.97
CA TYR B 51 5.52 -8.43 26.40
C TYR B 51 6.87 -8.13 27.04
N ASN B 52 6.96 -8.22 28.37
CA ASN B 52 8.24 -8.14 29.06
C ASN B 52 9.15 -9.35 28.82
N SER B 53 8.76 -10.30 27.96
CA SER B 53 9.58 -11.49 27.75
C SER B 53 10.91 -11.14 27.09
N ALA B 54 10.90 -10.20 26.15
CA ALA B 54 12.11 -9.71 25.48
C ALA B 54 12.88 -10.83 24.80
N SER B 55 12.16 -11.72 24.13
CA SER B 55 12.77 -12.72 23.26
C SER B 55 12.27 -12.59 21.83
N PHE B 56 11.42 -11.61 21.56
CA PHE B 56 10.78 -11.45 20.27
C PHE B 56 11.54 -10.41 19.45
N SER B 57 11.47 -10.55 18.13
CA SER B 57 12.05 -9.56 17.23
C SER B 57 11.04 -8.51 16.81
N THR B 58 9.77 -8.89 16.69
CA THR B 58 8.70 -7.95 16.37
C THR B 58 7.54 -8.17 17.32
N PHE B 59 7.04 -7.08 17.89
CA PHE B 59 5.88 -7.11 18.78
C PHE B 59 5.09 -5.82 18.60
N LYS B 60 4.30 -5.72 17.55
CA LYS B 60 3.66 -4.47 17.17
C LYS B 60 2.15 -4.65 17.17
N CYS B 61 1.45 -3.77 17.87
CA CYS B 61 -0.01 -3.83 17.94
C CYS B 61 -0.62 -2.77 17.04
N TYR B 62 -1.95 -2.74 16.94
CA TYR B 62 -2.65 -1.71 16.18
C TYR B 62 -4.01 -1.45 16.83
N GLY B 63 -4.33 -0.17 17.04
CA GLY B 63 -5.59 0.22 17.63
C GLY B 63 -5.66 0.19 19.15
N VAL B 64 -4.55 -0.11 19.82
CA VAL B 64 -4.52 -0.23 21.28
C VAL B 64 -3.05 -0.33 21.70
N SER B 65 -2.77 -0.24 23.00
CA SER B 65 -1.41 -0.20 23.51
C SER B 65 -1.02 -1.52 24.15
N PRO B 66 0.28 -1.90 24.11
CA PRO B 66 0.70 -3.18 24.70
C PRO B 66 0.78 -3.15 26.22
N THR B 67 1.08 -1.99 26.79
CA THR B 67 1.17 -1.88 28.25
C THR B 67 -0.17 -1.59 28.90
N LYS B 68 -1.12 -1.03 28.15
CA LYS B 68 -2.50 -0.87 28.61
C LYS B 68 -3.35 -2.12 28.39
N LEU B 69 -2.79 -3.19 27.82
CA LEU B 69 -3.61 -4.34 27.46
C LEU B 69 -4.21 -5.03 28.68
N ASN B 70 -3.43 -5.09 29.78
CA ASN B 70 -3.82 -5.89 30.94
C ASN B 70 -5.17 -5.48 31.53
N ASP B 71 -5.61 -4.26 31.26
CA ASP B 71 -6.79 -3.69 31.90
C ASP B 71 -7.97 -3.63 30.93
N LEU B 72 -8.18 -4.70 30.17
CA LEU B 72 -9.19 -4.70 29.12
C LEU B 72 -9.84 -6.07 29.04
N CYS B 73 -10.99 -6.12 28.36
CA CYS B 73 -11.70 -7.37 28.11
C CYS B 73 -12.19 -7.37 26.68
N PHE B 74 -12.51 -8.56 26.19
CA PHE B 74 -13.11 -8.74 24.87
C PHE B 74 -13.99 -9.98 24.91
N THR B 75 -14.99 -10.00 24.03
CA THR B 75 -15.87 -11.16 23.97
C THR B 75 -15.11 -12.40 23.53
N ASN B 76 -14.14 -12.25 22.63
CA ASN B 76 -13.30 -13.36 22.20
C ASN B 76 -11.98 -12.83 21.68
N VAL B 77 -10.94 -13.64 21.86
CA VAL B 77 -9.58 -13.35 21.39
C VAL B 77 -9.11 -14.53 20.56
N TYR B 78 -8.52 -14.24 19.41
CA TYR B 78 -8.10 -15.26 18.45
C TYR B 78 -6.59 -15.17 18.28
N ALA B 79 -5.93 -16.33 18.39
CA ALA B 79 -4.47 -16.42 18.34
C ALA B 79 -4.09 -17.18 17.07
N ASP B 80 -3.59 -16.46 16.07
CA ASP B 80 -3.23 -17.04 14.78
C ASP B 80 -1.71 -17.16 14.68
N SER B 81 -1.23 -18.35 14.28
CA SER B 81 0.20 -18.65 14.30
C SER B 81 0.60 -19.38 13.03
N PHE B 82 1.79 -19.06 12.54
CA PHE B 82 2.37 -19.72 11.36
C PHE B 82 3.86 -19.38 11.32
N VAL B 83 4.52 -19.81 10.24
CA VAL B 83 5.94 -19.58 10.02
C VAL B 83 6.13 -19.03 8.61
N ILE B 84 6.66 -17.81 8.50
CA ILE B 84 6.99 -17.22 7.22
C ILE B 84 8.50 -16.95 7.14
N ARG B 85 8.88 -15.95 6.36
CA ARG B 85 10.28 -15.64 6.11
C ARG B 85 10.54 -14.20 6.47
N GLY B 86 11.72 -13.93 7.05
CA GLY B 86 12.08 -12.64 7.60
C GLY B 86 11.68 -11.42 6.80
N ASP B 87 11.87 -11.46 5.48
CA ASP B 87 11.47 -10.34 4.62
C ASP B 87 9.96 -10.15 4.57
N GLU B 88 9.19 -11.15 4.99
CA GLU B 88 7.75 -11.15 4.79
C GLU B 88 6.98 -10.85 6.06
N VAL B 89 7.66 -10.72 7.21
CA VAL B 89 6.99 -10.33 8.45
C VAL B 89 6.34 -8.97 8.29
N ARG B 90 6.98 -8.07 7.54
CA ARG B 90 6.45 -6.73 7.29
C ARG B 90 5.09 -6.77 6.61
N GLN B 91 4.70 -7.90 6.02
CA GLN B 91 3.41 -8.01 5.34
C GLN B 91 2.26 -8.39 6.27
N ILE B 92 2.56 -8.87 7.48
CA ILE B 92 1.52 -9.16 8.47
C ILE B 92 1.19 -7.86 9.19
N ALA B 93 0.52 -6.96 8.46
CA ALA B 93 0.14 -5.66 8.97
C ALA B 93 -0.97 -5.12 8.08
N PRO B 94 -1.84 -4.25 8.59
CA PRO B 94 -2.96 -3.76 7.78
C PRO B 94 -2.48 -2.98 6.57
N GLY B 95 -3.19 -3.16 5.46
CA GLY B 95 -2.86 -2.48 4.23
C GLY B 95 -1.47 -2.81 3.71
N GLN B 96 -1.20 -4.10 3.54
CA GLN B 96 0.09 -4.56 3.02
C GLN B 96 -0.13 -5.41 1.79
N THR B 97 0.92 -5.50 0.97
CA THR B 97 0.89 -6.26 -0.26
C THR B 97 2.05 -7.25 -0.27
N GLY B 98 2.00 -8.18 -1.21
CA GLY B 98 3.00 -9.22 -1.34
C GLY B 98 2.37 -10.58 -1.36
N LYS B 99 3.21 -11.59 -1.57
CA LYS B 99 2.73 -12.95 -1.74
C LYS B 99 2.06 -13.47 -0.47
N ILE B 100 2.61 -13.12 0.69
CA ILE B 100 2.03 -13.56 1.96
C ILE B 100 0.78 -12.75 2.28
N ALA B 101 0.87 -11.43 2.16
CA ALA B 101 -0.27 -10.59 2.48
C ALA B 101 -1.43 -10.83 1.54
N ASP B 102 -1.16 -11.03 0.26
CA ASP B 102 -2.23 -11.17 -0.72
C ASP B 102 -2.78 -12.58 -0.78
N TYR B 103 -1.90 -13.59 -0.80
CA TYR B 103 -2.30 -14.94 -1.15
C TYR B 103 -2.30 -15.94 0.01
N ASN B 104 -1.84 -15.55 1.19
CA ASN B 104 -1.75 -16.48 2.30
C ASN B 104 -2.53 -16.00 3.52
N TYR B 105 -2.20 -14.83 4.07
CA TYR B 105 -2.82 -14.32 5.28
C TYR B 105 -2.92 -12.81 5.20
N LYS B 106 -4.14 -12.30 5.33
CA LYS B 106 -4.40 -10.87 5.21
C LYS B 106 -5.12 -10.38 6.45
N LEU B 107 -4.68 -9.24 6.97
CA LEU B 107 -5.37 -8.57 8.06
C LEU B 107 -6.29 -7.48 7.50
N PRO B 108 -7.45 -7.26 8.11
CA PRO B 108 -8.32 -6.18 7.65
C PRO B 108 -7.73 -4.82 8.01
N ASP B 109 -8.16 -3.81 7.26
CA ASP B 109 -7.67 -2.46 7.51
C ASP B 109 -8.04 -1.98 8.90
N ASP B 110 -9.16 -2.46 9.44
CA ASP B 110 -9.60 -2.05 10.77
C ASP B 110 -9.06 -2.98 11.83
N PHE B 111 -7.87 -3.55 11.59
CA PHE B 111 -7.29 -4.51 12.51
C PHE B 111 -7.01 -3.84 13.86
N THR B 112 -7.38 -4.53 14.93
CA THR B 112 -7.27 -4.01 16.29
C THR B 112 -6.66 -5.09 17.20
N GLY B 113 -5.46 -5.51 16.87
CA GLY B 113 -4.78 -6.57 17.60
C GLY B 113 -3.29 -6.38 17.62
N CYS B 114 -2.56 -7.48 17.78
CA CYS B 114 -1.11 -7.46 17.90
C CYS B 114 -0.51 -8.57 17.06
N VAL B 115 0.70 -8.31 16.56
CA VAL B 115 1.48 -9.29 15.82
C VAL B 115 2.80 -9.50 16.55
N ILE B 116 3.22 -10.76 16.68
CA ILE B 116 4.41 -11.12 17.44
C ILE B 116 5.24 -12.11 16.61
N ALA B 117 6.57 -11.94 16.65
CA ALA B 117 7.46 -12.77 15.86
C ALA B 117 8.83 -12.84 16.51
N TRP B 118 9.58 -13.89 16.17
CA TRP B 118 10.93 -14.09 16.67
C TRP B 118 11.66 -15.02 15.71
N ASN B 119 12.97 -14.85 15.63
CA ASN B 119 13.79 -15.72 14.78
C ASN B 119 13.72 -17.16 15.29
N SER B 120 13.50 -18.09 14.36
CA SER B 120 13.33 -19.49 14.71
C SER B 120 14.22 -20.38 13.86
N ASN B 121 15.36 -19.85 13.40
CA ASN B 121 16.28 -20.63 12.60
C ASN B 121 16.80 -21.85 13.36
N ASN B 122 16.84 -21.76 14.69
CA ASN B 122 17.30 -22.88 15.50
C ASN B 122 16.33 -24.06 15.43
N LEU B 123 15.03 -23.78 15.34
CA LEU B 123 14.01 -24.81 15.47
C LEU B 123 13.48 -25.34 14.14
N ASP B 124 13.56 -24.55 13.07
CA ASP B 124 12.75 -24.80 11.88
C ASP B 124 13.55 -24.94 10.59
N SER B 125 14.87 -25.09 10.66
CA SER B 125 15.71 -25.21 9.46
C SER B 125 16.61 -26.42 9.58
N LYS B 126 16.56 -27.29 8.57
CA LYS B 126 17.36 -28.50 8.51
C LYS B 126 18.56 -28.27 7.58
N VAL B 127 19.65 -28.98 7.87
CA VAL B 127 20.92 -28.71 7.20
C VAL B 127 20.81 -28.93 5.70
N GLY B 128 20.29 -30.09 5.30
CA GLY B 128 20.04 -30.31 3.88
C GLY B 128 18.97 -29.39 3.31
N GLY B 129 18.02 -28.98 4.16
CA GLY B 129 16.90 -28.18 3.72
C GLY B 129 15.60 -28.66 4.34
N ASN B 130 14.87 -27.77 4.98
CA ASN B 130 13.63 -28.13 5.67
C ASN B 130 12.48 -27.60 4.82
N TYR B 131 12.07 -28.40 3.83
CA TYR B 131 11.01 -28.04 2.90
C TYR B 131 9.63 -28.36 3.45
N ASN B 132 9.51 -28.47 4.78
CA ASN B 132 8.23 -28.79 5.39
C ASN B 132 7.26 -27.63 5.32
N TYR B 133 7.77 -26.40 5.38
CA TYR B 133 6.94 -25.21 5.42
C TYR B 133 6.69 -24.72 3.99
N LEU B 134 5.43 -24.38 3.71
CA LEU B 134 5.01 -24.05 2.36
C LEU B 134 4.25 -22.72 2.35
N TYR B 135 4.23 -22.08 1.18
CA TYR B 135 3.46 -20.87 0.97
C TYR B 135 2.75 -20.96 -0.37
N ARG B 136 1.65 -20.20 -0.49
CA ARG B 136 0.91 -20.13 -1.74
C ARG B 136 1.54 -19.09 -2.65
N LEU B 137 1.77 -19.48 -3.90
CA LEU B 137 2.47 -18.63 -4.86
C LEU B 137 1.60 -18.20 -6.04
N PHE B 138 0.63 -19.01 -6.44
CA PHE B 138 -0.18 -18.72 -7.63
C PHE B 138 -1.66 -18.77 -7.25
N ARG B 139 -2.32 -17.61 -7.29
CA ARG B 139 -3.75 -17.53 -7.07
C ARG B 139 -4.34 -16.48 -8.00
N LYS B 140 -5.65 -16.61 -8.25
CA LYS B 140 -6.35 -15.76 -9.21
C LYS B 140 -6.81 -14.43 -8.62
N SER B 141 -6.82 -14.29 -7.29
CA SER B 141 -7.26 -13.07 -6.64
C SER B 141 -6.84 -13.11 -5.18
N ASN B 142 -6.70 -11.92 -4.58
CA ASN B 142 -6.28 -11.83 -3.19
C ASN B 142 -7.28 -12.52 -2.26
N LEU B 143 -6.85 -12.72 -1.01
CA LEU B 143 -7.66 -13.32 0.03
C LEU B 143 -8.39 -12.24 0.82
N LYS B 144 -9.64 -12.53 1.17
CA LYS B 144 -10.36 -11.69 2.09
C LYS B 144 -9.64 -11.64 3.44
N PRO B 145 -9.96 -10.65 4.29
CA PRO B 145 -9.39 -10.63 5.64
C PRO B 145 -9.75 -11.89 6.41
N PHE B 146 -8.71 -12.53 6.97
CA PHE B 146 -8.84 -13.78 7.73
C PHE B 146 -9.37 -14.93 6.89
N GLU B 147 -9.14 -14.90 5.57
CA GLU B 147 -9.51 -16.05 4.76
C GLU B 147 -8.41 -17.11 4.84
N ARG B 148 -8.81 -18.36 4.63
CA ARG B 148 -7.87 -19.49 4.61
C ARG B 148 -8.14 -20.32 3.37
N ASP B 149 -7.12 -20.47 2.53
CA ASP B 149 -7.21 -21.25 1.31
C ASP B 149 -6.27 -22.46 1.43
N ILE B 150 -6.86 -23.65 1.52
CA ILE B 150 -6.10 -24.90 1.51
C ILE B 150 -6.17 -25.61 0.16
N SER B 151 -6.80 -24.99 -0.83
CA SER B 151 -7.01 -25.64 -2.12
C SER B 151 -5.67 -25.93 -2.80
N THR B 152 -5.53 -27.15 -3.31
CA THR B 152 -4.34 -27.58 -4.02
C THR B 152 -4.66 -27.89 -5.47
N GLU B 153 -5.71 -27.27 -6.00
CA GLU B 153 -6.07 -27.44 -7.41
C GLU B 153 -5.00 -26.82 -8.29
N ILE B 154 -4.68 -27.51 -9.39
CA ILE B 154 -3.66 -27.02 -10.30
C ILE B 154 -4.05 -25.65 -10.83
N TYR B 155 -3.11 -24.70 -10.77
CA TYR B 155 -3.41 -23.33 -11.16
C TYR B 155 -3.36 -23.19 -12.68
N GLN B 156 -4.38 -22.52 -13.22
CA GLN B 156 -4.57 -22.39 -14.67
C GLN B 156 -4.18 -20.97 -15.08
N ALA B 157 -3.06 -20.85 -15.79
CA ALA B 157 -2.58 -19.58 -16.30
C ALA B 157 -2.90 -19.37 -17.76
N GLY B 158 -3.25 -20.42 -18.50
CA GLY B 158 -3.63 -20.30 -19.89
C GLY B 158 -5.13 -20.49 -20.07
N SER B 159 -5.60 -20.15 -21.27
CA SER B 159 -6.99 -20.39 -21.62
C SER B 159 -7.31 -21.88 -21.60
N THR B 160 -6.34 -22.72 -21.92
CA THR B 160 -6.57 -24.16 -21.88
C THR B 160 -6.57 -24.64 -20.44
N PRO B 161 -7.57 -25.43 -20.02
CA PRO B 161 -7.66 -25.85 -18.62
C PRO B 161 -6.72 -27.01 -18.32
N CYS B 162 -6.47 -27.18 -17.02
CA CYS B 162 -5.42 -28.06 -16.52
C CYS B 162 -5.88 -29.49 -16.29
N ASN B 163 -6.99 -29.67 -15.56
CA ASN B 163 -7.50 -31.00 -15.20
C ASN B 163 -6.46 -31.81 -14.45
N GLY B 164 -5.94 -31.20 -13.37
CA GLY B 164 -5.03 -31.87 -12.47
C GLY B 164 -3.82 -32.50 -13.13
N VAL B 165 -3.20 -31.76 -14.06
CA VAL B 165 -2.02 -32.23 -14.79
C VAL B 165 -1.08 -31.04 -14.96
N GLU B 166 0.10 -31.10 -14.34
CA GLU B 166 1.06 -30.01 -14.48
C GLU B 166 1.59 -29.92 -15.90
N GLY B 167 2.29 -28.84 -16.18
CA GLY B 167 2.92 -28.59 -17.46
C GLY B 167 3.00 -27.10 -17.73
N PHE B 168 2.93 -26.75 -19.02
CA PHE B 168 2.92 -25.36 -19.42
C PHE B 168 1.55 -24.76 -19.10
N ASN B 169 1.55 -23.58 -18.46
CA ASN B 169 0.34 -22.85 -18.07
C ASN B 169 -0.50 -23.61 -17.03
N CYS B 170 0.12 -24.56 -16.31
CA CYS B 170 -0.58 -25.39 -15.33
C CYS B 170 0.44 -25.80 -14.25
N TYR B 171 0.46 -25.05 -13.16
CA TYR B 171 1.46 -25.20 -12.13
C TYR B 171 0.82 -25.47 -10.77
N PHE B 172 1.61 -26.09 -9.90
CA PHE B 172 1.19 -26.32 -8.54
C PHE B 172 1.18 -24.99 -7.80
N PRO B 173 0.04 -24.57 -7.23
CA PRO B 173 -0.03 -23.23 -6.61
C PRO B 173 0.79 -23.08 -5.34
N LEU B 174 1.51 -24.10 -4.90
CA LEU B 174 2.26 -24.04 -3.65
C LEU B 174 3.73 -24.32 -3.90
N GLN B 175 4.59 -23.52 -3.28
CA GLN B 175 6.02 -23.78 -3.20
C GLN B 175 6.43 -23.99 -1.76
N SER B 176 7.67 -24.43 -1.58
CA SER B 176 8.22 -24.71 -0.27
C SER B 176 9.26 -23.64 0.08
N TYR B 177 9.24 -23.20 1.33
CA TYR B 177 10.37 -22.42 1.84
C TYR B 177 11.63 -23.27 1.91
N GLY B 178 12.73 -22.72 1.41
CA GLY B 178 14.03 -23.37 1.55
C GLY B 178 14.80 -22.78 2.72
N PHE B 179 14.66 -23.39 3.90
CA PHE B 179 15.23 -22.86 5.14
C PHE B 179 16.50 -23.64 5.45
N GLN B 180 17.65 -23.04 5.18
CA GLN B 180 18.88 -23.64 5.65
C GLN B 180 19.51 -22.76 6.72
N PRO B 181 20.25 -23.33 7.67
CA PRO B 181 20.86 -22.50 8.72
C PRO B 181 21.85 -21.48 8.18
N THR B 182 22.42 -21.71 7.01
CA THR B 182 23.32 -20.78 6.37
C THR B 182 22.59 -19.74 5.53
N ASN B 183 21.27 -19.75 5.54
CA ASN B 183 20.50 -18.75 4.79
C ASN B 183 20.76 -17.35 5.33
N GLY B 184 20.50 -16.35 4.49
CA GLY B 184 20.50 -14.99 4.96
C GLY B 184 19.41 -14.75 5.98
N VAL B 185 19.65 -13.77 6.85
CA VAL B 185 18.72 -13.51 7.96
C VAL B 185 17.33 -13.20 7.43
N GLY B 186 17.25 -12.43 6.35
CA GLY B 186 15.95 -12.18 5.73
C GLY B 186 15.32 -13.43 5.18
N TYR B 187 16.13 -14.42 4.82
CA TYR B 187 15.66 -15.66 4.23
C TYR B 187 15.47 -16.77 5.26
N GLN B 188 15.61 -16.46 6.55
CA GLN B 188 15.45 -17.41 7.63
C GLN B 188 13.98 -17.54 8.02
N PRO B 189 13.62 -18.58 8.79
CA PRO B 189 12.21 -18.73 9.22
C PRO B 189 11.88 -18.00 10.52
N TYR B 190 10.77 -17.28 10.53
CA TYR B 190 10.34 -16.51 11.70
C TYR B 190 8.95 -16.99 12.12
N ARG B 191 8.85 -17.46 13.36
CA ARG B 191 7.57 -17.89 13.92
C ARG B 191 6.73 -16.66 14.25
N VAL B 192 5.52 -16.60 13.72
CA VAL B 192 4.64 -15.45 13.85
C VAL B 192 3.39 -15.86 14.60
N VAL B 193 2.90 -14.96 15.46
CA VAL B 193 1.65 -15.15 16.18
C VAL B 193 0.85 -13.84 16.09
N VAL B 194 -0.46 -13.95 15.86
CA VAL B 194 -1.35 -12.80 15.72
C VAL B 194 -2.48 -12.95 16.72
N LEU B 195 -2.78 -11.87 17.45
CA LEU B 195 -3.85 -11.86 18.45
C LEU B 195 -4.93 -10.89 18.02
N SER B 196 -6.07 -11.41 17.57
CA SER B 196 -7.21 -10.59 17.20
C SER B 196 -8.09 -10.31 18.40
N PHE B 197 -8.72 -9.14 18.42
CA PHE B 197 -9.54 -8.71 19.55
C PHE B 197 -10.94 -8.38 19.07
N GLU B 198 -11.93 -8.87 19.81
CA GLU B 198 -13.32 -8.81 19.37
C GLU B 198 -14.26 -8.46 20.51
N ALA B 202 -21.79 -8.47 22.99
CA ALA B 202 -21.78 -9.70 23.75
C ALA B 202 -20.90 -9.56 24.99
N PRO B 203 -21.23 -10.30 26.06
CA PRO B 203 -20.38 -10.27 27.26
C PRO B 203 -18.97 -10.79 26.97
N ALA B 204 -18.06 -10.49 27.90
CA ALA B 204 -16.64 -10.74 27.72
C ALA B 204 -16.17 -11.89 28.60
N THR B 205 -15.19 -12.65 28.10
CA THR B 205 -14.66 -13.80 28.81
C THR B 205 -13.15 -13.83 28.92
N VAL B 206 -12.44 -12.86 28.35
CA VAL B 206 -10.98 -12.82 28.36
C VAL B 206 -10.56 -11.48 28.95
N CYS B 207 -9.93 -11.51 30.12
CA CYS B 207 -9.63 -10.29 30.87
C CYS B 207 -8.27 -10.43 31.54
N GLY B 208 -7.98 -9.52 32.47
CA GLY B 208 -6.72 -9.51 33.20
C GLY B 208 -6.82 -8.95 34.61
N GLU C 1 18.28 -2.78 -0.84
CA GLU C 1 17.78 -3.63 -1.90
C GLU C 1 18.85 -4.62 -2.34
N ILE C 2 18.52 -5.48 -3.28
CA ILE C 2 19.48 -6.40 -3.87
C ILE C 2 20.09 -5.75 -5.10
N VAL C 3 21.41 -5.89 -5.24
CA VAL C 3 22.16 -5.34 -6.37
C VAL C 3 23.08 -6.43 -6.90
N LEU C 4 23.08 -6.61 -8.22
CA LEU C 4 23.78 -7.71 -8.86
C LEU C 4 24.98 -7.21 -9.65
N THR C 5 26.11 -7.89 -9.49
CA THR C 5 27.39 -7.45 -10.07
C THR C 5 27.98 -8.59 -10.91
N GLN C 6 27.82 -8.49 -12.23
CA GLN C 6 28.40 -9.49 -13.12
C GLN C 6 29.87 -9.20 -13.39
N SER C 7 30.66 -10.28 -13.50
CA SER C 7 32.07 -10.21 -13.81
C SER C 7 32.41 -11.40 -14.70
N PRO C 8 33.27 -11.21 -15.70
CA PRO C 8 33.80 -9.90 -16.09
C PRO C 8 32.80 -9.15 -16.97
N GLY C 9 33.04 -7.87 -17.21
CA GLY C 9 32.16 -7.12 -18.09
C GLY C 9 32.18 -7.62 -19.52
N THR C 10 33.32 -8.15 -19.95
CA THR C 10 33.52 -8.58 -21.33
C THR C 10 34.43 -9.80 -21.32
N LEU C 11 33.89 -10.96 -21.69
CA LEU C 11 34.60 -12.23 -21.65
C LEU C 11 34.87 -12.72 -23.07
N SER C 12 36.15 -12.93 -23.39
CA SER C 12 36.59 -13.25 -24.75
C SER C 12 37.11 -14.68 -24.79
N LEU C 13 36.47 -15.52 -25.61
CA LEU C 13 36.89 -16.91 -25.77
C LEU C 13 36.53 -17.39 -27.17
N SER C 14 37.30 -18.39 -27.64
CA SER C 14 37.09 -18.97 -28.96
C SER C 14 36.02 -20.04 -28.92
N PRO C 15 35.45 -20.37 -30.08
CA PRO C 15 34.47 -21.47 -30.12
C PRO C 15 35.08 -22.76 -29.58
N GLY C 16 34.28 -23.49 -28.80
CA GLY C 16 34.71 -24.75 -28.22
C GLY C 16 35.04 -24.63 -26.75
N GLU C 17 35.74 -23.55 -26.39
CA GLU C 17 36.21 -23.38 -25.03
C GLU C 17 35.03 -23.19 -24.06
N ARG C 18 35.34 -23.23 -22.77
CA ARG C 18 34.33 -23.24 -21.71
C ARG C 18 34.19 -21.85 -21.11
N ALA C 19 32.94 -21.40 -20.99
CA ALA C 19 32.64 -20.05 -20.51
C ALA C 19 32.15 -20.10 -19.08
N THR C 20 32.70 -19.23 -18.23
CA THR C 20 32.36 -19.14 -16.81
C THR C 20 31.97 -17.69 -16.52
N LEU C 21 30.67 -17.41 -16.57
CA LEU C 21 30.15 -16.08 -16.27
C LEU C 21 29.79 -16.01 -14.80
N SER C 22 30.11 -14.86 -14.18
CA SER C 22 29.93 -14.68 -12.75
C SER C 22 28.86 -13.61 -12.48
N CYS C 23 28.04 -13.88 -11.47
CA CYS C 23 27.03 -12.97 -10.97
C CYS C 23 27.20 -12.87 -9.46
N ARG C 24 27.25 -11.64 -8.94
CA ARG C 24 27.54 -11.42 -7.53
C ARG C 24 26.41 -10.60 -6.92
N ALA C 25 25.88 -11.07 -5.80
CA ALA C 25 24.79 -10.40 -5.10
C ALA C 25 25.31 -9.64 -3.90
N SER C 26 24.73 -8.45 -3.65
CA SER C 26 25.21 -7.55 -2.61
C SER C 26 24.94 -8.07 -1.20
N GLN C 27 24.17 -9.14 -1.04
CA GLN C 27 23.83 -9.67 0.27
C GLN C 27 23.38 -11.11 0.10
N SER C 28 23.13 -11.77 1.23
CA SER C 28 22.75 -13.18 1.19
C SER C 28 21.39 -13.34 0.51
N VAL C 29 21.29 -14.38 -0.31
CA VAL C 29 20.19 -14.50 -1.27
C VAL C 29 19.80 -15.96 -1.44
N SER C 30 18.50 -16.19 -1.62
CA SER C 30 17.96 -17.53 -1.79
C SER C 30 18.24 -18.07 -3.19
N SER C 31 18.74 -19.30 -3.25
CA SER C 31 19.02 -19.93 -4.53
C SER C 31 17.76 -20.26 -5.32
N SER C 32 16.58 -19.94 -4.79
CA SER C 32 15.33 -20.35 -5.42
C SER C 32 14.73 -19.29 -6.34
N TYR C 33 15.36 -18.11 -6.46
CA TYR C 33 14.82 -17.03 -7.28
C TYR C 33 15.80 -16.51 -8.33
N LEU C 34 16.88 -17.24 -8.63
CA LEU C 34 17.98 -16.69 -9.41
C LEU C 34 17.98 -17.29 -10.82
N ALA C 35 17.72 -16.47 -11.82
CA ALA C 35 17.58 -16.92 -13.19
C ALA C 35 18.67 -16.31 -14.08
N TRP C 36 18.92 -16.98 -15.20
CA TRP C 36 19.85 -16.52 -16.22
C TRP C 36 19.10 -16.35 -17.54
N TYR C 37 19.45 -15.29 -18.29
CA TYR C 37 18.81 -14.99 -19.56
C TYR C 37 19.85 -14.72 -20.64
N GLN C 38 19.48 -15.00 -21.88
CA GLN C 38 20.33 -14.79 -23.05
C GLN C 38 19.68 -13.79 -24.00
N GLN C 39 20.46 -12.84 -24.49
CA GLN C 39 19.97 -11.81 -25.40
C GLN C 39 20.92 -11.68 -26.59
N LYS C 40 20.48 -12.17 -27.74
CA LYS C 40 21.21 -11.98 -28.98
C LYS C 40 20.90 -10.59 -29.55
N PRO C 41 21.85 -10.00 -30.30
CA PRO C 41 21.69 -8.60 -30.75
C PRO C 41 20.39 -8.31 -31.46
N GLY C 42 19.49 -7.60 -30.79
CA GLY C 42 18.20 -7.26 -31.37
C GLY C 42 17.08 -8.25 -31.12
N GLN C 43 17.21 -9.13 -30.14
CA GLN C 43 16.17 -10.10 -29.81
C GLN C 43 15.77 -9.97 -28.35
N ALA C 44 14.53 -10.35 -28.05
CA ALA C 44 14.08 -10.37 -26.66
C ALA C 44 14.83 -11.45 -25.89
N PRO C 45 15.01 -11.26 -24.58
CA PRO C 45 15.78 -12.24 -23.81
C PRO C 45 15.12 -13.62 -23.81
N ARG C 46 15.95 -14.63 -23.56
CA ARG C 46 15.53 -16.02 -23.50
C ARG C 46 15.85 -16.59 -22.13
N LEU C 47 14.86 -17.19 -21.47
CA LEU C 47 15.12 -17.83 -20.19
C LEU C 47 15.96 -19.08 -20.40
N LEU C 48 17.11 -19.13 -19.72
CA LEU C 48 18.02 -20.26 -19.81
C LEU C 48 17.95 -21.13 -18.55
N ILE C 49 18.19 -20.53 -17.39
CA ILE C 49 18.22 -21.23 -16.11
C ILE C 49 17.26 -20.52 -15.17
N TYR C 50 16.52 -21.30 -14.38
CA TYR C 50 15.70 -20.76 -13.30
C TYR C 50 16.01 -21.51 -12.00
N GLY C 51 15.43 -21.01 -10.91
CA GLY C 51 15.82 -21.46 -9.59
C GLY C 51 17.27 -21.15 -9.31
N ALA C 52 18.13 -22.14 -9.49
CA ALA C 52 19.58 -21.92 -9.49
C ALA C 52 20.34 -22.86 -10.42
N SER C 53 19.81 -24.04 -10.72
CA SER C 53 20.54 -25.04 -11.50
C SER C 53 19.63 -25.84 -12.42
N SER C 54 18.47 -25.30 -12.79
CA SER C 54 17.46 -26.04 -13.54
C SER C 54 17.37 -25.48 -14.95
N ARG C 55 17.59 -26.34 -15.94
CA ARG C 55 17.47 -25.94 -17.33
C ARG C 55 16.00 -25.73 -17.68
N ALA C 56 15.66 -24.54 -18.16
CA ALA C 56 14.36 -24.35 -18.79
C ALA C 56 14.29 -25.19 -20.05
N THR C 57 13.08 -25.62 -20.40
CA THR C 57 12.92 -26.50 -21.55
C THR C 57 13.39 -25.82 -22.82
N GLY C 58 13.93 -26.62 -23.75
CA GLY C 58 14.51 -26.11 -24.97
C GLY C 58 15.94 -25.67 -24.87
N ILE C 59 16.51 -25.66 -23.67
CA ILE C 59 17.88 -25.20 -23.43
C ILE C 59 18.77 -26.43 -23.40
N PRO C 60 19.84 -26.49 -24.19
CA PRO C 60 20.61 -27.73 -24.34
C PRO C 60 21.39 -28.08 -23.07
N ASP C 61 21.99 -29.27 -23.13
CA ASP C 61 22.79 -29.74 -22.00
C ASP C 61 24.00 -28.85 -21.76
N ARG C 62 24.53 -28.22 -22.80
CA ARG C 62 25.76 -27.46 -22.65
C ARG C 62 25.63 -26.33 -21.63
N PHE C 63 24.41 -25.89 -21.34
CA PHE C 63 24.16 -24.90 -20.30
C PHE C 63 23.93 -25.60 -18.97
N SER C 64 24.41 -24.96 -17.90
CA SER C 64 24.35 -25.56 -16.56
C SER C 64 24.63 -24.51 -15.48
N GLY C 65 23.71 -24.38 -14.52
CA GLY C 65 23.84 -23.40 -13.46
C GLY C 65 24.33 -23.99 -12.15
N SER C 66 24.71 -23.11 -11.24
CA SER C 66 25.32 -23.50 -9.97
C SER C 66 25.31 -22.30 -9.05
N GLY C 67 25.80 -22.50 -7.83
CA GLY C 67 26.03 -21.42 -6.89
C GLY C 67 25.07 -21.45 -5.72
N SER C 68 25.39 -20.64 -4.72
CA SER C 68 24.54 -20.46 -3.54
C SER C 68 25.09 -19.29 -2.74
N GLY C 69 24.23 -18.74 -1.88
CA GLY C 69 24.64 -17.69 -0.96
C GLY C 69 24.73 -16.31 -1.59
N THR C 70 25.93 -15.94 -2.05
CA THR C 70 26.15 -14.64 -2.69
C THR C 70 26.88 -14.73 -4.03
N ASP C 71 27.47 -15.87 -4.37
CA ASP C 71 28.12 -16.07 -5.67
C ASP C 71 27.43 -17.20 -6.43
N PHE C 72 27.19 -16.95 -7.71
CA PHE C 72 26.57 -17.92 -8.61
C PHE C 72 27.25 -17.81 -9.97
N THR C 73 27.27 -18.92 -10.70
CA THR C 73 27.99 -18.98 -11.98
C THR C 73 27.18 -19.70 -13.03
N LEU C 74 26.98 -19.05 -14.18
CA LEU C 74 26.49 -19.72 -15.37
C LEU C 74 27.67 -20.34 -16.12
N THR C 75 27.46 -21.54 -16.63
CA THR C 75 28.54 -22.33 -17.23
C THR C 75 28.09 -22.88 -18.56
N ILE C 76 28.81 -22.52 -19.62
CA ILE C 76 28.58 -23.06 -20.95
C ILE C 76 29.72 -24.02 -21.23
N SER C 77 29.42 -25.33 -21.16
CA SER C 77 30.44 -26.36 -21.21
C SER C 77 31.29 -26.24 -22.47
N ARG C 78 30.65 -26.26 -23.64
CA ARG C 78 31.34 -26.16 -24.92
C ARG C 78 30.63 -25.11 -25.76
N LEU C 79 31.31 -23.99 -26.00
CA LEU C 79 30.71 -22.88 -26.72
C LEU C 79 30.40 -23.26 -28.16
N GLU C 80 29.37 -22.62 -28.71
CA GLU C 80 28.96 -22.74 -30.11
C GLU C 80 28.81 -21.35 -30.68
N PRO C 81 28.72 -21.22 -32.02
CA PRO C 81 28.61 -19.88 -32.61
C PRO C 81 27.42 -19.06 -32.13
N GLU C 82 26.25 -19.68 -31.98
CA GLU C 82 25.05 -18.93 -31.58
C GLU C 82 25.02 -18.58 -30.10
N ASP C 83 26.09 -18.88 -29.36
CA ASP C 83 26.15 -18.58 -27.93
C ASP C 83 26.88 -17.27 -27.66
N PHE C 84 27.26 -16.53 -28.70
CA PHE C 84 27.97 -15.26 -28.55
C PHE C 84 26.94 -14.15 -28.45
N ALA C 85 26.56 -13.82 -27.23
CA ALA C 85 25.56 -12.78 -26.97
C ALA C 85 25.79 -12.22 -25.57
N VAL C 86 24.87 -11.37 -25.11
CA VAL C 86 24.95 -10.78 -23.78
C VAL C 86 24.11 -11.63 -22.83
N TYR C 87 24.58 -11.78 -21.60
CA TYR C 87 23.94 -12.66 -20.61
C TYR C 87 23.69 -11.89 -19.33
N TYR C 88 22.44 -11.87 -18.88
CA TYR C 88 22.03 -11.16 -17.68
C TYR C 88 21.56 -12.16 -16.62
N CYS C 89 21.64 -11.74 -15.35
CA CYS C 89 21.18 -12.55 -14.23
C CYS C 89 20.15 -11.77 -13.42
N GLN C 90 19.19 -12.50 -12.85
CA GLN C 90 18.07 -11.91 -12.12
C GLN C 90 18.01 -12.40 -10.68
N GLN C 91 17.69 -11.49 -9.78
CA GLN C 91 17.31 -11.83 -8.42
C GLN C 91 16.10 -10.97 -8.04
N TYR C 92 15.49 -11.26 -6.89
CA TYR C 92 14.10 -10.86 -6.71
C TYR C 92 13.68 -10.97 -5.25
N GLY C 93 13.40 -9.83 -4.61
CA GLY C 93 12.91 -9.82 -3.25
C GLY C 93 11.46 -9.42 -3.17
N SER C 94 11.20 -8.12 -3.03
CA SER C 94 9.85 -7.61 -3.22
C SER C 94 9.54 -7.37 -4.68
N SER C 95 10.55 -7.37 -5.54
CA SER C 95 10.44 -6.96 -6.93
C SER C 95 11.74 -7.31 -7.65
N PRO C 96 11.69 -7.50 -8.98
CA PRO C 96 12.88 -7.99 -9.69
C PRO C 96 13.95 -6.92 -9.79
N THR C 97 15.20 -7.37 -9.78
CA THR C 97 16.35 -6.55 -10.14
C THR C 97 17.28 -7.38 -11.00
N PHE C 98 18.00 -6.73 -11.90
CA PHE C 98 18.87 -7.42 -12.85
C PHE C 98 20.33 -7.03 -12.63
N GLY C 99 21.21 -7.71 -13.39
CA GLY C 99 22.61 -7.37 -13.43
C GLY C 99 22.94 -6.46 -14.61
N GLN C 100 24.20 -6.01 -14.64
CA GLN C 100 24.66 -5.08 -15.67
C GLN C 100 24.86 -5.75 -17.02
N GLY C 101 25.02 -7.07 -17.05
CA GLY C 101 25.21 -7.78 -18.31
C GLY C 101 26.65 -8.09 -18.64
N THR C 102 26.89 -9.32 -19.11
CA THR C 102 28.21 -9.75 -19.55
C THR C 102 28.15 -10.00 -21.05
N LYS C 103 29.02 -9.33 -21.80
CA LYS C 103 29.13 -9.56 -23.23
C LYS C 103 30.12 -10.70 -23.46
N LEU C 104 29.72 -11.66 -24.30
CA LEU C 104 30.56 -12.81 -24.64
C LEU C 104 30.80 -12.76 -26.14
N GLU C 105 32.05 -12.55 -26.55
CA GLU C 105 32.41 -12.38 -27.95
C GLU C 105 33.52 -13.34 -28.32
N ILE C 106 33.78 -13.41 -29.64
CA ILE C 106 34.76 -14.33 -30.20
C ILE C 106 36.16 -13.80 -29.92
N LYS C 107 37.07 -14.71 -29.55
CA LYS C 107 38.48 -14.37 -29.33
C LYS C 107 39.26 -14.83 -30.56
N ARG C 108 39.80 -13.88 -31.30
CA ARG C 108 40.48 -14.12 -32.56
C ARG C 108 41.98 -13.85 -32.42
N THR C 109 42.62 -13.47 -33.52
CA THR C 109 44.06 -13.24 -33.54
C THR C 109 44.42 -11.96 -32.82
N VAL C 110 45.37 -11.20 -33.37
CA VAL C 110 45.74 -9.89 -32.85
C VAL C 110 45.89 -8.92 -34.01
N ALA C 111 44.94 -8.96 -34.95
CA ALA C 111 45.05 -8.14 -36.15
C ALA C 111 45.07 -6.66 -35.81
N ALA C 112 46.02 -5.90 -36.45
CA ALA C 112 46.32 -4.48 -36.27
C ALA C 112 45.37 -3.61 -37.09
N PRO C 113 45.06 -2.41 -36.59
CA PRO C 113 44.14 -1.54 -37.33
C PRO C 113 44.81 -0.92 -38.56
N SER C 114 43.95 -0.38 -39.43
CA SER C 114 44.38 0.40 -40.58
C SER C 114 43.74 1.78 -40.46
N VAL C 115 44.58 2.80 -40.28
CA VAL C 115 44.11 4.12 -39.89
C VAL C 115 43.95 5.00 -41.11
N PHE C 116 42.92 5.85 -41.07
CA PHE C 116 42.67 6.86 -42.10
C PHE C 116 42.06 8.08 -41.41
N ILE C 117 42.42 9.27 -41.89
CA ILE C 117 41.90 10.52 -41.33
C ILE C 117 41.26 11.32 -42.46
N PHE C 118 40.17 12.02 -42.15
CA PHE C 118 39.41 12.73 -43.16
C PHE C 118 39.19 14.18 -42.73
N PRO C 119 39.53 15.14 -43.57
CA PRO C 119 39.29 16.54 -43.23
C PRO C 119 37.83 16.90 -43.42
N PRO C 120 37.37 18.02 -42.87
CA PRO C 120 35.99 18.44 -43.12
C PRO C 120 35.80 18.88 -44.55
N SER C 121 34.66 18.50 -45.14
CA SER C 121 34.36 18.88 -46.51
C SER C 121 34.15 20.37 -46.63
N ASP C 122 34.38 20.89 -47.85
CA ASP C 122 34.13 22.30 -48.11
C ASP C 122 32.65 22.63 -47.97
N GLU C 123 31.77 21.65 -48.19
CA GLU C 123 30.34 21.89 -48.05
C GLU C 123 29.98 22.19 -46.60
N GLN C 124 30.53 21.42 -45.66
CA GLN C 124 30.25 21.66 -44.25
C GLN C 124 30.85 22.96 -43.76
N LEU C 125 32.01 23.35 -44.29
CA LEU C 125 32.65 24.58 -43.86
C LEU C 125 31.85 25.82 -44.27
N LYS C 126 30.90 25.66 -45.20
CA LYS C 126 29.89 26.70 -45.42
C LYS C 126 28.84 26.71 -44.33
N SER C 127 28.54 25.55 -43.74
CA SER C 127 27.52 25.49 -42.70
C SER C 127 27.99 26.15 -41.40
N GLY C 128 29.30 26.19 -41.17
CA GLY C 128 29.85 26.79 -39.96
C GLY C 128 30.28 25.81 -38.90
N THR C 129 30.40 24.53 -39.23
CA THR C 129 30.84 23.50 -38.28
C THR C 129 31.85 22.61 -38.98
N ALA C 130 32.86 22.16 -38.23
CA ALA C 130 33.93 21.34 -38.78
C ALA C 130 33.98 20.02 -38.04
N SER C 131 33.68 18.94 -38.74
CA SER C 131 33.80 17.58 -38.22
C SER C 131 34.98 16.91 -38.91
N VAL C 132 35.98 16.54 -38.13
CA VAL C 132 37.16 15.86 -38.62
C VAL C 132 37.07 14.40 -38.20
N VAL C 133 37.16 13.49 -39.18
CA VAL C 133 36.91 12.08 -38.95
C VAL C 133 38.22 11.31 -39.04
N CYS C 134 38.37 10.32 -38.17
CA CYS C 134 39.51 9.42 -38.15
C CYS C 134 38.99 7.99 -38.10
N LEU C 135 39.47 7.13 -39.01
CA LEU C 135 38.95 5.78 -39.16
C LEU C 135 39.98 4.75 -38.73
N LEU C 136 39.52 3.74 -37.99
CA LEU C 136 40.31 2.57 -37.61
C LEU C 136 39.53 1.36 -38.11
N ASN C 137 40.09 0.63 -39.08
CA ASN C 137 39.34 -0.42 -39.76
C ASN C 137 39.87 -1.80 -39.42
N ASN C 138 38.93 -2.75 -39.26
CA ASN C 138 39.18 -4.18 -39.11
C ASN C 138 40.32 -4.49 -38.17
N PHE C 139 40.05 -4.47 -36.87
CA PHE C 139 41.07 -4.68 -35.85
C PHE C 139 40.49 -5.55 -34.74
N TYR C 140 41.40 -6.21 -34.02
CA TYR C 140 41.06 -7.01 -32.85
C TYR C 140 42.30 -7.11 -31.98
N PRO C 141 42.18 -7.02 -30.65
CA PRO C 141 40.94 -6.91 -29.86
C PRO C 141 40.30 -5.52 -29.86
N ARG C 142 39.10 -5.43 -29.29
CA ARG C 142 38.27 -4.24 -29.36
C ARG C 142 38.87 -3.02 -28.66
N GLU C 143 39.95 -3.21 -27.92
CA GLU C 143 40.45 -2.21 -26.98
C GLU C 143 41.51 -1.35 -27.67
N ALA C 144 41.19 -0.07 -27.88
CA ALA C 144 42.04 0.85 -28.61
C ALA C 144 41.81 2.27 -28.09
N LYS C 145 42.75 3.16 -28.42
CA LYS C 145 42.71 4.55 -27.97
C LYS C 145 42.91 5.50 -29.15
N VAL C 146 42.04 6.50 -29.23
CA VAL C 146 42.08 7.51 -30.28
C VAL C 146 42.38 8.86 -29.62
N GLN C 147 43.39 9.55 -30.14
CA GLN C 147 43.82 10.83 -29.58
C GLN C 147 43.89 11.86 -30.70
N TRP C 148 43.21 12.99 -30.49
CA TRP C 148 43.25 14.11 -31.43
C TRP C 148 44.29 15.13 -30.97
N LYS C 149 45.22 15.47 -31.86
CA LYS C 149 46.18 16.54 -31.63
C LYS C 149 45.93 17.65 -32.64
N VAL C 150 45.41 18.78 -32.17
CA VAL C 150 45.25 19.98 -32.99
C VAL C 150 46.42 20.89 -32.64
N ASP C 151 47.41 20.95 -33.55
CA ASP C 151 48.63 21.72 -33.33
C ASP C 151 49.41 21.20 -32.13
N ASN C 152 49.42 19.87 -31.98
CA ASN C 152 50.00 19.19 -30.81
C ASN C 152 49.31 19.59 -29.51
N ALA C 153 48.02 19.89 -29.58
CA ALA C 153 47.21 20.12 -28.39
C ALA C 153 46.23 18.95 -28.27
N LEU C 154 46.34 18.21 -27.18
CA LEU C 154 45.51 17.03 -26.97
C LEU C 154 44.07 17.48 -26.71
N GLN C 155 43.16 17.08 -27.59
CA GLN C 155 41.80 17.60 -27.58
C GLN C 155 40.93 16.75 -26.67
N SER C 156 40.17 17.42 -25.81
CA SER C 156 39.41 16.78 -24.75
C SER C 156 37.99 17.34 -24.72
N GLY C 157 37.01 16.45 -24.64
CA GLY C 157 35.63 16.84 -24.47
C GLY C 157 34.93 17.34 -25.71
N ASN C 158 35.50 17.11 -26.89
CA ASN C 158 34.91 17.59 -28.14
C ASN C 158 34.87 16.51 -29.22
N SER C 159 34.95 15.24 -28.83
CA SER C 159 34.96 14.14 -29.77
C SER C 159 34.02 13.05 -29.26
N GLN C 160 33.70 12.10 -30.14
CA GLN C 160 32.79 11.02 -29.82
C GLN C 160 33.21 9.77 -30.56
N GLU C 161 32.87 8.61 -30.00
CA GLU C 161 33.25 7.32 -30.57
C GLU C 161 32.04 6.41 -30.72
N SER C 162 32.14 5.48 -31.67
CA SER C 162 31.18 4.40 -31.84
C SER C 162 31.88 3.23 -32.53
N VAL C 163 31.37 2.02 -32.30
CA VAL C 163 32.04 0.79 -32.72
C VAL C 163 30.99 -0.18 -33.28
N THR C 164 31.35 -0.87 -34.36
CA THR C 164 30.49 -1.89 -34.93
C THR C 164 30.56 -3.18 -34.12
N GLU C 165 29.52 -3.99 -34.25
CA GLU C 165 29.56 -5.33 -33.67
C GLU C 165 30.62 -6.16 -34.38
N GLN C 166 31.26 -7.05 -33.62
CA GLN C 166 32.29 -7.94 -34.15
C GLN C 166 31.84 -8.56 -35.47
N ASP C 167 32.65 -8.41 -36.50
CA ASP C 167 32.23 -8.78 -37.85
C ASP C 167 32.07 -10.30 -37.97
N SER C 168 31.06 -10.71 -38.73
CA SER C 168 30.70 -12.12 -38.84
C SER C 168 31.69 -12.92 -39.68
N LYS C 169 32.56 -12.26 -40.45
CA LYS C 169 33.47 -12.97 -41.32
C LYS C 169 34.85 -13.20 -40.70
N ASP C 170 35.45 -12.15 -40.12
CA ASP C 170 36.82 -12.23 -39.61
C ASP C 170 36.93 -11.93 -38.13
N SER C 171 35.81 -11.72 -37.42
CA SER C 171 35.82 -11.48 -35.97
C SER C 171 36.68 -10.27 -35.61
N THR C 172 36.43 -9.15 -36.29
CA THR C 172 37.16 -7.92 -36.05
C THR C 172 36.18 -6.76 -35.87
N TYR C 173 36.64 -5.74 -35.15
CA TYR C 173 35.83 -4.57 -34.86
C TYR C 173 36.27 -3.40 -35.76
N SER C 174 35.58 -2.29 -35.63
CA SER C 174 35.95 -1.07 -36.36
C SER C 174 35.39 0.12 -35.58
N LEU C 175 36.16 1.20 -35.53
CA LEU C 175 35.82 2.33 -34.68
C LEU C 175 35.82 3.64 -35.47
N SER C 176 34.95 4.56 -35.06
CA SER C 176 34.78 5.86 -35.69
C SER C 176 34.90 6.95 -34.62
N SER C 177 35.70 7.96 -34.90
CA SER C 177 35.89 9.08 -33.97
C SER C 177 35.69 10.39 -34.72
N THR C 178 34.86 11.27 -34.18
CA THR C 178 34.48 12.51 -34.84
C THR C 178 34.83 13.69 -33.95
N LEU C 179 35.66 14.59 -34.46
CA LEU C 179 36.04 15.83 -33.77
C LEU C 179 35.20 16.97 -34.33
N THR C 180 34.23 17.43 -33.53
CA THR C 180 33.36 18.53 -33.94
C THR C 180 33.90 19.84 -33.40
N LEU C 181 34.30 20.73 -34.30
CA LEU C 181 34.72 22.08 -33.97
C LEU C 181 33.87 23.08 -34.75
N SER C 182 34.02 24.34 -34.41
CA SER C 182 33.38 25.41 -35.16
C SER C 182 34.30 25.85 -36.30
N LYS C 183 33.69 26.44 -37.34
CA LYS C 183 34.47 26.89 -38.48
C LYS C 183 35.53 27.91 -38.06
N ALA C 184 35.21 28.75 -37.07
CA ALA C 184 36.19 29.71 -36.58
C ALA C 184 37.29 29.02 -35.77
N ASP C 185 36.92 28.11 -34.87
CA ASP C 185 37.92 27.40 -34.10
C ASP C 185 38.72 26.43 -34.97
N TYR C 186 38.12 25.97 -36.08
CA TYR C 186 38.86 25.12 -37.01
C TYR C 186 39.94 25.91 -37.74
N GLU C 187 39.59 27.10 -38.24
CA GLU C 187 40.52 27.91 -39.00
C GLU C 187 41.58 28.58 -38.13
N LYS C 188 41.56 28.39 -36.81
CA LYS C 188 42.58 28.95 -35.95
C LYS C 188 43.85 28.11 -35.90
N HIS C 189 43.84 26.92 -36.51
CA HIS C 189 44.92 25.96 -36.35
C HIS C 189 45.17 25.29 -37.70
N LYS C 190 46.27 24.56 -37.78
CA LYS C 190 46.70 23.98 -39.04
C LYS C 190 46.79 22.46 -39.02
N VAL C 191 47.53 21.89 -38.07
CA VAL C 191 47.76 20.44 -38.05
C VAL C 191 46.67 19.77 -37.21
N TYR C 192 45.91 18.89 -37.85
CA TYR C 192 44.94 18.03 -37.18
C TYR C 192 45.45 16.60 -37.23
N ALA C 193 46.01 16.14 -36.11
CA ALA C 193 46.59 14.81 -36.02
C ALA C 193 45.65 13.87 -35.26
N CYS C 194 45.58 12.64 -35.74
CA CYS C 194 44.85 11.57 -35.07
C CYS C 194 45.86 10.45 -34.81
N GLU C 195 46.25 10.29 -33.55
CA GLU C 195 47.29 9.33 -33.17
C GLU C 195 46.62 8.13 -32.52
N VAL C 196 46.72 6.98 -33.18
CA VAL C 196 46.06 5.75 -32.76
C VAL C 196 47.02 4.92 -31.93
N THR C 197 46.49 4.23 -30.93
CA THR C 197 47.28 3.34 -30.09
C THR C 197 46.55 2.02 -29.95
N HIS C 198 47.25 0.93 -30.27
CA HIS C 198 46.63 -0.40 -30.25
C HIS C 198 47.72 -1.44 -29.94
N GLN C 199 47.26 -2.65 -29.61
CA GLN C 199 48.15 -3.76 -29.30
C GLN C 199 48.85 -4.34 -30.53
N GLY C 200 48.26 -4.19 -31.72
CA GLY C 200 48.90 -4.61 -32.95
C GLY C 200 49.93 -3.64 -33.50
N LEU C 201 50.14 -2.51 -32.83
CA LEU C 201 51.09 -1.50 -33.27
C LEU C 201 52.24 -1.43 -32.28
N SER C 202 53.45 -1.70 -32.77
CA SER C 202 54.65 -1.56 -31.95
C SER C 202 54.71 -0.19 -31.29
N SER C 203 54.46 0.85 -32.06
CA SER C 203 54.42 2.23 -31.59
C SER C 203 53.24 2.92 -32.25
N PRO C 204 52.68 3.95 -31.60
CA PRO C 204 51.45 4.57 -32.12
C PRO C 204 51.64 5.16 -33.52
N VAL C 205 50.70 4.84 -34.41
CA VAL C 205 50.65 5.43 -35.75
C VAL C 205 49.78 6.68 -35.70
N THR C 206 50.27 7.76 -36.28
CA THR C 206 49.50 8.98 -36.43
C THR C 206 49.20 9.22 -37.91
N LYS C 207 47.94 9.51 -38.21
CA LYS C 207 47.56 10.02 -39.51
C LYS C 207 47.13 11.47 -39.33
N SER C 208 47.51 12.33 -40.26
CA SER C 208 47.25 13.75 -40.07
C SER C 208 47.26 14.46 -41.41
N PHE C 209 46.75 15.69 -41.39
CA PHE C 209 46.68 16.54 -42.57
C PHE C 209 46.91 17.98 -42.15
N ASN C 210 47.16 18.83 -43.14
CA ASN C 210 47.38 20.26 -42.93
C ASN C 210 46.22 21.03 -43.56
N ARG C 211 45.56 21.86 -42.78
CA ARG C 211 44.31 22.49 -43.20
C ARG C 211 44.53 23.42 -44.38
N GLY C 212 43.86 23.12 -45.49
CA GLY C 212 43.96 23.94 -46.68
C GLY C 212 45.04 23.55 -47.66
N GLU C 213 45.53 22.29 -47.60
CA GLU C 213 46.57 21.81 -48.50
C GLU C 213 46.02 20.65 -49.32
N CYS C 214 45.87 20.86 -50.62
CA CYS C 214 45.43 19.79 -51.51
C CYS C 214 46.51 18.72 -51.65
N VAL D 2 2.11 -18.87 -28.60
CA VAL D 2 2.24 -18.16 -27.33
C VAL D 2 3.07 -16.90 -27.58
N GLN D 3 2.45 -15.74 -27.37
CA GLN D 3 3.01 -14.50 -27.86
C GLN D 3 2.76 -13.37 -26.88
N LEU D 4 3.62 -12.34 -26.96
CA LEU D 4 3.41 -11.06 -26.29
C LEU D 4 3.82 -9.97 -27.27
N VAL D 5 2.87 -9.14 -27.68
CA VAL D 5 3.08 -8.16 -28.75
C VAL D 5 2.84 -6.77 -28.19
N GLU D 6 3.89 -5.95 -28.16
CA GLU D 6 3.79 -4.59 -27.64
C GLU D 6 3.38 -3.61 -28.73
N SER D 7 2.71 -2.53 -28.30
CA SER D 7 2.29 -1.46 -29.20
C SER D 7 2.49 -0.13 -28.48
N GLY D 8 2.10 0.95 -29.15
CA GLY D 8 2.00 2.26 -28.54
C GLY D 8 3.27 3.08 -28.52
N GLY D 9 4.43 2.47 -28.75
CA GLY D 9 5.68 3.19 -28.63
C GLY D 9 5.90 4.13 -29.82
N GLY D 10 6.30 5.37 -29.51
CA GLY D 10 6.58 6.36 -30.54
C GLY D 10 7.49 7.48 -30.05
N LEU D 11 7.22 8.70 -30.49
CA LEU D 11 8.00 9.87 -30.08
C LEU D 11 7.14 10.76 -29.19
N VAL D 12 7.73 11.19 -28.07
CA VAL D 12 7.05 12.07 -27.12
C VAL D 12 8.06 13.10 -26.63
N GLN D 13 7.58 14.33 -26.42
CA GLN D 13 8.41 15.39 -25.86
C GLN D 13 8.59 15.19 -24.36
N PRO D 14 9.60 15.83 -23.76
CA PRO D 14 9.75 15.77 -22.30
C PRO D 14 8.63 16.54 -21.61
N GLY D 15 7.99 15.88 -20.64
CA GLY D 15 6.82 16.42 -19.98
C GLY D 15 5.51 15.84 -20.46
N GLY D 16 5.52 15.13 -21.58
CA GLY D 16 4.32 14.50 -22.12
C GLY D 16 4.03 13.15 -21.50
N SER D 17 3.39 12.29 -22.29
CA SER D 17 2.96 10.99 -21.79
C SER D 17 2.70 10.07 -22.98
N LEU D 18 2.35 8.82 -22.68
CA LEU D 18 2.16 7.73 -23.63
C LEU D 18 1.72 6.50 -22.85
N ARG D 19 1.03 5.58 -23.53
CA ARG D 19 0.58 4.35 -22.90
C ARG D 19 0.96 3.17 -23.78
N LEU D 20 1.62 2.18 -23.20
CA LEU D 20 2.13 1.04 -23.95
C LEU D 20 1.16 -0.13 -23.85
N SER D 21 0.82 -0.71 -25.00
CA SER D 21 -0.07 -1.86 -25.07
C SER D 21 0.75 -3.14 -25.17
N CYS D 22 0.17 -4.24 -24.68
CA CYS D 22 0.81 -5.55 -24.75
C CYS D 22 -0.31 -6.58 -24.93
N ALA D 23 -0.59 -6.95 -26.18
CA ALA D 23 -1.65 -7.90 -26.49
C ALA D 23 -1.09 -9.31 -26.40
N ALA D 24 -1.72 -10.14 -25.55
CA ALA D 24 -1.24 -11.47 -25.22
C ALA D 24 -2.08 -12.56 -25.88
N SER D 25 -1.41 -13.62 -26.32
CA SER D 25 -2.06 -14.85 -26.77
C SER D 25 -1.21 -16.03 -26.35
N GLY D 26 -1.83 -17.00 -25.69
CA GLY D 26 -1.12 -18.12 -25.11
C GLY D 26 -1.14 -18.12 -23.60
N ILE D 27 -1.19 -16.92 -22.99
CA ILE D 27 -1.38 -16.78 -21.55
C ILE D 27 -2.43 -15.71 -21.32
N THR D 28 -3.14 -15.85 -20.20
CA THR D 28 -4.13 -14.85 -19.80
C THR D 28 -3.49 -13.90 -18.81
N VAL D 29 -3.61 -12.61 -19.08
CA VAL D 29 -2.93 -11.62 -18.26
C VAL D 29 -3.52 -11.57 -16.87
N SER D 30 -4.83 -11.75 -16.75
CA SER D 30 -5.51 -11.62 -15.48
C SER D 30 -5.05 -12.65 -14.46
N SER D 31 -4.42 -13.73 -14.91
CA SER D 31 -4.05 -14.85 -14.05
C SER D 31 -2.55 -14.96 -13.84
N ASN D 32 -1.77 -13.92 -14.16
CA ASN D 32 -0.32 -14.01 -14.10
C ASN D 32 0.27 -12.76 -13.46
N TYR D 33 1.38 -12.95 -12.73
CA TYR D 33 2.32 -11.87 -12.52
C TYR D 33 2.78 -11.36 -13.88
N MET D 34 2.74 -10.05 -14.08
CA MET D 34 3.19 -9.45 -15.33
C MET D 34 4.15 -8.32 -15.06
N ASN D 35 5.12 -8.15 -15.94
CA ASN D 35 6.21 -7.21 -15.74
C ASN D 35 6.40 -6.30 -16.95
N TRP D 36 6.97 -5.13 -16.67
CA TRP D 36 7.48 -4.22 -17.70
C TRP D 36 8.96 -4.02 -17.44
N VAL D 37 9.79 -4.37 -18.41
CA VAL D 37 11.23 -4.24 -18.32
C VAL D 37 11.73 -3.52 -19.56
N ARG D 38 12.49 -2.45 -19.36
CA ARG D 38 12.97 -1.62 -20.46
C ARG D 38 14.48 -1.80 -20.64
N GLN D 39 14.97 -1.32 -21.77
CA GLN D 39 16.39 -1.39 -22.11
C GLN D 39 16.81 -0.11 -22.81
N ALA D 40 17.59 0.73 -22.12
CA ALA D 40 18.12 1.92 -22.74
C ALA D 40 19.15 1.53 -23.80
N PRO D 41 19.38 2.39 -24.79
CA PRO D 41 20.33 2.05 -25.86
C PRO D 41 21.70 1.68 -25.29
N GLY D 42 22.20 0.52 -25.70
CA GLY D 42 23.52 0.07 -25.31
C GLY D 42 23.65 -0.24 -23.83
N LYS D 43 22.52 -0.26 -23.15
CA LYS D 43 22.48 -0.47 -21.71
C LYS D 43 21.84 -1.81 -21.39
N GLY D 44 21.87 -2.15 -20.10
CA GLY D 44 21.32 -3.40 -19.62
C GLY D 44 19.84 -3.31 -19.36
N LEU D 45 19.29 -4.41 -18.86
CA LEU D 45 17.86 -4.50 -18.60
C LEU D 45 17.51 -3.88 -17.25
N GLU D 46 16.34 -3.24 -17.20
CA GLU D 46 15.87 -2.56 -16.00
C GLU D 46 14.40 -2.90 -15.76
N TRP D 47 14.14 -3.57 -14.63
CA TRP D 47 12.75 -3.83 -14.25
C TRP D 47 12.04 -2.52 -13.93
N VAL D 48 10.75 -2.46 -14.27
CA VAL D 48 10.01 -1.22 -14.12
C VAL D 48 8.73 -1.42 -13.32
N SER D 49 7.87 -2.35 -13.77
CA SER D 49 6.55 -2.50 -13.16
C SER D 49 6.18 -3.96 -13.02
N LEU D 50 5.79 -4.35 -11.80
CA LEU D 50 5.23 -5.66 -11.50
C LEU D 50 3.76 -5.51 -11.17
N ILE D 51 2.96 -6.50 -11.55
CA ILE D 51 1.55 -6.52 -11.19
C ILE D 51 1.17 -7.95 -10.83
N TYR D 52 0.67 -8.15 -9.62
CA TYR D 52 0.23 -9.47 -9.21
C TYR D 52 -1.03 -9.87 -9.97
N SER D 53 -1.28 -11.18 -9.99
CA SER D 53 -2.59 -11.65 -10.44
C SER D 53 -3.71 -11.14 -9.54
N GLY D 54 -3.38 -10.80 -8.30
CA GLY D 54 -4.34 -10.22 -7.38
C GLY D 54 -4.28 -8.70 -7.33
N GLY D 55 -3.97 -8.08 -8.46
CA GLY D 55 -4.06 -6.64 -8.60
C GLY D 55 -2.97 -5.83 -7.92
N SER D 56 -2.29 -6.41 -6.94
CA SER D 56 -1.24 -5.68 -6.24
C SER D 56 -0.12 -5.31 -7.20
N THR D 57 0.43 -4.11 -7.04
CA THR D 57 1.37 -3.54 -8.00
C THR D 57 2.67 -3.15 -7.32
N TYR D 58 3.75 -3.14 -8.10
CA TYR D 58 5.08 -2.80 -7.62
C TYR D 58 5.84 -2.07 -8.71
N TYR D 59 6.50 -0.97 -8.34
CA TYR D 59 7.27 -0.16 -9.27
C TYR D 59 8.67 0.08 -8.74
N ALA D 60 9.60 0.29 -9.68
CA ALA D 60 10.96 0.68 -9.35
C ALA D 60 11.01 2.18 -9.05
N ASP D 61 11.95 2.56 -8.18
CA ASP D 61 12.03 3.93 -7.69
C ASP D 61 12.30 4.95 -8.78
N SER D 62 12.73 4.51 -9.96
CA SER D 62 13.04 5.43 -11.05
C SER D 62 11.79 5.97 -11.73
N VAL D 63 10.63 5.33 -11.55
CA VAL D 63 9.43 5.70 -12.29
C VAL D 63 8.22 5.73 -11.35
N LYS D 64 8.45 5.60 -10.05
CA LYS D 64 7.36 5.67 -9.09
C LYS D 64 6.67 7.03 -9.18
N GLY D 65 5.33 7.01 -9.26
CA GLY D 65 4.56 8.23 -9.38
C GLY D 65 4.44 8.76 -10.79
N ARG D 66 5.16 8.21 -11.75
CA ARG D 66 5.03 8.63 -13.14
C ARG D 66 4.49 7.54 -14.05
N PHE D 67 4.53 6.28 -13.63
CA PHE D 67 4.01 5.18 -14.42
C PHE D 67 2.84 4.51 -13.70
N THR D 68 1.93 3.94 -14.51
CA THR D 68 0.78 3.20 -14.00
C THR D 68 0.58 1.96 -14.87
N ILE D 69 0.57 0.79 -14.25
CA ILE D 69 0.37 -0.48 -14.95
C ILE D 69 -1.05 -0.95 -14.71
N SER D 70 -1.70 -1.43 -15.77
CA SER D 70 -3.08 -1.90 -15.69
C SER D 70 -3.30 -2.96 -16.77
N ARG D 71 -4.48 -3.57 -16.73
CA ARG D 71 -4.79 -4.62 -17.70
C ARG D 71 -6.28 -4.54 -18.04
N ASP D 72 -6.76 -5.56 -18.78
CA ASP D 72 -8.09 -5.55 -19.37
C ASP D 72 -8.43 -6.97 -19.82
N ASN D 73 -9.21 -7.69 -19.00
CA ASN D 73 -9.25 -9.14 -19.14
C ASN D 73 -10.01 -9.56 -20.38
N SER D 74 -11.15 -8.92 -20.65
CA SER D 74 -11.94 -9.25 -21.82
C SER D 74 -11.11 -9.14 -23.09
N LYS D 75 -10.18 -8.18 -23.11
CA LYS D 75 -9.33 -8.01 -24.29
C LYS D 75 -8.01 -8.75 -24.16
N ASN D 76 -7.67 -9.23 -22.97
CA ASN D 76 -6.42 -9.94 -22.71
C ASN D 76 -5.22 -9.10 -23.10
N THR D 77 -5.16 -7.87 -22.56
CA THR D 77 -4.08 -6.95 -22.88
C THR D 77 -3.60 -6.26 -21.61
N LEU D 78 -2.29 -6.21 -21.43
CA LEU D 78 -1.64 -5.45 -20.38
C LEU D 78 -1.31 -4.05 -20.89
N TYR D 79 -1.46 -3.05 -20.02
CA TYR D 79 -1.14 -1.68 -20.37
C TYR D 79 -0.09 -1.14 -19.41
N LEU D 80 0.74 -0.22 -19.91
CA LEU D 80 1.61 0.58 -19.05
C LEU D 80 1.42 2.04 -19.42
N GLN D 81 0.92 2.83 -18.47
CA GLN D 81 0.74 4.26 -18.64
C GLN D 81 1.97 4.97 -18.11
N MET D 82 2.50 5.92 -18.89
CA MET D 82 3.69 6.68 -18.52
C MET D 82 3.36 8.16 -18.61
N ASN D 83 3.54 8.88 -17.51
CA ASN D 83 3.35 10.32 -17.43
C ASN D 83 4.66 11.03 -17.12
N SER D 84 4.65 12.34 -17.37
CA SER D 84 5.80 13.23 -17.10
C SER D 84 7.11 12.58 -17.54
N LEU D 85 7.19 12.31 -18.84
CA LEU D 85 8.32 11.57 -19.39
C LEU D 85 9.56 12.45 -19.44
N ARG D 86 10.71 11.81 -19.24
CA ARG D 86 12.01 12.46 -19.30
C ARG D 86 12.85 11.80 -20.38
N ALA D 87 14.00 12.42 -20.67
CA ALA D 87 14.86 11.90 -21.73
C ALA D 87 15.42 10.53 -21.37
N GLU D 88 15.70 10.31 -20.08
CA GLU D 88 16.30 9.04 -19.66
C GLU D 88 15.37 7.88 -19.93
N ASP D 89 14.06 8.12 -19.96
CA ASP D 89 13.08 7.09 -20.23
C ASP D 89 13.14 6.58 -21.67
N THR D 90 13.94 7.20 -22.53
CA THR D 90 14.12 6.71 -23.89
C THR D 90 14.72 5.30 -23.87
N ALA D 91 13.94 4.33 -24.36
CA ALA D 91 14.36 2.94 -24.35
C ALA D 91 13.39 2.05 -25.14
N VAL D 92 13.71 0.76 -25.22
CA VAL D 92 12.82 -0.25 -25.77
C VAL D 92 12.17 -0.98 -24.60
N TYR D 93 10.86 -1.15 -24.65
CA TYR D 93 10.09 -1.64 -23.51
C TYR D 93 9.51 -3.01 -23.80
N HIS D 94 9.65 -3.91 -22.84
CA HIS D 94 9.15 -5.28 -22.94
C HIS D 94 8.11 -5.55 -21.87
N CYS D 95 7.12 -6.37 -22.23
CA CYS D 95 6.21 -6.99 -21.27
C CYS D 95 6.53 -8.48 -21.19
N ALA D 96 6.60 -9.01 -19.96
CA ALA D 96 6.99 -10.41 -19.75
C ALA D 96 6.20 -10.99 -18.59
N ARG D 97 5.94 -12.29 -18.66
CA ARG D 97 5.23 -13.00 -17.59
C ARG D 97 6.23 -13.48 -16.55
N ASP D 98 5.95 -13.16 -15.28
CA ASP D 98 6.79 -13.58 -14.16
C ASP D 98 6.20 -14.82 -13.52
N LEU D 99 6.98 -15.89 -13.46
CA LEU D 99 6.66 -17.05 -12.64
C LEU D 99 7.40 -17.03 -11.31
N VAL D 100 7.86 -15.86 -10.87
CA VAL D 100 8.52 -15.71 -9.57
C VAL D 100 9.67 -16.69 -9.44
N VAL D 101 9.34 -17.93 -9.09
CA VAL D 101 10.35 -18.94 -8.78
C VAL D 101 10.90 -19.58 -10.07
N TYR D 102 10.11 -19.60 -11.14
CA TYR D 102 10.53 -20.18 -12.41
C TYR D 102 10.95 -19.13 -13.43
N GLY D 103 11.31 -17.94 -12.98
CA GLY D 103 11.80 -16.90 -13.85
C GLY D 103 10.73 -16.32 -14.75
N MET D 104 11.18 -15.56 -15.74
CA MET D 104 10.33 -14.99 -16.78
C MET D 104 10.59 -15.77 -18.06
N ASP D 105 9.57 -16.49 -18.52
CA ASP D 105 9.74 -17.48 -19.58
C ASP D 105 9.15 -17.05 -20.92
N VAL D 106 8.44 -15.93 -20.98
CA VAL D 106 7.88 -15.45 -22.24
C VAL D 106 8.07 -13.94 -22.30
N TRP D 107 8.72 -13.47 -23.38
CA TRP D 107 8.98 -12.05 -23.58
C TRP D 107 8.38 -11.60 -24.90
N GLY D 108 8.24 -10.28 -25.03
CA GLY D 108 7.81 -9.65 -26.27
C GLY D 108 8.95 -8.87 -26.87
N GLN D 109 8.97 -8.81 -28.22
CA GLN D 109 10.09 -8.15 -28.90
C GLN D 109 10.20 -6.69 -28.52
N GLY D 110 9.08 -6.03 -28.23
CA GLY D 110 9.09 -4.72 -27.62
C GLY D 110 8.82 -3.61 -28.63
N THR D 111 8.56 -2.42 -28.07
CA THR D 111 8.34 -1.23 -28.86
C THR D 111 9.33 -0.14 -28.42
N THR D 112 9.68 0.74 -29.35
CA THR D 112 10.70 1.75 -29.14
C THR D 112 10.06 3.07 -28.72
N VAL D 113 10.56 3.65 -27.64
CA VAL D 113 10.08 4.93 -27.12
C VAL D 113 11.24 5.91 -27.11
N THR D 114 11.00 7.11 -27.64
CA THR D 114 12.03 8.16 -27.70
C THR D 114 11.47 9.43 -27.10
N VAL D 115 12.10 9.92 -26.04
CA VAL D 115 11.78 11.21 -25.44
C VAL D 115 12.89 12.19 -25.78
N SER D 116 12.53 13.30 -26.41
CA SER D 116 13.45 14.42 -26.58
C SER D 116 12.62 15.64 -26.97
N SER D 117 13.22 16.81 -26.79
CA SER D 117 12.61 18.06 -27.19
C SER D 117 12.98 18.46 -28.61
N ALA D 118 13.40 17.50 -29.43
CA ALA D 118 13.85 17.79 -30.78
C ALA D 118 12.66 17.72 -31.75
N SER D 119 12.93 18.00 -33.02
CA SER D 119 11.97 17.81 -34.08
C SER D 119 12.38 16.57 -34.89
N THR D 120 11.84 16.45 -36.09
CA THR D 120 12.06 15.27 -36.93
C THR D 120 12.68 15.70 -38.25
N LYS D 121 13.94 16.14 -38.20
CA LYS D 121 14.59 16.74 -39.36
C LYS D 121 15.30 15.69 -40.22
N GLY D 122 15.85 16.14 -41.34
CA GLY D 122 16.53 15.28 -42.27
C GLY D 122 18.03 15.41 -42.20
N PRO D 123 18.74 14.40 -42.70
CA PRO D 123 20.21 14.39 -42.58
C PRO D 123 20.91 15.00 -43.79
N SER D 124 22.04 15.63 -43.51
CA SER D 124 22.97 16.06 -44.56
C SER D 124 23.99 14.96 -44.80
N VAL D 125 24.36 14.78 -46.06
CA VAL D 125 25.36 13.78 -46.45
C VAL D 125 26.57 14.52 -46.99
N PHE D 126 27.71 14.41 -46.27
CA PHE D 126 28.99 14.92 -46.70
C PHE D 126 29.92 13.77 -47.08
N PRO D 127 30.90 14.00 -47.96
CA PRO D 127 31.79 12.91 -48.37
C PRO D 127 33.06 12.81 -47.53
N LEU D 128 33.73 11.64 -47.61
CA LEU D 128 34.99 11.40 -46.92
C LEU D 128 35.96 10.91 -48.00
N ALA D 129 36.88 11.78 -48.43
CA ALA D 129 37.63 11.45 -49.64
C ALA D 129 39.07 11.04 -49.31
N PRO D 130 39.67 10.14 -50.10
CA PRO D 130 41.08 9.76 -49.88
C PRO D 130 42.06 10.68 -50.59
N SER D 131 43.35 10.38 -50.48
CA SER D 131 44.36 11.20 -51.11
C SER D 131 45.41 10.35 -51.85
N GLY D 138 47.96 -0.53 -49.11
CA GLY D 138 47.70 -0.60 -50.56
C GLY D 138 46.22 -0.50 -50.87
N THR D 139 45.42 -0.29 -49.83
CA THR D 139 43.96 -0.15 -50.00
C THR D 139 43.59 1.29 -49.67
N ALA D 140 42.62 1.84 -50.37
CA ALA D 140 42.20 3.24 -50.16
C ALA D 140 40.98 3.26 -49.24
N ALA D 141 40.72 4.39 -48.57
CA ALA D 141 39.52 4.48 -47.74
C ALA D 141 38.72 5.72 -48.09
N LEU D 142 37.42 5.54 -48.22
CA LEU D 142 36.49 6.64 -48.44
C LEU D 142 35.17 6.31 -47.74
N GLY D 143 34.40 7.35 -47.43
CA GLY D 143 33.16 7.11 -46.72
C GLY D 143 32.19 8.25 -46.83
N CYS D 144 31.06 8.09 -46.14
CA CYS D 144 30.00 9.09 -46.10
C CYS D 144 29.65 9.43 -44.65
N LEU D 145 29.40 10.71 -44.40
CA LEU D 145 28.99 11.20 -43.07
C LEU D 145 27.53 11.62 -43.12
N VAL D 146 26.69 10.90 -42.40
CA VAL D 146 25.27 11.22 -42.27
C VAL D 146 25.11 11.92 -40.93
N LYS D 147 24.99 13.25 -40.96
CA LYS D 147 25.08 14.07 -39.76
C LYS D 147 23.78 14.85 -39.55
N ASP D 148 23.41 15.00 -38.28
CA ASP D 148 22.33 15.87 -37.84
C ASP D 148 20.98 15.43 -38.40
N TYR D 149 20.31 14.52 -37.69
CA TYR D 149 18.99 14.05 -38.06
C TYR D 149 18.30 13.49 -36.83
N PHE D 150 16.98 13.64 -36.81
CA PHE D 150 16.13 13.09 -35.77
C PHE D 150 14.85 12.68 -36.47
N PRO D 151 14.26 11.54 -36.11
CA PRO D 151 14.82 10.52 -35.23
C PRO D 151 15.48 9.39 -36.02
N GLU D 152 15.96 8.38 -35.33
CA GLU D 152 16.48 7.21 -36.00
C GLU D 152 15.34 6.43 -36.66
N PRO D 153 15.64 5.61 -37.68
CA PRO D 153 16.96 5.37 -38.25
C PRO D 153 17.17 5.95 -39.63
N VAL D 154 18.36 5.70 -40.18
CA VAL D 154 18.66 5.92 -41.59
C VAL D 154 19.25 4.63 -42.15
N THR D 155 19.22 4.51 -43.47
CA THR D 155 19.74 3.35 -44.16
C THR D 155 20.79 3.83 -45.17
N VAL D 156 22.00 3.29 -45.06
CA VAL D 156 23.11 3.67 -45.93
C VAL D 156 23.60 2.42 -46.66
N SER D 157 23.41 2.41 -47.96
CA SER D 157 24.01 1.41 -48.84
C SER D 157 25.04 2.07 -49.73
N TRP D 158 25.85 1.26 -50.39
CA TRP D 158 26.88 1.75 -51.30
C TRP D 158 26.63 1.20 -52.69
N ASN D 159 26.57 2.10 -53.68
CA ASN D 159 26.38 1.74 -55.07
C ASN D 159 25.04 1.04 -55.29
N SER D 160 24.06 1.39 -54.45
CA SER D 160 22.69 0.87 -54.49
C SER D 160 22.60 -0.62 -54.14
N GLY D 161 23.58 -1.15 -53.40
CA GLY D 161 23.58 -2.55 -52.99
C GLY D 161 24.64 -3.41 -53.66
N ALA D 162 25.31 -2.93 -54.71
CA ALA D 162 26.31 -3.76 -55.40
C ALA D 162 27.56 -3.91 -54.55
N LEU D 163 28.04 -2.82 -53.96
CA LEU D 163 29.24 -2.84 -53.15
C LEU D 163 28.85 -3.15 -51.71
N THR D 164 29.17 -4.36 -51.27
CA THR D 164 28.99 -4.80 -49.88
C THR D 164 30.28 -5.31 -49.26
N SER D 165 31.11 -6.01 -50.02
CA SER D 165 32.38 -6.54 -49.53
C SER D 165 33.28 -5.43 -49.01
N GLY D 166 33.38 -5.30 -47.69
CA GLY D 166 34.23 -4.30 -47.08
C GLY D 166 33.54 -3.03 -46.65
N VAL D 167 32.22 -3.05 -46.46
CA VAL D 167 31.45 -1.87 -46.06
C VAL D 167 31.25 -1.90 -44.55
N HIS D 168 31.37 -0.73 -43.92
CA HIS D 168 31.15 -0.57 -42.49
C HIS D 168 30.27 0.65 -42.27
N THR D 169 29.05 0.44 -41.77
CA THR D 169 28.20 1.52 -41.30
C THR D 169 28.14 1.46 -39.78
N PHE D 170 28.35 2.59 -39.14
CA PHE D 170 28.60 2.65 -37.71
C PHE D 170 27.32 2.93 -36.94
N PRO D 171 27.31 2.64 -35.64
CA PRO D 171 26.16 3.06 -34.82
C PRO D 171 26.12 4.57 -34.66
N ALA D 172 24.91 5.12 -34.74
CA ALA D 172 24.74 6.56 -34.61
C ALA D 172 25.14 7.03 -33.22
N VAL D 173 25.65 8.25 -33.13
CA VAL D 173 25.95 8.89 -31.86
C VAL D 173 25.00 10.07 -31.68
N LEU D 174 24.56 10.27 -30.45
CA LEU D 174 23.59 11.32 -30.14
C LEU D 174 24.36 12.55 -29.70
N GLN D 175 24.50 13.52 -30.61
CA GLN D 175 25.34 14.68 -30.33
C GLN D 175 24.75 15.53 -29.20
N SER D 176 25.58 16.46 -28.72
CA SER D 176 25.15 17.40 -27.69
C SER D 176 23.90 18.18 -28.12
N SER D 177 23.74 18.37 -29.43
CA SER D 177 22.57 19.07 -29.96
C SER D 177 21.28 18.27 -29.84
N GLY D 178 21.36 17.02 -29.39
CA GLY D 178 20.21 16.15 -29.43
C GLY D 178 19.95 15.50 -30.78
N LEU D 179 20.83 15.72 -31.74
CA LEU D 179 20.71 15.16 -33.07
C LEU D 179 21.66 13.98 -33.24
N TYR D 180 21.23 12.99 -34.01
CA TYR D 180 22.06 11.82 -34.25
C TYR D 180 23.05 12.08 -35.38
N SER D 181 24.02 11.18 -35.51
CA SER D 181 25.07 11.28 -36.51
C SER D 181 25.86 9.99 -36.60
N LEU D 182 26.09 9.49 -37.81
CA LEU D 182 26.87 8.27 -38.00
C LEU D 182 27.73 8.43 -39.26
N SER D 183 28.58 7.45 -39.50
CA SER D 183 29.45 7.45 -40.66
C SER D 183 29.41 6.07 -41.30
N SER D 184 29.52 6.03 -42.62
CA SER D 184 29.56 4.76 -43.35
C SER D 184 30.71 4.81 -44.34
N VAL D 185 31.59 3.81 -44.29
CA VAL D 185 32.81 3.80 -45.08
C VAL D 185 32.89 2.51 -45.90
N VAL D 186 33.91 2.45 -46.74
CA VAL D 186 34.23 1.26 -47.51
C VAL D 186 35.70 1.32 -47.89
N THR D 187 36.36 0.17 -47.88
CA THR D 187 37.78 0.08 -48.20
C THR D 187 37.97 -0.69 -49.50
N VAL D 188 38.66 -0.06 -50.43
CA VAL D 188 38.83 -0.58 -51.79
C VAL D 188 40.32 -0.53 -52.13
N PRO D 189 40.75 -1.30 -53.12
CA PRO D 189 42.14 -1.19 -53.59
C PRO D 189 42.43 0.22 -54.08
N SER D 190 43.66 0.68 -53.80
CA SER D 190 44.02 2.07 -54.08
C SER D 190 43.99 2.38 -55.58
N SER D 191 44.40 1.43 -56.41
CA SER D 191 44.49 1.68 -57.85
C SER D 191 43.11 1.95 -58.45
N SER D 192 42.07 1.33 -57.92
CA SER D 192 40.72 1.49 -58.44
C SER D 192 40.09 2.84 -58.09
N LEU D 193 40.85 3.81 -57.57
CA LEU D 193 40.26 5.10 -57.21
C LEU D 193 39.81 5.87 -58.44
N GLY D 194 40.57 5.79 -59.54
CA GLY D 194 40.23 6.52 -60.73
C GLY D 194 39.37 5.79 -61.74
N THR D 195 39.10 4.51 -61.52
CA THR D 195 38.34 3.68 -62.46
C THR D 195 36.91 3.42 -62.02
N GLN D 196 36.68 3.24 -60.72
CA GLN D 196 35.36 2.88 -60.20
C GLN D 196 34.74 4.10 -59.51
N THR D 197 33.44 4.29 -59.73
CA THR D 197 32.71 5.41 -59.14
C THR D 197 32.01 4.95 -57.86
N TYR D 198 32.11 5.77 -56.82
CA TYR D 198 31.64 5.41 -55.48
C TYR D 198 30.57 6.38 -55.03
N ILE D 199 29.36 5.87 -54.80
CA ILE D 199 28.21 6.68 -54.40
C ILE D 199 27.50 5.96 -53.27
N CYS D 200 27.41 6.63 -52.11
CA CYS D 200 26.60 6.09 -51.03
C CYS D 200 25.14 6.48 -51.24
N ASN D 201 24.24 5.68 -50.65
CA ASN D 201 22.80 5.86 -50.77
C ASN D 201 22.21 6.00 -49.38
N VAL D 202 21.67 7.18 -49.09
CA VAL D 202 21.13 7.50 -47.77
C VAL D 202 19.64 7.76 -47.91
N ASN D 203 18.83 7.03 -47.14
CA ASN D 203 17.39 7.24 -47.09
C ASN D 203 16.99 7.42 -45.62
N HIS D 204 16.20 8.46 -45.36
CA HIS D 204 15.68 8.72 -44.02
C HIS D 204 14.16 8.86 -44.15
N LYS D 205 13.45 7.75 -43.91
CA LYS D 205 12.00 7.74 -44.10
C LYS D 205 11.28 8.79 -43.27
N PRO D 206 11.60 9.00 -41.97
CA PRO D 206 10.88 10.01 -41.18
C PRO D 206 10.76 11.38 -41.84
N SER D 207 11.79 11.81 -42.56
CA SER D 207 11.83 13.14 -43.15
C SER D 207 11.55 13.15 -44.65
N ASN D 208 11.22 12.00 -45.24
CA ASN D 208 11.01 11.87 -46.69
C ASN D 208 12.22 12.37 -47.48
N THR D 209 13.41 12.20 -46.91
CA THR D 209 14.66 12.65 -47.52
C THR D 209 15.42 11.44 -48.06
N LYS D 210 15.79 11.50 -49.33
CA LYS D 210 16.69 10.52 -49.92
C LYS D 210 17.80 11.26 -50.65
N VAL D 211 19.05 10.87 -50.39
CA VAL D 211 20.22 11.53 -50.93
C VAL D 211 21.17 10.49 -51.48
N ASP D 212 21.83 10.80 -52.59
CA ASP D 212 22.80 9.91 -53.22
C ASP D 212 24.03 10.75 -53.55
N LYS D 213 25.12 10.57 -52.79
CA LYS D 213 26.26 11.47 -52.84
C LYS D 213 27.47 10.76 -53.43
N LYS D 214 28.15 11.44 -54.35
CA LYS D 214 29.31 10.87 -55.02
C LYS D 214 30.58 11.21 -54.26
N VAL D 215 31.41 10.20 -54.00
CA VAL D 215 32.68 10.36 -53.29
C VAL D 215 33.80 10.26 -54.33
N GLU D 216 34.62 11.30 -54.42
CA GLU D 216 35.63 11.41 -55.47
C GLU D 216 36.90 12.13 -55.03
N VAL E 2 -15.08 25.14 -18.25
CA VAL E 2 -14.78 24.14 -17.24
C VAL E 2 -15.72 22.96 -17.38
N GLN E 3 -15.20 21.83 -17.86
CA GLN E 3 -16.02 20.71 -18.27
C GLN E 3 -15.36 19.40 -17.86
N LEU E 4 -16.18 18.36 -17.77
CA LEU E 4 -15.71 16.98 -17.59
C LEU E 4 -16.57 16.10 -18.49
N VAL E 5 -15.97 15.53 -19.53
CA VAL E 5 -16.70 14.87 -20.60
C VAL E 5 -16.38 13.38 -20.53
N GLU E 6 -17.39 12.56 -20.23
CA GLU E 6 -17.21 11.12 -20.10
C GLU E 6 -17.50 10.38 -21.40
N SER E 7 -16.65 9.40 -21.70
CA SER E 7 -16.80 8.54 -22.87
C SER E 7 -16.67 7.07 -22.46
N GLY E 8 -16.60 6.17 -23.44
CA GLY E 8 -16.31 4.77 -23.19
C GLY E 8 -17.48 3.91 -22.77
N GLY E 9 -18.56 4.49 -22.27
CA GLY E 9 -19.67 3.69 -21.77
C GLY E 9 -20.39 2.96 -22.89
N GLY E 10 -20.90 1.77 -22.55
CA GLY E 10 -21.64 0.97 -23.49
C GLY E 10 -22.23 -0.29 -22.87
N LEU E 11 -22.35 -1.35 -23.67
CA LEU E 11 -22.87 -2.63 -23.19
C LEU E 11 -21.73 -3.63 -23.06
N VAL E 12 -21.75 -4.39 -21.96
CA VAL E 12 -20.73 -5.40 -21.69
C VAL E 12 -21.43 -6.65 -21.16
N GLN E 13 -20.99 -7.81 -21.62
CA GLN E 13 -21.48 -9.06 -21.07
C GLN E 13 -20.97 -9.24 -19.64
N PRO E 14 -21.64 -10.06 -18.83
CA PRO E 14 -21.16 -10.31 -17.47
C PRO E 14 -19.83 -11.06 -17.51
N GLY E 15 -18.83 -10.51 -16.83
CA GLY E 15 -17.49 -11.06 -16.84
C GLY E 15 -16.56 -10.40 -17.83
N GLY E 16 -17.04 -9.47 -18.65
CA GLY E 16 -16.22 -8.74 -19.59
C GLY E 16 -15.67 -7.46 -19.00
N SER E 17 -14.94 -6.73 -19.83
CA SER E 17 -14.21 -5.55 -19.37
C SER E 17 -14.40 -4.39 -20.33
N LEU E 18 -14.32 -3.18 -19.77
CA LEU E 18 -14.52 -1.94 -20.52
C LEU E 18 -13.72 -0.85 -19.83
N ARG E 19 -13.36 0.19 -20.59
CA ARG E 19 -12.65 1.32 -20.03
C ARG E 19 -13.39 2.61 -20.34
N LEU E 20 -13.59 3.43 -19.33
CA LEU E 20 -14.28 4.71 -19.44
C LEU E 20 -13.28 5.86 -19.48
N SER E 21 -13.64 6.92 -20.19
CA SER E 21 -12.80 8.09 -20.36
C SER E 21 -13.52 9.31 -19.79
N CYS E 22 -12.72 10.27 -19.32
CA CYS E 22 -13.24 11.52 -18.77
C CYS E 22 -12.34 12.64 -19.25
N ALA E 23 -12.78 13.34 -20.29
CA ALA E 23 -12.01 14.41 -20.91
C ALA E 23 -12.28 15.73 -20.21
N ALA E 24 -11.22 16.46 -19.88
CA ALA E 24 -11.32 17.65 -19.04
C ALA E 24 -10.78 18.87 -19.76
N SER E 25 -11.31 20.03 -19.37
CA SER E 25 -10.83 21.34 -19.77
C SER E 25 -11.37 22.34 -18.76
N GLY E 26 -10.53 23.31 -18.37
CA GLY E 26 -10.84 24.22 -17.29
C GLY E 26 -10.19 23.82 -15.98
N ILE E 27 -10.00 22.53 -15.75
CA ILE E 27 -9.14 22.04 -14.67
C ILE E 27 -8.14 21.08 -15.30
N THR E 28 -6.96 21.00 -14.69
CA THR E 28 -5.94 20.03 -15.07
C THR E 28 -6.03 18.84 -14.12
N VAL E 29 -6.20 17.65 -14.69
CA VAL E 29 -6.62 16.49 -13.90
C VAL E 29 -5.53 16.09 -12.92
N SER E 30 -4.27 16.10 -13.36
CA SER E 30 -3.19 15.55 -12.55
C SER E 30 -2.99 16.31 -11.24
N SER E 31 -3.40 17.57 -11.17
CA SER E 31 -3.21 18.35 -9.96
C SER E 31 -4.34 18.17 -8.96
N ASN E 32 -5.49 17.65 -9.39
CA ASN E 32 -6.70 17.60 -8.58
C ASN E 32 -6.92 16.22 -8.02
N TYR E 33 -7.63 16.16 -6.89
CA TYR E 33 -8.35 14.95 -6.54
C TYR E 33 -9.47 14.73 -7.54
N MET E 34 -9.53 13.55 -8.11
CA MET E 34 -10.58 13.21 -9.07
C MET E 34 -11.32 11.97 -8.58
N ASN E 35 -12.63 11.97 -8.79
CA ASN E 35 -13.49 10.90 -8.29
C ASN E 35 -14.34 10.32 -9.41
N TRP E 36 -14.54 9.01 -9.35
CA TRP E 36 -15.53 8.34 -10.15
C TRP E 36 -16.72 8.02 -9.24
N VAL E 37 -17.91 8.45 -9.64
CA VAL E 37 -19.13 8.19 -8.89
C VAL E 37 -20.20 7.73 -9.87
N ARG E 38 -20.79 6.57 -9.61
CA ARG E 38 -21.81 6.02 -10.48
C ARG E 38 -23.20 6.18 -9.87
N GLN E 39 -24.21 5.98 -10.71
CA GLN E 39 -25.61 6.02 -10.28
C GLN E 39 -26.37 4.95 -11.06
N ALA E 40 -26.74 3.86 -10.37
CA ALA E 40 -27.60 2.87 -10.99
C ALA E 40 -28.96 3.50 -11.30
N PRO E 41 -29.71 2.91 -12.24
CA PRO E 41 -31.04 3.46 -12.54
C PRO E 41 -31.89 3.58 -11.29
N GLY E 42 -32.36 4.80 -11.01
CA GLY E 42 -33.29 5.04 -9.93
C GLY E 42 -32.73 4.84 -8.54
N LYS E 43 -31.42 4.72 -8.43
CA LYS E 43 -30.77 4.59 -7.14
C LYS E 43 -30.17 5.95 -6.74
N GLY E 44 -29.20 5.93 -5.82
CA GLY E 44 -28.50 7.11 -5.39
C GLY E 44 -27.07 7.15 -5.90
N LEU E 45 -26.30 8.09 -5.34
CA LEU E 45 -24.91 8.26 -5.72
C LEU E 45 -24.03 7.30 -4.92
N GLU E 46 -23.15 6.58 -5.61
CA GLU E 46 -22.21 5.65 -4.98
C GLU E 46 -20.80 6.03 -5.37
N TRP E 47 -19.98 6.36 -4.36
CA TRP E 47 -18.59 6.65 -4.63
C TRP E 47 -17.86 5.39 -5.07
N VAL E 48 -16.94 5.55 -6.02
CA VAL E 48 -16.32 4.39 -6.66
C VAL E 48 -14.80 4.44 -6.51
N SER E 49 -14.16 5.48 -7.03
CA SER E 49 -12.70 5.51 -7.09
C SER E 49 -12.16 6.92 -6.90
N LEU E 50 -11.22 7.05 -5.98
CA LEU E 50 -10.50 8.29 -5.69
C LEU E 50 -9.06 8.17 -6.15
N ILE E 51 -8.48 9.30 -6.55
CA ILE E 51 -7.08 9.32 -6.94
C ILE E 51 -6.46 10.65 -6.52
N TYR E 52 -5.44 10.59 -5.68
CA TYR E 52 -4.80 11.80 -5.17
C TYR E 52 -4.04 12.52 -6.27
N SER E 53 -3.75 13.80 -6.04
CA SER E 53 -2.80 14.50 -6.88
C SER E 53 -1.47 13.76 -6.89
N GLY E 54 -1.06 13.23 -5.74
CA GLY E 54 0.15 12.46 -5.60
C GLY E 54 0.06 11.02 -6.02
N GLY E 55 -1.03 10.61 -6.67
CA GLY E 55 -1.14 9.27 -7.20
C GLY E 55 -1.68 8.22 -6.25
N SER E 56 -1.92 8.55 -4.99
CA SER E 56 -2.50 7.57 -4.07
C SER E 56 -3.92 7.22 -4.49
N THR E 57 -4.25 5.93 -4.47
CA THR E 57 -5.55 5.46 -4.90
C THR E 57 -6.33 4.87 -3.73
N TYR E 58 -7.65 4.97 -3.83
CA TYR E 58 -8.58 4.37 -2.87
C TYR E 58 -9.77 3.84 -3.65
N TYR E 59 -10.34 2.72 -3.20
CA TYR E 59 -11.47 2.12 -3.87
C TYR E 59 -12.53 1.67 -2.86
N ALA E 60 -13.79 1.74 -3.28
CA ALA E 60 -14.88 1.22 -2.49
C ALA E 60 -14.93 -0.30 -2.61
N ASP E 61 -15.36 -0.93 -1.52
CA ASP E 61 -15.23 -2.38 -1.38
C ASP E 61 -15.99 -3.14 -2.48
N SER E 62 -17.05 -2.54 -3.02
CA SER E 62 -17.85 -3.24 -4.02
C SER E 62 -17.13 -3.39 -5.35
N VAL E 63 -16.07 -2.62 -5.59
CA VAL E 63 -15.33 -2.67 -6.85
C VAL E 63 -13.85 -2.96 -6.65
N LYS E 64 -13.40 -3.15 -5.42
CA LYS E 64 -12.00 -3.42 -5.13
C LYS E 64 -11.54 -4.68 -5.84
N GLY E 65 -10.54 -4.57 -6.70
CA GLY E 65 -10.00 -5.70 -7.43
C GLY E 65 -10.50 -5.85 -8.85
N ARG E 66 -11.62 -5.19 -9.18
CA ARG E 66 -12.16 -5.23 -10.53
C ARG E 66 -11.95 -3.94 -11.29
N PHE E 67 -11.79 -2.82 -10.59
CA PHE E 67 -11.64 -1.51 -11.20
C PHE E 67 -10.25 -0.94 -10.95
N THR E 68 -9.74 -0.21 -11.94
CA THR E 68 -8.46 0.47 -11.84
C THR E 68 -8.66 1.91 -12.29
N ILE E 69 -8.14 2.86 -11.52
CA ILE E 69 -8.27 4.28 -11.85
C ILE E 69 -6.90 4.78 -12.31
N SER E 70 -6.87 5.47 -13.44
CA SER E 70 -5.66 5.99 -14.04
C SER E 70 -5.94 7.34 -14.65
N ARG E 71 -4.88 8.05 -15.03
CA ARG E 71 -5.02 9.32 -15.73
C ARG E 71 -3.94 9.39 -16.81
N ASP E 72 -3.68 10.60 -17.30
CA ASP E 72 -2.79 10.81 -18.43
C ASP E 72 -2.58 12.32 -18.59
N ASN E 73 -1.38 12.80 -18.25
CA ASN E 73 -1.21 14.24 -17.98
C ASN E 73 -1.51 15.07 -19.22
N SER E 74 -0.77 14.85 -20.31
CA SER E 74 -0.87 15.71 -21.47
C SER E 74 -2.24 15.61 -22.13
N LYS E 75 -2.86 14.42 -22.11
CA LYS E 75 -4.20 14.26 -22.66
C LYS E 75 -5.28 14.79 -21.72
N ASN E 76 -4.92 15.14 -20.49
CA ASN E 76 -5.85 15.74 -19.52
C ASN E 76 -7.12 14.91 -19.40
N THR E 77 -6.95 13.59 -19.39
CA THR E 77 -8.07 12.66 -19.44
C THR E 77 -7.95 11.66 -18.29
N LEU E 78 -8.98 11.58 -17.47
CA LEU E 78 -9.06 10.59 -16.42
C LEU E 78 -9.74 9.33 -16.97
N TYR E 79 -9.30 8.18 -16.49
CA TYR E 79 -9.82 6.90 -16.98
C TYR E 79 -10.34 6.08 -15.82
N LEU E 80 -11.09 5.02 -16.17
CA LEU E 80 -11.49 4.01 -15.20
C LEU E 80 -11.60 2.67 -15.93
N GLN E 81 -10.67 1.76 -15.64
CA GLN E 81 -10.66 0.42 -16.22
C GLN E 81 -11.55 -0.50 -15.41
N MET E 82 -12.60 -1.02 -16.03
CA MET E 82 -13.51 -1.96 -15.38
C MET E 82 -13.26 -3.36 -15.90
N ASN E 83 -12.98 -4.29 -14.98
CA ASN E 83 -12.77 -5.70 -15.29
C ASN E 83 -13.78 -6.56 -14.54
N SER E 84 -13.99 -7.77 -15.05
CA SER E 84 -14.89 -8.75 -14.47
C SER E 84 -16.21 -8.11 -14.07
N LEU E 85 -16.81 -7.39 -15.01
CA LEU E 85 -18.02 -6.64 -14.74
C LEU E 85 -19.17 -7.58 -14.36
N ARG E 86 -20.06 -7.06 -13.52
CA ARG E 86 -21.24 -7.79 -13.07
C ARG E 86 -22.47 -6.97 -13.38
N ALA E 87 -23.64 -7.51 -13.04
CA ALA E 87 -24.88 -6.82 -13.35
C ALA E 87 -25.10 -5.59 -12.49
N GLU E 88 -24.55 -5.58 -11.25
CA GLU E 88 -24.80 -4.46 -10.36
C GLU E 88 -24.17 -3.17 -10.88
N ASP E 89 -23.04 -3.29 -11.57
CA ASP E 89 -22.27 -2.15 -12.06
C ASP E 89 -22.98 -1.39 -13.18
N THR E 90 -24.11 -1.90 -13.67
CA THR E 90 -24.93 -1.16 -14.62
C THR E 90 -25.40 0.16 -14.01
N ALA E 91 -24.94 1.28 -14.58
CA ALA E 91 -25.18 2.59 -13.98
C ALA E 91 -24.74 3.68 -14.96
N VAL E 92 -24.99 4.92 -14.55
CA VAL E 92 -24.40 6.09 -15.19
C VAL E 92 -23.18 6.49 -14.36
N TYR E 93 -22.05 6.68 -15.03
CA TYR E 93 -20.76 6.87 -14.37
C TYR E 93 -20.28 8.30 -14.56
N HIS E 94 -20.03 9.00 -13.45
CA HIS E 94 -19.57 10.39 -13.47
C HIS E 94 -18.13 10.48 -13.00
N CYS E 95 -17.43 11.50 -13.54
CA CYS E 95 -16.15 11.94 -13.02
C CYS E 95 -16.31 13.35 -12.46
N ALA E 96 -15.65 13.63 -11.34
CA ALA E 96 -15.79 14.90 -10.66
C ALA E 96 -14.45 15.33 -10.07
N ARG E 97 -14.31 16.63 -9.83
CA ARG E 97 -13.12 17.17 -9.20
C ARG E 97 -13.43 17.40 -7.73
N ASP E 98 -12.78 16.64 -6.85
CA ASP E 98 -12.94 16.84 -5.42
C ASP E 98 -12.01 17.94 -4.92
N LEU E 99 -12.57 18.84 -4.10
CA LEU E 99 -11.79 19.79 -3.31
C LEU E 99 -11.85 19.44 -1.82
N VAL E 100 -12.22 18.21 -1.51
CA VAL E 100 -12.23 17.67 -0.14
C VAL E 100 -13.12 18.53 0.75
N VAL E 101 -12.56 19.61 1.29
CA VAL E 101 -13.34 20.48 2.17
C VAL E 101 -14.40 21.23 1.36
N TYR E 102 -14.00 21.82 0.23
CA TYR E 102 -14.91 22.53 -0.67
C TYR E 102 -15.78 21.60 -1.49
N GLY E 103 -15.87 20.31 -1.14
CA GLY E 103 -16.66 19.30 -1.83
C GLY E 103 -16.20 19.10 -3.27
N MET E 104 -17.12 18.56 -4.05
CA MET E 104 -16.89 18.29 -5.47
C MET E 104 -17.62 19.36 -6.26
N ASP E 105 -16.88 20.30 -6.83
CA ASP E 105 -17.51 21.47 -7.44
C ASP E 105 -17.70 21.36 -8.95
N VAL E 106 -17.09 20.36 -9.60
CA VAL E 106 -17.20 20.20 -11.04
C VAL E 106 -17.56 18.75 -11.33
N TRP E 107 -18.61 18.54 -12.12
CA TRP E 107 -19.10 17.22 -12.47
C TRP E 107 -19.30 17.11 -13.98
N GLY E 108 -19.43 15.88 -14.45
CA GLY E 108 -19.74 15.60 -15.83
C GLY E 108 -21.09 14.91 -15.95
N GLN E 109 -21.75 15.11 -17.09
CA GLN E 109 -23.06 14.49 -17.29
C GLN E 109 -22.98 12.97 -17.36
N GLY E 110 -21.82 12.42 -17.72
CA GLY E 110 -21.56 11.01 -17.54
C GLY E 110 -21.82 10.19 -18.81
N THR E 111 -21.41 8.93 -18.72
CA THR E 111 -21.64 7.95 -19.77
C THR E 111 -22.29 6.72 -19.15
N THR E 112 -23.20 6.10 -19.89
CA THR E 112 -24.06 5.04 -19.35
C THR E 112 -23.43 3.67 -19.61
N VAL E 113 -23.40 2.84 -18.56
CA VAL E 113 -22.83 1.50 -18.63
C VAL E 113 -23.92 0.49 -18.34
N THR E 114 -24.01 -0.55 -19.17
CA THR E 114 -24.98 -1.60 -19.03
C THR E 114 -24.27 -2.95 -19.06
N VAL E 115 -24.70 -3.87 -18.20
CA VAL E 115 -24.12 -5.21 -18.13
C VAL E 115 -25.23 -6.24 -18.18
N SER E 116 -25.11 -7.21 -19.09
CA SER E 116 -26.11 -8.26 -19.28
C SER E 116 -25.68 -9.28 -20.33
N SER E 117 -25.91 -10.58 -20.07
CA SER E 117 -25.76 -11.60 -21.10
C SER E 117 -26.93 -11.60 -22.06
N ALA E 118 -27.78 -10.58 -21.93
CA ALA E 118 -28.91 -10.31 -22.80
C ALA E 118 -28.51 -10.23 -24.27
N SER E 119 -29.50 -10.35 -25.16
CA SER E 119 -29.31 -10.16 -26.59
C SER E 119 -29.95 -8.85 -27.05
N THR E 120 -30.69 -8.87 -28.15
CA THR E 120 -31.27 -7.64 -28.67
C THR E 120 -32.77 -7.76 -28.95
N LYS E 121 -33.23 -8.95 -29.40
CA LYS E 121 -34.63 -9.21 -29.75
C LYS E 121 -35.36 -8.03 -30.39
N GLY E 122 -36.65 -7.89 -30.10
CA GLY E 122 -37.46 -6.84 -30.66
C GLY E 122 -38.69 -6.56 -29.83
N PRO E 123 -39.02 -5.28 -29.65
CA PRO E 123 -40.16 -4.91 -28.82
C PRO E 123 -41.50 -5.26 -29.45
N SER E 124 -42.16 -6.28 -28.92
CA SER E 124 -43.51 -6.61 -29.38
C SER E 124 -44.50 -5.59 -28.83
N VAL E 125 -45.31 -5.01 -29.72
CA VAL E 125 -46.26 -3.97 -29.37
C VAL E 125 -47.65 -4.59 -29.35
N PHE E 126 -48.23 -4.72 -28.16
CA PHE E 126 -49.58 -5.24 -28.10
C PHE E 126 -50.56 -4.11 -27.78
N PRO E 127 -51.78 -4.20 -28.30
CA PRO E 127 -52.77 -3.15 -28.04
C PRO E 127 -53.41 -3.28 -26.68
N LEU E 128 -53.80 -2.14 -26.12
CA LEU E 128 -54.52 -2.05 -24.86
C LEU E 128 -55.89 -1.46 -25.18
N ALA E 129 -56.80 -2.31 -25.68
CA ALA E 129 -58.08 -1.92 -26.26
C ALA E 129 -59.13 -1.72 -25.18
N PRO E 130 -60.00 -0.73 -25.36
CA PRO E 130 -61.11 -0.51 -24.43
C PRO E 130 -62.37 -1.26 -24.85
N SER E 131 -63.33 -1.28 -23.94
CA SER E 131 -64.63 -1.91 -24.21
C SER E 131 -65.78 -1.01 -23.76
N GLY E 138 -67.87 9.95 -20.13
CA GLY E 138 -67.16 10.47 -18.97
C GLY E 138 -65.65 10.50 -19.22
N THR E 139 -65.16 9.39 -19.83
CA THR E 139 -63.75 9.28 -20.15
C THR E 139 -63.41 7.81 -20.35
N ALA E 140 -62.57 7.52 -21.35
CA ALA E 140 -62.11 6.17 -21.62
C ALA E 140 -60.59 6.19 -21.80
N ALA E 141 -59.98 5.01 -21.75
CA ALA E 141 -58.53 4.89 -21.79
C ALA E 141 -58.11 3.77 -22.74
N LEU E 142 -57.13 4.05 -23.60
CA LEU E 142 -56.52 3.06 -24.46
C LEU E 142 -55.01 3.24 -24.42
N GLY E 143 -54.27 2.17 -24.71
CA GLY E 143 -52.83 2.26 -24.67
C GLY E 143 -52.09 1.27 -25.55
N CYS E 144 -50.77 1.20 -25.39
CA CYS E 144 -49.94 0.25 -26.13
C CYS E 144 -48.91 -0.33 -25.19
N LEU E 145 -48.82 -1.66 -25.16
CA LEU E 145 -47.88 -2.37 -24.30
C LEU E 145 -46.64 -2.72 -25.13
N VAL E 146 -45.52 -2.09 -24.78
CA VAL E 146 -44.24 -2.37 -25.41
C VAL E 146 -43.50 -3.33 -24.50
N LYS E 147 -43.28 -4.55 -24.98
CA LYS E 147 -42.86 -5.65 -24.12
C LYS E 147 -41.71 -6.42 -24.76
N ASP E 148 -40.74 -6.79 -23.92
CA ASP E 148 -39.64 -7.67 -24.29
C ASP E 148 -38.74 -7.04 -25.35
N TYR E 149 -38.00 -6.02 -24.96
CA TYR E 149 -36.98 -5.41 -25.79
C TYR E 149 -35.80 -5.08 -24.89
N PHE E 150 -34.59 -5.11 -25.46
CA PHE E 150 -33.39 -4.96 -24.64
C PHE E 150 -32.13 -4.93 -25.51
N PRO E 151 -31.28 -3.90 -25.36
CA PRO E 151 -31.36 -2.92 -24.27
C PRO E 151 -32.29 -1.72 -24.51
N GLU E 152 -32.24 -0.77 -23.56
CA GLU E 152 -32.83 0.56 -23.64
C GLU E 152 -32.51 1.23 -24.98
N PRO E 153 -33.33 2.20 -25.41
CA PRO E 153 -34.66 2.55 -24.94
C PRO E 153 -35.68 2.52 -26.09
N VAL E 154 -36.89 3.03 -25.86
CA VAL E 154 -37.89 3.14 -26.92
C VAL E 154 -38.56 4.50 -26.84
N THR E 155 -39.03 4.97 -28.00
CA THR E 155 -39.78 6.21 -28.11
C THR E 155 -41.21 5.89 -28.50
N VAL E 156 -42.17 6.42 -27.74
CA VAL E 156 -43.58 6.17 -27.99
C VAL E 156 -44.27 7.50 -28.20
N SER E 157 -44.80 7.72 -29.40
CA SER E 157 -45.65 8.84 -29.72
C SER E 157 -47.01 8.32 -30.16
N TRP E 158 -47.96 9.25 -30.31
CA TRP E 158 -49.34 8.89 -30.62
C TRP E 158 -49.85 9.73 -31.78
N ASN E 159 -50.56 9.08 -32.71
CA ASN E 159 -51.08 9.73 -33.92
C ASN E 159 -49.96 10.42 -34.69
N SER E 160 -48.77 9.82 -34.67
CA SER E 160 -47.57 10.40 -35.29
C SER E 160 -47.26 11.78 -34.73
N GLY E 161 -47.53 11.98 -33.43
CA GLY E 161 -47.22 13.21 -32.74
C GLY E 161 -48.39 14.15 -32.56
N ALA E 162 -49.50 13.94 -33.28
CA ALA E 162 -50.63 14.85 -33.19
C ALA E 162 -51.23 14.84 -31.79
N LEU E 163 -51.56 13.66 -31.28
CA LEU E 163 -52.18 13.53 -29.97
C LEU E 163 -51.12 13.51 -28.89
N THR E 164 -51.15 14.50 -27.99
CA THR E 164 -50.17 14.57 -26.92
C THR E 164 -50.88 14.82 -25.59
N SER E 165 -52.05 15.43 -25.66
CA SER E 165 -52.78 15.79 -24.46
C SER E 165 -53.38 14.54 -23.81
N GLY E 166 -52.94 14.25 -22.59
CA GLY E 166 -53.40 13.10 -21.85
C GLY E 166 -52.55 11.86 -22.00
N VAL E 167 -51.40 11.96 -22.67
CA VAL E 167 -50.55 10.80 -22.91
C VAL E 167 -49.71 10.52 -21.66
N HIS E 168 -49.50 9.24 -21.37
CA HIS E 168 -48.63 8.82 -20.25
C HIS E 168 -47.73 7.71 -20.74
N THR E 169 -46.43 8.00 -20.89
CA THR E 169 -45.44 7.01 -21.23
C THR E 169 -44.71 6.58 -19.96
N PHE E 170 -44.82 5.31 -19.62
CA PHE E 170 -44.29 4.88 -18.34
C PHE E 170 -42.80 4.58 -18.45
N PRO E 171 -42.04 4.77 -17.37
CA PRO E 171 -40.66 4.30 -17.37
C PRO E 171 -40.63 2.78 -17.45
N ALA E 172 -39.64 2.27 -18.19
CA ALA E 172 -39.54 0.83 -18.40
C ALA E 172 -39.23 0.11 -17.11
N VAL E 173 -39.72 -1.12 -17.01
CA VAL E 173 -39.37 -2.04 -15.94
C VAL E 173 -38.59 -3.18 -16.56
N LEU E 174 -37.72 -3.79 -15.76
CA LEU E 174 -36.84 -4.86 -16.23
C LEU E 174 -37.37 -6.19 -15.70
N GLN E 175 -37.87 -7.03 -16.61
CA GLN E 175 -38.52 -8.26 -16.19
C GLN E 175 -37.48 -9.30 -15.77
N SER E 176 -38.00 -10.42 -15.25
CA SER E 176 -37.16 -11.51 -14.77
C SER E 176 -36.25 -12.05 -15.86
N SER E 177 -36.72 -12.07 -17.11
CA SER E 177 -35.96 -12.61 -18.23
C SER E 177 -34.76 -11.74 -18.60
N GLY E 178 -34.55 -10.62 -17.93
CA GLY E 178 -33.56 -9.67 -18.37
C GLY E 178 -34.06 -8.79 -19.50
N LEU E 179 -35.36 -8.58 -19.59
CA LEU E 179 -36.00 -7.93 -20.73
C LEU E 179 -36.80 -6.73 -20.22
N TYR E 180 -36.65 -5.59 -20.89
CA TYR E 180 -37.42 -4.43 -20.49
C TYR E 180 -38.87 -4.53 -21.01
N SER E 181 -39.71 -3.65 -20.47
CA SER E 181 -41.11 -3.56 -20.86
C SER E 181 -41.76 -2.34 -20.25
N LEU E 182 -42.52 -1.59 -21.04
CA LEU E 182 -43.25 -0.43 -20.54
C LEU E 182 -44.59 -0.33 -21.23
N SER E 183 -45.40 0.60 -20.74
CA SER E 183 -46.71 0.89 -21.30
C SER E 183 -46.78 2.37 -21.63
N SER E 184 -47.60 2.70 -22.62
CA SER E 184 -47.93 4.09 -22.93
C SER E 184 -49.41 4.17 -23.19
N VAL E 185 -50.08 5.11 -22.52
CA VAL E 185 -51.53 5.20 -22.53
C VAL E 185 -51.93 6.62 -22.90
N VAL E 186 -53.23 6.79 -23.15
CA VAL E 186 -53.82 8.11 -23.39
C VAL E 186 -55.30 8.06 -23.04
N THR E 187 -55.77 9.07 -22.32
CA THR E 187 -57.19 9.21 -22.02
C THR E 187 -57.82 10.18 -22.99
N VAL E 188 -58.89 9.74 -23.65
CA VAL E 188 -59.62 10.57 -24.62
C VAL E 188 -61.08 10.58 -24.22
N PRO E 189 -61.85 11.56 -24.70
CA PRO E 189 -63.30 11.56 -24.42
C PRO E 189 -63.95 10.28 -24.90
N SER E 190 -64.84 9.74 -24.07
CA SER E 190 -65.43 8.43 -24.33
C SER E 190 -66.20 8.40 -25.65
N SER E 191 -66.71 9.54 -26.09
CA SER E 191 -67.50 9.58 -27.32
C SER E 191 -66.63 9.35 -28.56
N SER E 192 -65.43 9.93 -28.57
CA SER E 192 -64.59 9.97 -29.76
C SER E 192 -64.03 8.59 -30.10
N LEU E 193 -64.57 7.54 -29.49
CA LEU E 193 -64.09 6.18 -29.78
C LEU E 193 -64.42 5.77 -31.22
N GLY E 194 -65.61 6.12 -31.71
CA GLY E 194 -66.01 5.67 -33.04
C GLY E 194 -65.54 6.54 -34.18
N THR E 195 -65.08 7.76 -33.90
CA THR E 195 -64.76 8.72 -34.93
C THR E 195 -63.26 8.92 -35.16
N GLN E 196 -62.46 8.92 -34.09
CA GLN E 196 -61.02 9.18 -34.21
C GLN E 196 -60.24 7.87 -34.25
N THR E 197 -59.20 7.86 -35.08
CA THR E 197 -58.30 6.71 -35.20
C THR E 197 -57.08 6.93 -34.30
N TYR E 198 -56.79 5.96 -33.44
CA TYR E 198 -55.69 6.04 -32.49
C TYR E 198 -54.65 4.99 -32.84
N ILE E 199 -53.47 5.43 -33.23
CA ILE E 199 -52.34 4.56 -33.55
C ILE E 199 -51.14 5.03 -32.75
N CYS E 200 -50.57 4.14 -31.93
CA CYS E 200 -49.33 4.44 -31.24
C CYS E 200 -48.14 4.19 -32.17
N ASN E 201 -47.13 5.02 -32.02
CA ASN E 201 -45.92 4.94 -32.85
C ASN E 201 -44.76 4.55 -31.95
N VAL E 202 -44.16 3.41 -32.22
CA VAL E 202 -43.10 2.85 -31.39
C VAL E 202 -41.86 2.69 -32.25
N ASN E 203 -40.70 3.00 -31.66
CA ASN E 203 -39.44 2.89 -32.38
C ASN E 203 -38.35 2.46 -31.41
N HIS E 204 -37.66 1.37 -31.73
CA HIS E 204 -36.53 0.86 -30.95
C HIS E 204 -35.32 0.85 -31.88
N LYS E 205 -34.52 1.91 -31.80
CA LYS E 205 -33.39 2.07 -32.71
C LYS E 205 -32.35 0.96 -32.59
N PRO E 206 -31.99 0.44 -31.41
CA PRO E 206 -31.03 -0.67 -31.36
C PRO E 206 -31.40 -1.86 -32.23
N SER E 207 -32.66 -2.31 -32.21
CA SER E 207 -33.07 -3.49 -32.95
C SER E 207 -33.66 -3.16 -34.32
N ASN E 208 -33.45 -1.94 -34.81
CA ASN E 208 -33.93 -1.52 -36.14
C ASN E 208 -35.42 -1.79 -36.28
N THR E 209 -36.19 -1.35 -35.28
CA THR E 209 -37.58 -1.76 -35.12
C THR E 209 -38.46 -0.54 -34.93
N LYS E 210 -39.33 -0.27 -35.90
CA LYS E 210 -40.36 0.76 -35.77
C LYS E 210 -41.71 0.14 -36.08
N VAL E 211 -42.71 0.44 -35.25
CA VAL E 211 -44.04 -0.17 -35.35
C VAL E 211 -45.10 0.92 -35.17
N ASP E 212 -46.15 0.84 -35.99
CA ASP E 212 -47.37 1.63 -35.81
C ASP E 212 -48.52 0.67 -35.59
N LYS E 213 -49.00 0.57 -34.36
CA LYS E 213 -50.08 -0.33 -34.01
C LYS E 213 -51.37 0.45 -33.80
N LYS E 214 -52.45 -0.03 -34.41
CA LYS E 214 -53.75 0.61 -34.30
C LYS E 214 -54.53 -0.01 -33.13
N VAL E 215 -55.06 0.85 -32.27
CA VAL E 215 -55.78 0.42 -31.07
C VAL E 215 -57.25 0.72 -31.27
N GLU E 216 -58.09 -0.29 -31.03
CA GLU E 216 -59.51 -0.18 -31.39
C GLU E 216 -60.43 -1.05 -30.53
N GLU F 1 -17.00 2.64 9.30
CA GLU F 1 -17.09 3.66 8.26
C GLU F 1 -18.20 4.65 8.55
N ILE F 2 -18.30 5.66 7.72
CA ILE F 2 -19.31 6.70 7.87
C ILE F 2 -20.53 6.32 7.04
N VAL F 3 -21.71 6.48 7.62
CA VAL F 3 -22.97 6.22 6.94
C VAL F 3 -23.91 7.39 7.19
N LEU F 4 -24.55 7.88 6.13
CA LEU F 4 -25.36 9.10 6.17
C LEU F 4 -26.80 8.75 5.84
N THR F 5 -27.70 8.95 6.81
CA THR F 5 -29.12 8.67 6.64
C THR F 5 -29.86 9.99 6.47
N GLN F 6 -30.45 10.20 5.29
CA GLN F 6 -31.22 11.40 5.00
C GLN F 6 -32.69 11.17 5.34
N SER F 7 -33.27 12.12 6.08
CA SER F 7 -34.68 12.11 6.41
C SER F 7 -35.33 13.39 5.92
N PRO F 8 -36.55 13.33 5.37
CA PRO F 8 -37.30 12.09 5.15
C PRO F 8 -36.94 11.40 3.83
N GLY F 9 -37.60 10.29 3.52
CA GLY F 9 -37.41 9.66 2.23
C GLY F 9 -37.88 10.54 1.08
N THR F 10 -38.89 11.37 1.32
CA THR F 10 -39.38 12.32 0.32
C THR F 10 -40.16 13.41 1.05
N LEU F 11 -39.90 14.67 0.71
CA LEU F 11 -40.55 15.80 1.34
C LEU F 11 -41.54 16.41 0.36
N SER F 12 -42.74 16.72 0.85
CA SER F 12 -43.86 17.15 0.01
C SER F 12 -44.33 18.53 0.45
N LEU F 13 -44.01 19.55 -0.34
CA LEU F 13 -44.35 20.93 -0.01
C LEU F 13 -44.64 21.70 -1.30
N SER F 14 -45.27 22.86 -1.15
CA SER F 14 -45.65 23.71 -2.26
C SER F 14 -44.72 24.92 -2.36
N PRO F 15 -44.69 25.61 -3.50
CA PRO F 15 -43.81 26.78 -3.65
C PRO F 15 -44.09 27.85 -2.61
N GLY F 16 -43.04 28.60 -2.27
CA GLY F 16 -43.11 29.66 -1.29
C GLY F 16 -42.86 29.23 0.14
N GLU F 17 -43.05 27.95 0.44
CA GLU F 17 -42.87 27.45 1.80
C GLU F 17 -41.39 27.19 2.08
N ARG F 18 -41.10 26.57 3.22
CA ARG F 18 -39.74 26.35 3.69
C ARG F 18 -39.49 24.87 3.87
N ALA F 19 -38.45 24.36 3.23
CA ALA F 19 -38.06 22.97 3.34
C ALA F 19 -36.94 22.82 4.37
N THR F 20 -37.01 21.76 5.16
CA THR F 20 -36.05 21.48 6.22
C THR F 20 -35.55 20.06 6.04
N LEU F 21 -34.42 19.90 5.34
CA LEU F 21 -33.88 18.59 5.03
C LEU F 21 -32.89 18.17 6.12
N SER F 22 -32.84 16.86 6.37
CA SER F 22 -32.07 16.30 7.47
C SER F 22 -31.09 15.27 6.96
N CYS F 23 -29.81 15.46 7.30
CA CYS F 23 -28.75 14.47 7.07
C CYS F 23 -28.23 14.02 8.42
N ARG F 24 -28.05 12.71 8.58
CA ARG F 24 -27.68 12.12 9.86
C ARG F 24 -26.53 11.15 9.67
N ALA F 25 -25.46 11.33 10.44
CA ALA F 25 -24.30 10.47 10.40
C ALA F 25 -24.39 9.40 11.49
N SER F 26 -23.55 8.37 11.35
CA SER F 26 -23.53 7.25 12.29
C SER F 26 -22.61 7.48 13.48
N GLN F 27 -21.54 8.27 13.31
CA GLN F 27 -20.66 8.67 14.40
C GLN F 27 -20.45 10.17 14.34
N SER F 28 -19.74 10.69 15.34
CA SER F 28 -19.43 12.13 15.34
C SER F 28 -18.58 12.47 14.13
N VAL F 29 -18.87 13.62 13.53
CA VAL F 29 -18.40 13.92 12.18
C VAL F 29 -17.96 15.37 12.12
N SER F 30 -16.88 15.62 11.40
CA SER F 30 -16.40 16.98 11.16
C SER F 30 -17.39 17.76 10.31
N SER F 31 -17.48 19.05 10.59
CA SER F 31 -18.37 19.95 9.87
C SER F 31 -17.73 20.59 8.65
N SER F 32 -16.49 20.23 8.31
CA SER F 32 -15.80 20.85 7.18
C SER F 32 -15.90 20.05 5.89
N TYR F 33 -16.45 18.84 5.96
CA TYR F 33 -16.47 17.95 4.81
C TYR F 33 -17.88 17.72 4.28
N LEU F 34 -18.90 18.26 4.94
CA LEU F 34 -20.28 17.85 4.67
C LEU F 34 -20.90 18.79 3.64
N ALA F 35 -20.84 18.37 2.38
CA ALA F 35 -21.39 19.13 1.28
C ALA F 35 -22.83 18.72 0.98
N TRP F 36 -23.60 19.66 0.45
CA TRP F 36 -24.95 19.43 -0.03
C TRP F 36 -24.98 19.58 -1.55
N TYR F 37 -25.64 18.66 -2.22
CA TYR F 37 -25.74 18.68 -3.68
C TYR F 37 -27.19 18.67 -4.12
N GLN F 38 -27.44 19.27 -5.27
CA GLN F 38 -28.75 19.30 -5.91
C GLN F 38 -28.66 18.58 -7.25
N GLN F 39 -29.59 17.67 -7.50
CA GLN F 39 -29.63 16.95 -8.77
C GLN F 39 -31.04 16.99 -9.34
N LYS F 40 -31.16 17.52 -10.54
CA LYS F 40 -32.31 17.60 -11.41
C LYS F 40 -32.27 16.45 -12.43
N PRO F 41 -33.43 15.93 -12.81
CA PRO F 41 -33.47 14.68 -13.59
C PRO F 41 -32.59 14.73 -14.84
N GLY F 42 -31.87 13.64 -15.09
CA GLY F 42 -31.04 13.54 -16.28
C GLY F 42 -29.86 14.46 -16.33
N GLN F 43 -29.47 15.08 -15.21
CA GLN F 43 -28.32 15.95 -15.15
C GLN F 43 -27.39 15.55 -14.02
N ALA F 44 -26.15 16.03 -14.09
CA ALA F 44 -25.19 15.84 -13.02
C ALA F 44 -25.57 16.69 -11.81
N PRO F 45 -25.08 16.33 -10.63
CA PRO F 45 -25.38 17.13 -9.44
C PRO F 45 -24.76 18.52 -9.50
N ARG F 46 -25.29 19.41 -8.66
CA ARG F 46 -24.75 20.74 -8.45
C ARG F 46 -24.32 20.89 -7.00
N LEU F 47 -23.14 21.45 -6.78
CA LEU F 47 -22.71 21.73 -5.43
C LEU F 47 -23.44 22.96 -4.90
N LEU F 48 -24.12 22.79 -3.77
CA LEU F 48 -24.88 23.86 -3.14
C LEU F 48 -24.19 24.39 -1.89
N ILE F 49 -23.96 23.50 -0.92
CA ILE F 49 -23.30 23.82 0.33
C ILE F 49 -21.99 23.04 0.37
N TYR F 50 -20.93 23.70 0.83
CA TYR F 50 -19.71 22.99 1.20
C TYR F 50 -19.31 23.41 2.61
N GLY F 51 -18.34 22.67 3.16
CA GLY F 51 -18.10 22.76 4.58
C GLY F 51 -19.32 22.26 5.32
N ALA F 52 -20.08 23.17 5.91
CA ALA F 52 -21.40 22.84 6.42
C ALA F 52 -22.42 23.96 6.28
N SER F 53 -21.98 25.18 5.99
CA SER F 53 -22.86 26.34 5.98
C SER F 53 -22.55 27.32 4.85
N SER F 54 -21.65 26.98 3.94
CA SER F 54 -21.11 27.93 2.97
C SER F 54 -21.74 27.69 1.60
N ARG F 55 -22.25 28.76 0.99
CA ARG F 55 -22.82 28.68 -0.35
C ARG F 55 -21.70 28.65 -1.38
N ALA F 56 -21.70 27.63 -2.24
CA ALA F 56 -20.86 27.68 -3.42
C ALA F 56 -21.23 28.91 -4.24
N THR F 57 -20.27 29.41 -5.01
CA THR F 57 -20.53 30.58 -5.84
C THR F 57 -21.64 30.28 -6.84
N GLY F 58 -22.45 31.30 -7.13
CA GLY F 58 -23.60 31.13 -7.99
C GLY F 58 -24.80 30.49 -7.34
N ILE F 59 -24.69 30.05 -6.10
CA ILE F 59 -25.82 29.47 -5.36
C ILE F 59 -26.56 30.61 -4.67
N PRO F 60 -27.84 30.83 -4.99
CA PRO F 60 -28.56 31.99 -4.43
C PRO F 60 -28.80 31.86 -2.93
N ASP F 61 -29.50 32.86 -2.37
CA ASP F 61 -29.55 33.06 -0.93
C ASP F 61 -30.58 32.19 -0.23
N ARG F 62 -31.47 31.53 -0.98
CA ARG F 62 -32.49 30.70 -0.37
C ARG F 62 -31.87 29.47 0.29
N PHE F 63 -30.72 29.03 -0.20
CA PHE F 63 -30.05 27.83 0.30
C PHE F 63 -29.17 28.17 1.50
N SER F 64 -29.17 27.28 2.49
CA SER F 64 -28.48 27.53 3.74
C SER F 64 -28.26 26.23 4.48
N GLY F 65 -27.02 25.93 4.82
CA GLY F 65 -26.70 24.78 5.64
C GLY F 65 -26.55 25.15 7.10
N SER F 66 -26.47 24.13 7.94
CA SER F 66 -26.34 24.32 9.38
C SER F 66 -26.01 22.97 10.01
N GLY F 67 -25.93 22.96 11.34
CA GLY F 67 -25.72 21.75 12.11
C GLY F 67 -24.27 21.37 12.25
N SER F 68 -24.02 20.37 13.09
CA SER F 68 -22.68 19.87 13.35
C SER F 68 -22.78 18.50 14.00
N GLY F 69 -21.63 17.97 14.41
CA GLY F 69 -21.57 16.70 15.13
C GLY F 69 -22.11 15.51 14.38
N THR F 70 -23.43 15.30 14.45
CA THR F 70 -24.09 14.21 13.73
C THR F 70 -25.36 14.62 13.00
N ASP F 71 -25.94 15.78 13.31
CA ASP F 71 -27.16 16.25 12.66
C ASP F 71 -26.87 17.56 11.93
N PHE F 72 -27.15 17.58 10.64
CA PHE F 72 -26.94 18.73 9.78
C PHE F 72 -28.22 19.00 9.01
N THR F 73 -28.46 20.26 8.66
CA THR F 73 -29.76 20.65 8.11
C THR F 73 -29.57 21.63 6.95
N LEU F 74 -29.85 21.17 5.74
CA LEU F 74 -30.04 22.08 4.62
C LEU F 74 -31.44 22.67 4.71
N THR F 75 -31.55 23.98 4.58
CA THR F 75 -32.83 24.66 4.63
C THR F 75 -32.95 25.63 3.46
N ILE F 76 -34.13 25.65 2.85
CA ILE F 76 -34.44 26.55 1.75
C ILE F 76 -35.55 27.47 2.24
N SER F 77 -35.24 28.76 2.37
CA SER F 77 -36.16 29.74 2.94
C SER F 77 -37.47 29.80 2.18
N ARG F 78 -37.46 30.38 0.97
CA ARG F 78 -38.65 30.54 0.16
C ARG F 78 -38.47 29.74 -1.12
N LEU F 79 -39.18 28.61 -1.21
CA LEU F 79 -39.02 27.70 -2.34
C LEU F 79 -39.48 28.34 -3.64
N GLU F 80 -38.76 28.04 -4.71
CA GLU F 80 -39.09 28.41 -6.07
C GLU F 80 -39.36 27.15 -6.90
N PRO F 81 -39.86 27.31 -8.13
CA PRO F 81 -40.08 26.12 -8.97
C PRO F 81 -38.81 25.34 -9.27
N GLU F 82 -37.70 26.01 -9.62
CA GLU F 82 -36.51 25.27 -10.03
C GLU F 82 -35.83 24.55 -8.87
N ASP F 83 -36.36 24.65 -7.65
CA ASP F 83 -35.76 24.01 -6.50
C ASP F 83 -36.36 22.64 -6.20
N PHE F 84 -37.33 22.18 -6.98
CA PHE F 84 -37.86 20.83 -6.83
C PHE F 84 -36.94 19.86 -7.56
N ALA F 85 -36.19 19.07 -6.78
CA ALA F 85 -35.25 18.10 -7.33
C ALA F 85 -34.91 17.09 -6.23
N VAL F 86 -33.75 16.46 -6.34
CA VAL F 86 -33.25 15.54 -5.31
C VAL F 86 -31.96 16.13 -4.74
N TYR F 87 -31.76 15.91 -3.44
CA TYR F 87 -30.67 16.56 -2.70
C TYR F 87 -29.93 15.50 -1.90
N TYR F 88 -28.61 15.39 -2.13
CA TYR F 88 -27.74 14.45 -1.44
C TYR F 88 -26.77 15.19 -0.52
N CYS F 89 -26.35 14.53 0.54
CA CYS F 89 -25.33 15.06 1.44
C CYS F 89 -24.08 14.18 1.42
N GLN F 90 -22.92 14.83 1.53
CA GLN F 90 -21.63 14.17 1.48
C GLN F 90 -20.94 14.25 2.84
N GLN F 91 -20.14 13.24 3.14
CA GLN F 91 -19.15 13.30 4.21
C GLN F 91 -17.95 12.51 3.71
N TYR F 92 -16.78 12.76 4.31
CA TYR F 92 -15.54 12.33 3.67
C TYR F 92 -14.50 12.09 4.76
N GLY F 93 -14.28 10.83 5.11
CA GLY F 93 -13.23 10.48 6.06
C GLY F 93 -11.95 10.10 5.37
N SER F 94 -11.73 8.80 5.18
CA SER F 94 -10.68 8.34 4.28
C SER F 94 -11.10 8.44 2.83
N SER F 95 -12.41 8.45 2.57
CA SER F 95 -12.95 8.40 1.23
C SER F 95 -14.39 8.88 1.28
N PRO F 96 -14.97 9.26 0.14
CA PRO F 96 -16.31 9.87 0.17
C PRO F 96 -17.39 8.83 0.44
N THR F 97 -18.44 9.29 1.10
CA THR F 97 -19.68 8.54 1.26
C THR F 97 -20.84 9.50 1.08
N PHE F 98 -21.91 9.05 0.43
CA PHE F 98 -23.09 9.86 0.23
C PHE F 98 -24.27 9.31 1.04
N GLY F 99 -25.33 10.13 1.10
CA GLY F 99 -26.61 9.68 1.61
C GLY F 99 -27.49 9.12 0.50
N GLN F 100 -28.60 8.51 0.89
CA GLN F 100 -29.44 7.84 -0.09
C GLN F 100 -30.24 8.83 -0.93
N GLY F 101 -30.53 10.01 -0.40
CA GLY F 101 -31.23 11.01 -1.17
C GLY F 101 -32.58 11.40 -0.61
N THR F 102 -32.96 12.66 -0.84
CA THR F 102 -34.25 13.20 -0.40
C THR F 102 -34.90 13.91 -1.57
N LYS F 103 -36.18 13.61 -1.81
CA LYS F 103 -36.92 14.14 -2.95
C LYS F 103 -37.87 15.24 -2.50
N LEU F 104 -37.88 16.34 -3.24
CA LEU F 104 -38.90 17.37 -3.06
C LEU F 104 -40.07 17.13 -4.01
N GLU F 105 -41.27 17.44 -3.53
CA GLU F 105 -42.50 17.04 -4.17
C GLU F 105 -43.55 18.12 -3.95
N ILE F 106 -44.36 18.39 -4.98
CA ILE F 106 -45.32 19.48 -4.95
C ILE F 106 -46.63 18.97 -4.33
N LYS F 107 -46.97 19.51 -3.16
CA LYS F 107 -48.23 19.18 -2.51
C LYS F 107 -49.40 19.81 -3.26
N ARG F 108 -50.42 19.01 -3.55
CA ARG F 108 -51.59 19.46 -4.30
C ARG F 108 -52.86 18.95 -3.60
N THR F 109 -54.00 19.45 -4.06
CA THR F 109 -55.31 18.86 -3.81
C THR F 109 -55.23 17.35 -3.80
N VAL F 110 -55.85 16.74 -2.79
CA VAL F 110 -55.96 15.29 -2.71
C VAL F 110 -56.93 14.85 -3.81
N ALA F 111 -56.41 14.21 -4.86
CA ALA F 111 -57.18 13.86 -6.04
C ALA F 111 -57.26 12.34 -6.18
N ALA F 112 -58.46 11.84 -6.50
CA ALA F 112 -58.73 10.43 -6.68
C ALA F 112 -58.19 9.95 -8.03
N PRO F 113 -57.86 8.68 -8.16
CA PRO F 113 -57.34 8.16 -9.43
C PRO F 113 -58.46 7.83 -10.41
N SER F 114 -58.05 7.54 -11.64
CA SER F 114 -58.93 7.02 -12.67
C SER F 114 -58.52 5.57 -12.91
N VAL F 115 -59.40 4.64 -12.60
CA VAL F 115 -59.05 3.23 -12.49
C VAL F 115 -59.55 2.50 -13.73
N PHE F 116 -58.63 1.89 -14.48
CA PHE F 116 -58.95 1.09 -15.66
C PHE F 116 -58.23 -0.25 -15.58
N ILE F 117 -58.88 -1.30 -16.09
CA ILE F 117 -58.27 -2.62 -16.19
C ILE F 117 -58.40 -3.09 -17.63
N PHE F 118 -57.34 -3.75 -18.13
CA PHE F 118 -57.29 -4.25 -19.49
C PHE F 118 -57.07 -5.75 -19.49
N PRO F 119 -57.68 -6.45 -20.44
CA PRO F 119 -57.38 -7.86 -20.62
C PRO F 119 -56.20 -8.04 -21.56
N PRO F 120 -55.63 -9.24 -21.63
CA PRO F 120 -54.54 -9.46 -22.60
C PRO F 120 -55.04 -9.41 -24.03
N SER F 121 -54.25 -8.80 -24.89
CA SER F 121 -54.56 -8.78 -26.32
C SER F 121 -54.59 -10.21 -26.85
N ASP F 122 -55.43 -10.42 -27.88
CA ASP F 122 -55.54 -11.76 -28.46
C ASP F 122 -54.24 -12.20 -29.11
N GLU F 123 -53.44 -11.24 -29.58
CA GLU F 123 -52.14 -11.57 -30.17
C GLU F 123 -51.23 -12.22 -29.15
N GLN F 124 -51.11 -11.61 -27.96
CA GLN F 124 -50.21 -12.13 -26.94
C GLN F 124 -50.65 -13.51 -26.47
N LEU F 125 -51.94 -13.79 -26.49
CA LEU F 125 -52.45 -15.11 -26.12
C LEU F 125 -52.06 -16.18 -27.13
N LYS F 126 -51.53 -15.79 -28.29
CA LYS F 126 -50.90 -16.75 -29.20
C LYS F 126 -49.45 -17.02 -28.81
N SER F 127 -48.75 -15.99 -28.31
CA SER F 127 -47.35 -16.17 -27.95
C SER F 127 -47.16 -17.06 -26.73
N GLY F 128 -48.17 -17.18 -25.89
CA GLY F 128 -48.12 -18.05 -24.73
C GLY F 128 -47.99 -17.38 -23.38
N THR F 129 -48.05 -16.05 -23.33
CA THR F 129 -47.97 -15.30 -22.08
C THR F 129 -49.09 -14.27 -22.08
N ALA F 130 -49.66 -14.03 -20.90
CA ALA F 130 -50.73 -13.05 -20.73
C ALA F 130 -50.27 -11.95 -19.79
N SER F 131 -50.35 -10.71 -20.24
CA SER F 131 -50.11 -9.53 -19.42
C SER F 131 -51.43 -8.84 -19.15
N VAL F 132 -51.78 -8.70 -17.87
CA VAL F 132 -52.99 -8.00 -17.46
C VAL F 132 -52.53 -6.68 -16.84
N VAL F 133 -52.84 -5.58 -17.52
CA VAL F 133 -52.39 -4.25 -17.11
C VAL F 133 -53.52 -3.54 -16.39
N CYS F 134 -53.19 -2.87 -15.29
CA CYS F 134 -54.12 -2.03 -14.55
C CYS F 134 -53.54 -0.62 -14.50
N LEU F 135 -54.29 0.35 -15.02
CA LEU F 135 -53.84 1.73 -15.08
C LEU F 135 -54.56 2.58 -14.04
N LEU F 136 -53.78 3.41 -13.33
CA LEU F 136 -54.30 4.39 -12.38
C LEU F 136 -53.92 5.77 -12.89
N ASN F 137 -54.88 6.50 -13.44
CA ASN F 137 -54.63 7.76 -14.13
C ASN F 137 -54.80 8.94 -13.19
N ASN F 138 -53.71 9.71 -13.01
CA ASN F 138 -53.68 10.99 -12.33
C ASN F 138 -54.40 10.98 -10.98
N PHE F 139 -53.64 10.68 -9.92
CA PHE F 139 -54.09 10.74 -8.55
C PHE F 139 -53.10 11.56 -7.74
N TYR F 140 -53.49 11.93 -6.52
CA TYR F 140 -52.54 12.55 -5.62
C TYR F 140 -53.09 12.37 -4.21
N PRO F 141 -52.25 12.01 -3.23
CA PRO F 141 -50.80 11.87 -3.33
C PRO F 141 -50.33 10.61 -4.06
N ARG F 142 -49.02 10.53 -4.30
CA ARG F 142 -48.42 9.42 -5.03
C ARG F 142 -48.74 8.07 -4.39
N GLU F 143 -49.11 8.05 -3.11
CA GLU F 143 -49.15 6.83 -2.33
C GLU F 143 -50.45 6.06 -2.57
N ALA F 144 -50.33 4.84 -3.09
CA ALA F 144 -51.49 4.02 -3.44
C ALA F 144 -51.10 2.55 -3.37
N LYS F 145 -52.12 1.69 -3.48
CA LYS F 145 -51.92 0.25 -3.39
C LYS F 145 -52.80 -0.47 -4.42
N VAL F 146 -52.17 -1.30 -5.25
CA VAL F 146 -52.83 -2.08 -6.28
C VAL F 146 -52.83 -3.53 -5.85
N GLN F 147 -54.01 -4.13 -5.77
CA GLN F 147 -54.17 -5.51 -5.30
C GLN F 147 -54.84 -6.33 -6.39
N TRP F 148 -54.09 -7.26 -6.97
CA TRP F 148 -54.63 -8.17 -7.99
C TRP F 148 -55.37 -9.33 -7.33
N LYS F 149 -56.60 -9.56 -7.75
CA LYS F 149 -57.40 -10.70 -7.29
C LYS F 149 -57.81 -11.54 -8.49
N VAL F 150 -57.55 -12.84 -8.42
CA VAL F 150 -57.89 -13.80 -9.47
C VAL F 150 -58.75 -14.89 -8.84
N ASP F 151 -59.97 -15.05 -9.36
CA ASP F 151 -61.02 -15.86 -8.74
C ASP F 151 -60.97 -15.78 -7.22
N ASN F 152 -61.19 -14.58 -6.68
CA ASN F 152 -61.22 -14.37 -5.24
C ASN F 152 -60.01 -14.99 -4.55
N ALA F 153 -58.83 -14.71 -5.12
CA ALA F 153 -57.57 -15.18 -4.56
C ALA F 153 -56.53 -14.09 -4.74
N LEU F 154 -55.96 -13.63 -3.63
CA LEU F 154 -54.97 -12.57 -3.65
C LEU F 154 -53.75 -13.00 -4.47
N GLN F 155 -53.27 -12.09 -5.31
CA GLN F 155 -52.09 -12.34 -6.13
C GLN F 155 -50.88 -11.65 -5.53
N SER F 156 -49.76 -12.36 -5.51
CA SER F 156 -48.56 -11.91 -4.81
C SER F 156 -47.32 -12.36 -5.57
N GLY F 157 -46.41 -11.41 -5.83
CA GLY F 157 -45.11 -11.70 -6.38
C GLY F 157 -45.04 -11.88 -7.88
N ASN F 158 -46.16 -11.77 -8.58
CA ASN F 158 -46.18 -11.92 -10.03
C ASN F 158 -46.58 -10.63 -10.75
N SER F 159 -46.57 -9.50 -10.06
CA SER F 159 -46.86 -8.21 -10.70
C SER F 159 -45.66 -7.30 -10.59
N GLN F 160 -45.68 -6.23 -11.39
CA GLN F 160 -44.64 -5.21 -11.37
C GLN F 160 -45.29 -3.85 -11.58
N GLU F 161 -44.68 -2.81 -11.02
CA GLU F 161 -45.24 -1.47 -11.10
C GLU F 161 -44.23 -0.48 -11.65
N SER F 162 -44.76 0.65 -12.13
CA SER F 162 -43.95 1.78 -12.55
C SER F 162 -44.81 3.04 -12.48
N VAL F 163 -44.16 4.17 -12.22
CA VAL F 163 -44.82 5.45 -12.00
C VAL F 163 -44.09 6.50 -12.83
N THR F 164 -44.81 7.53 -13.26
CA THR F 164 -44.23 8.63 -14.02
C THR F 164 -43.81 9.75 -13.08
N GLU F 165 -42.93 10.61 -13.58
CA GLU F 165 -42.52 11.79 -12.84
C GLU F 165 -43.70 12.73 -12.63
N GLN F 166 -43.71 13.41 -11.48
CA GLN F 166 -44.80 14.32 -11.14
C GLN F 166 -45.08 15.28 -12.29
N ASP F 167 -46.30 15.21 -12.80
CA ASP F 167 -46.64 15.90 -14.04
C ASP F 167 -46.53 17.41 -13.89
N SER F 168 -45.87 18.05 -14.84
CA SER F 168 -45.61 19.48 -14.78
C SER F 168 -46.83 20.34 -15.09
N LYS F 169 -47.99 19.74 -15.35
CA LYS F 169 -49.20 20.47 -15.71
C LYS F 169 -50.20 20.51 -14.57
N ASP F 170 -50.57 19.35 -14.02
CA ASP F 170 -51.52 19.27 -12.93
C ASP F 170 -50.91 18.65 -11.68
N SER F 171 -49.59 18.55 -11.63
CA SER F 171 -48.84 18.01 -10.49
C SER F 171 -49.51 16.79 -9.87
N THR F 172 -49.69 15.76 -10.70
CA THR F 172 -50.24 14.48 -10.30
C THR F 172 -49.37 13.36 -10.85
N TYR F 173 -49.65 12.13 -10.39
CA TYR F 173 -48.88 10.94 -10.76
C TYR F 173 -49.74 9.95 -11.53
N SER F 174 -49.07 8.99 -12.16
CA SER F 174 -49.75 7.92 -12.89
C SER F 174 -48.99 6.63 -12.67
N LEU F 175 -49.71 5.52 -12.58
CA LEU F 175 -49.09 4.25 -12.21
C LEU F 175 -49.57 3.13 -13.13
N SER F 176 -48.65 2.21 -13.45
CA SER F 176 -48.92 1.03 -14.25
C SER F 176 -48.50 -0.21 -13.49
N SER F 177 -49.46 -1.09 -13.21
CA SER F 177 -49.19 -2.36 -12.54
C SER F 177 -49.47 -3.50 -13.52
N THR F 178 -48.43 -4.25 -13.88
CA THR F 178 -48.54 -5.32 -14.86
C THR F 178 -48.51 -6.67 -14.16
N LEU F 179 -49.61 -7.41 -14.28
CA LEU F 179 -49.65 -8.80 -13.88
C LEU F 179 -49.25 -9.67 -15.07
N THR F 180 -48.32 -10.59 -14.86
CA THR F 180 -47.85 -11.47 -15.91
C THR F 180 -48.15 -12.93 -15.55
N LEU F 181 -48.69 -13.66 -16.51
CA LEU F 181 -49.15 -15.03 -16.29
C LEU F 181 -48.96 -15.84 -17.56
N SER F 182 -48.85 -17.16 -17.39
CA SER F 182 -48.76 -18.06 -18.53
C SER F 182 -50.15 -18.27 -19.13
N LYS F 183 -50.18 -18.49 -20.45
CA LYS F 183 -51.46 -18.73 -21.12
C LYS F 183 -52.20 -19.90 -20.49
N ALA F 184 -51.47 -20.95 -20.10
CA ALA F 184 -52.10 -22.11 -19.49
C ALA F 184 -52.74 -21.76 -18.15
N ASP F 185 -52.02 -21.00 -17.32
CA ASP F 185 -52.55 -20.60 -16.02
C ASP F 185 -53.57 -19.47 -16.13
N TYR F 186 -53.52 -18.70 -17.22
CA TYR F 186 -54.57 -17.71 -17.48
C TYR F 186 -55.91 -18.37 -17.74
N GLU F 187 -55.92 -19.38 -18.60
CA GLU F 187 -57.14 -20.09 -18.97
C GLU F 187 -57.72 -20.92 -17.83
N LYS F 188 -57.13 -20.86 -16.63
CA LYS F 188 -57.57 -21.65 -15.49
C LYS F 188 -58.48 -20.87 -14.55
N HIS F 189 -58.74 -19.59 -14.83
CA HIS F 189 -59.57 -18.75 -13.97
C HIS F 189 -60.49 -17.90 -14.85
N LYS F 190 -61.28 -17.04 -14.20
CA LYS F 190 -62.31 -16.33 -14.95
C LYS F 190 -62.41 -14.85 -14.58
N VAL F 191 -62.39 -14.51 -13.30
CA VAL F 191 -62.60 -13.14 -12.85
C VAL F 191 -61.24 -12.52 -12.52
N TYR F 192 -60.85 -11.49 -13.27
CA TYR F 192 -59.64 -10.75 -13.01
C TYR F 192 -60.01 -9.34 -12.55
N ALA F 193 -59.56 -8.98 -11.36
CA ALA F 193 -59.92 -7.71 -10.75
C ALA F 193 -58.65 -6.99 -10.29
N CYS F 194 -58.78 -5.69 -10.10
CA CYS F 194 -57.68 -4.83 -9.67
C CYS F 194 -58.29 -3.81 -8.71
N GLU F 195 -58.17 -4.06 -7.41
CA GLU F 195 -58.83 -3.25 -6.39
C GLU F 195 -57.84 -2.22 -5.84
N VAL F 196 -58.05 -0.95 -6.18
CA VAL F 196 -57.17 0.15 -5.83
C VAL F 196 -57.62 0.77 -4.53
N THR F 197 -56.66 1.20 -3.70
CA THR F 197 -56.94 1.88 -2.44
C THR F 197 -56.13 3.16 -2.39
N HIS F 198 -56.83 4.30 -2.37
CA HIS F 198 -56.19 5.61 -2.39
C HIS F 198 -56.91 6.54 -1.43
N GLN F 199 -56.24 7.65 -1.11
CA GLN F 199 -56.79 8.63 -0.17
C GLN F 199 -57.98 9.39 -0.74
N GLY F 200 -58.09 9.51 -2.07
CA GLY F 200 -59.19 10.19 -2.71
C GLY F 200 -60.42 9.35 -2.97
N LEU F 201 -60.42 8.09 -2.52
CA LEU F 201 -61.55 7.19 -2.68
C LEU F 201 -62.14 6.90 -1.32
N SER F 202 -63.46 7.04 -1.18
CA SER F 202 -64.10 6.76 0.09
C SER F 202 -64.11 5.27 0.41
N SER F 203 -64.07 4.43 -0.61
CA SER F 203 -63.92 2.99 -0.46
C SER F 203 -63.13 2.47 -1.65
N PRO F 204 -62.44 1.33 -1.51
CA PRO F 204 -61.57 0.86 -2.59
C PRO F 204 -62.34 0.58 -3.88
N VAL F 205 -61.95 1.27 -4.94
CA VAL F 205 -62.50 1.02 -6.27
C VAL F 205 -61.98 -0.31 -6.80
N THR F 206 -62.83 -1.05 -7.49
CA THR F 206 -62.47 -2.33 -8.09
C THR F 206 -63.00 -2.38 -9.51
N LYS F 207 -62.11 -2.27 -10.48
CA LYS F 207 -62.46 -2.58 -11.86
C LYS F 207 -62.12 -4.04 -12.13
N SER F 208 -62.86 -4.65 -13.05
CA SER F 208 -62.69 -6.07 -13.29
C SER F 208 -63.27 -6.47 -14.63
N PHE F 209 -62.78 -7.58 -15.15
CA PHE F 209 -63.31 -8.19 -16.36
C PHE F 209 -63.38 -9.70 -16.15
N ASN F 210 -64.19 -10.36 -16.98
CA ASN F 210 -64.28 -11.81 -16.98
C ASN F 210 -63.72 -12.35 -18.29
N ARG F 211 -62.83 -13.34 -18.19
CA ARG F 211 -62.05 -13.79 -19.33
C ARG F 211 -62.93 -14.27 -20.46
N GLY F 212 -62.60 -13.85 -21.68
CA GLY F 212 -63.32 -14.23 -22.88
C GLY F 212 -64.74 -13.71 -22.96
N GLU F 213 -64.96 -12.43 -22.64
CA GLU F 213 -66.29 -11.84 -22.62
C GLU F 213 -66.22 -10.46 -23.28
N CYS F 214 -66.64 -10.39 -24.54
CA CYS F 214 -66.61 -9.15 -25.32
C CYS F 214 -67.33 -8.01 -24.60
N SER G 1 16.95 33.61 34.92
CA SER G 1 16.60 32.57 33.96
C SER G 1 17.85 31.97 33.32
N TYR G 2 17.66 31.32 32.17
CA TYR G 2 18.75 30.61 31.52
C TYR G 2 19.80 31.58 30.97
N VAL G 3 20.99 31.05 30.71
CA VAL G 3 22.14 31.86 30.31
C VAL G 3 22.80 31.25 29.08
N LEU G 4 23.21 32.11 28.15
CA LEU G 4 23.82 31.72 26.89
C LEU G 4 25.08 32.56 26.67
N THR G 5 26.19 31.90 26.34
CA THR G 5 27.49 32.56 26.29
C THR G 5 28.06 32.47 24.87
N GLN G 6 28.16 33.60 24.20
CA GLN G 6 28.73 33.74 22.87
C GLN G 6 30.07 34.47 22.94
N PRO G 7 30.99 34.21 22.03
CA PRO G 7 32.16 35.07 21.88
C PRO G 7 31.76 36.39 21.24
N PRO G 8 32.22 37.52 21.78
CA PRO G 8 31.78 38.81 21.22
C PRO G 8 32.31 39.10 19.82
N SER G 9 33.48 38.62 19.44
CA SER G 9 34.01 38.87 18.11
C SER G 9 34.84 37.69 17.65
N VAL G 10 34.71 37.35 16.36
CA VAL G 10 35.44 36.25 15.73
C VAL G 10 35.99 36.77 14.40
N SER G 11 37.26 36.46 14.12
CA SER G 11 37.93 36.96 12.94
C SER G 11 38.31 35.79 12.03
N VAL G 12 37.84 35.85 10.79
CA VAL G 12 38.04 34.77 9.82
C VAL G 12 38.45 35.38 8.49
N ALA G 13 39.27 34.64 7.74
CA ALA G 13 39.71 35.06 6.42
C ALA G 13 38.63 34.79 5.37
N PRO G 14 38.65 35.54 4.26
CA PRO G 14 37.64 35.34 3.21
C PRO G 14 37.73 33.95 2.58
N GLY G 15 36.62 33.23 2.61
CA GLY G 15 36.50 31.91 2.03
C GLY G 15 36.61 30.77 3.01
N LYS G 16 37.09 31.01 4.22
CA LYS G 16 37.39 29.94 5.17
C LYS G 16 36.19 29.68 6.05
N THR G 17 36.33 28.73 6.97
CA THR G 17 35.24 28.33 7.85
C THR G 17 35.33 29.11 9.16
N ALA G 18 34.26 29.86 9.47
CA ALA G 18 34.13 30.56 10.74
C ALA G 18 33.28 29.73 11.69
N ARG G 19 33.71 29.65 12.94
CA ARG G 19 33.03 28.86 13.96
C ARG G 19 32.67 29.75 15.15
N ILE G 20 31.38 29.86 15.44
CA ILE G 20 30.88 30.61 16.58
C ILE G 20 30.25 29.64 17.56
N THR G 21 30.67 29.71 18.82
CA THR G 21 30.17 28.81 19.84
C THR G 21 29.04 29.45 20.63
N CYS G 22 28.18 28.61 21.18
CA CYS G 22 27.04 29.04 21.98
C CYS G 22 26.97 28.18 23.23
N GLY G 23 27.50 28.68 24.34
CA GLY G 23 27.56 27.93 25.58
C GLY G 23 26.28 28.02 26.39
N GLY G 24 25.98 26.93 27.09
CA GLY G 24 24.82 26.87 27.96
C GLY G 24 24.86 25.60 28.79
N ASN G 25 24.09 25.61 29.87
CA ASN G 25 24.05 24.47 30.78
C ASN G 25 23.31 23.32 30.12
N ASN G 26 24.07 22.35 29.59
CA ASN G 26 23.52 21.16 28.94
C ASN G 26 22.58 21.57 27.80
N ILE G 27 23.17 22.27 26.82
CA ILE G 27 22.38 22.83 25.72
C ILE G 27 22.14 21.83 24.60
N GLY G 28 22.94 20.77 24.51
CA GLY G 28 22.67 19.70 23.56
C GLY G 28 21.37 18.98 23.81
N SER G 29 20.74 19.22 24.97
CA SER G 29 19.43 18.65 25.27
C SER G 29 18.30 19.45 24.66
N LYS G 30 18.52 20.73 24.33
CA LYS G 30 17.49 21.58 23.76
C LYS G 30 17.77 21.86 22.30
N SER G 31 16.82 22.57 21.66
CA SER G 31 16.97 22.99 20.28
C SER G 31 17.54 24.40 20.23
N VAL G 32 18.61 24.58 19.47
CA VAL G 32 19.23 25.89 19.30
C VAL G 32 18.88 26.42 17.91
N HIS G 33 18.80 27.75 17.81
CA HIS G 33 18.49 28.43 16.57
C HIS G 33 19.42 29.61 16.42
N TRP G 34 19.85 29.88 15.19
CA TRP G 34 20.85 30.90 14.89
C TRP G 34 20.25 31.98 13.99
N TYR G 35 20.61 33.23 14.26
CA TYR G 35 20.12 34.37 13.50
C TYR G 35 21.28 35.19 12.97
N GLN G 36 20.99 36.00 11.94
CA GLN G 36 21.98 36.84 11.27
C GLN G 36 21.38 38.21 11.03
N GLN G 37 21.86 39.22 11.75
CA GLN G 37 21.33 40.57 11.68
C GLN G 37 22.38 41.51 11.12
N LYS G 38 22.20 41.91 9.86
CA LYS G 38 23.06 42.95 9.30
C LYS G 38 22.74 44.29 9.96
N PRO G 39 23.73 45.19 10.04
CA PRO G 39 23.51 46.46 10.75
C PRO G 39 22.37 47.25 10.13
N GLY G 40 21.41 47.63 10.97
CA GLY G 40 20.27 48.39 10.52
C GLY G 40 19.09 47.57 10.02
N GLN G 41 19.22 46.25 9.95
CA GLN G 41 18.16 45.38 9.50
C GLN G 41 17.63 44.54 10.65
N ALA G 42 16.49 43.90 10.41
CA ALA G 42 15.89 42.98 11.36
C ALA G 42 16.63 41.64 11.32
N PRO G 43 16.62 40.89 12.42
CA PRO G 43 17.27 39.57 12.42
C PRO G 43 16.62 38.63 11.42
N VAL G 44 17.42 37.68 10.93
CA VAL G 44 16.99 36.71 9.93
C VAL G 44 17.45 35.33 10.37
N LEU G 45 16.57 34.34 10.22
CA LEU G 45 16.83 32.98 10.67
C LEU G 45 17.66 32.24 9.63
N VAL G 46 18.81 31.72 10.04
CA VAL G 46 19.68 30.97 9.15
C VAL G 46 19.72 29.48 9.46
N ILE G 47 19.53 29.09 10.73
CA ILE G 47 19.52 27.69 11.12
C ILE G 47 18.58 27.47 12.30
N TYR G 48 17.58 26.61 12.12
CA TYR G 48 16.74 26.16 13.21
C TYR G 48 16.90 24.67 13.43
N TYR G 49 16.56 24.22 14.63
CA TYR G 49 16.77 22.84 15.05
C TYR G 49 18.22 22.40 14.85
N ASP G 50 19.09 23.05 15.62
CA ASP G 50 20.46 22.61 15.80
C ASP G 50 21.25 22.71 14.50
N SER G 51 20.61 22.40 13.38
CA SER G 51 21.32 22.10 12.13
C SER G 51 20.46 22.28 10.89
N ASP G 52 19.13 22.31 11.05
CA ASP G 52 18.25 22.35 9.88
C ASP G 52 18.25 23.74 9.24
N ARG G 53 18.27 23.76 7.90
CA ARG G 53 18.45 24.98 7.11
C ARG G 53 17.12 25.45 6.54
N PRO G 54 16.74 26.71 6.72
CA PRO G 54 15.57 27.24 6.03
C PRO G 54 15.82 27.41 4.54
N SER G 55 14.71 27.49 3.79
CA SER G 55 14.78 27.62 2.34
C SER G 55 15.23 29.02 1.96
N GLY G 56 16.32 29.12 1.21
CA GLY G 56 16.91 30.38 0.83
C GLY G 56 18.27 30.63 1.43
N ILE G 57 18.58 30.02 2.57
CA ILE G 57 19.92 30.12 3.14
C ILE G 57 20.89 29.33 2.27
N PRO G 58 22.07 29.87 1.94
CA PRO G 58 23.04 29.08 1.17
C PRO G 58 23.43 27.82 1.92
N GLU G 59 23.85 26.81 1.17
CA GLU G 59 24.28 25.56 1.77
C GLU G 59 25.48 25.73 2.69
N ARG G 60 26.15 26.89 2.65
CA ARG G 60 27.34 27.10 3.46
C ARG G 60 27.05 27.10 4.95
N PHE G 61 25.81 27.33 5.35
CA PHE G 61 25.46 27.46 6.76
C PHE G 61 25.01 26.10 7.30
N SER G 62 25.71 25.62 8.32
CA SER G 62 25.35 24.38 8.99
C SER G 62 25.61 24.54 10.48
N GLY G 63 24.74 23.96 11.30
CA GLY G 63 24.80 24.10 12.73
C GLY G 63 25.12 22.79 13.44
N SER G 64 25.29 22.91 14.76
CA SER G 64 25.62 21.78 15.60
C SER G 64 25.20 22.10 17.02
N ASN G 65 24.83 21.07 17.78
CA ASN G 65 24.43 21.25 19.17
C ASN G 65 24.57 19.93 19.91
N SER G 66 25.49 19.90 20.87
CA SER G 66 25.65 18.75 21.75
C SER G 66 26.44 19.19 22.98
N GLY G 67 26.30 18.42 24.05
CA GLY G 67 26.99 18.70 25.29
C GLY G 67 26.51 19.97 25.97
N ASN G 68 27.32 21.02 25.91
CA ASN G 68 26.91 22.30 26.48
C ASN G 68 27.20 23.47 25.55
N THR G 69 27.61 23.23 24.31
CA THR G 69 27.85 24.31 23.35
C THR G 69 27.26 23.93 22.00
N ALA G 70 26.41 24.81 21.47
CA ALA G 70 26.10 24.75 20.05
C ALA G 70 27.20 25.43 19.26
N THR G 71 27.26 25.13 17.97
CA THR G 71 28.33 25.65 17.12
C THR G 71 27.78 25.98 15.74
N LEU G 72 27.73 27.27 15.42
CA LEU G 72 27.36 27.73 14.08
C LEU G 72 28.62 27.84 13.24
N THR G 73 28.66 27.10 12.13
CA THR G 73 29.82 27.03 11.26
C THR G 73 29.44 27.51 9.88
N ILE G 74 30.08 28.58 9.42
CA ILE G 74 29.85 29.14 8.09
C ILE G 74 30.95 28.64 7.16
N SER G 75 30.54 27.99 6.06
CA SER G 75 31.49 27.29 5.22
C SER G 75 32.37 28.25 4.43
N GLY G 76 31.90 28.64 3.24
CA GLY G 76 32.65 29.58 2.44
C GLY G 76 32.36 31.00 2.85
N VAL G 77 33.15 31.53 3.79
CA VAL G 77 32.90 32.89 4.27
C VAL G 77 33.09 33.88 3.14
N GLU G 78 32.09 34.73 2.94
CA GLU G 78 32.05 35.73 1.89
C GLU G 78 32.08 37.12 2.53
N ALA G 79 32.39 38.12 1.71
CA ALA G 79 32.47 39.49 2.22
C ALA G 79 31.14 39.95 2.83
N GLY G 80 30.03 39.49 2.28
CA GLY G 80 28.72 39.87 2.77
C GLY G 80 28.26 39.18 4.04
N ASP G 81 29.05 38.26 4.58
CA ASP G 81 28.67 37.52 5.77
C ASP G 81 29.05 38.23 7.07
N GLU G 82 29.65 39.42 6.99
CA GLU G 82 29.92 40.21 8.18
C GLU G 82 28.61 40.69 8.79
N ALA G 83 28.32 40.25 10.02
CA ALA G 83 27.11 40.61 10.72
C ALA G 83 27.21 40.08 12.14
N ASP G 84 26.24 40.48 12.98
CA ASP G 84 26.10 39.91 14.31
C ASP G 84 25.35 38.58 14.24
N TYR G 85 25.75 37.63 15.08
CA TYR G 85 25.14 36.31 15.12
C TYR G 85 24.71 36.00 16.54
N TYR G 86 23.43 35.68 16.70
CA TYR G 86 22.86 35.33 17.98
C TYR G 86 22.33 33.91 17.93
N CYS G 87 22.47 33.21 19.05
CA CYS G 87 21.89 31.89 19.24
C CYS G 87 20.73 31.98 20.22
N GLN G 88 19.61 31.34 19.88
CA GLN G 88 18.42 31.38 20.71
C GLN G 88 17.95 29.96 21.00
N VAL G 89 17.58 29.71 22.25
CA VAL G 89 16.96 28.46 22.66
C VAL G 89 15.56 28.77 23.21
N TRP G 90 14.64 27.84 23.00
CA TRP G 90 13.33 27.91 23.62
C TRP G 90 13.24 26.82 24.68
N ASP G 91 12.77 27.20 25.86
CA ASP G 91 12.67 26.28 26.98
C ASP G 91 11.32 25.58 26.93
N SER G 92 11.34 24.25 27.00
CA SER G 92 10.13 23.47 26.81
C SER G 92 9.11 23.73 27.92
N ILE G 93 9.56 23.65 29.18
CA ILE G 93 8.63 23.86 30.29
C ILE G 93 8.40 25.34 30.55
N SER G 94 9.47 26.15 30.53
CA SER G 94 9.32 27.58 30.84
C SER G 94 8.55 28.32 29.76
N ASP G 95 8.56 27.80 28.52
CA ASP G 95 8.01 28.48 27.35
C ASP G 95 8.71 29.81 27.08
N HIS G 96 9.59 30.23 27.98
CA HIS G 96 10.52 31.31 27.65
C HIS G 96 11.48 30.85 26.57
N ARG G 97 11.84 31.78 25.70
CA ARG G 97 12.99 31.62 24.82
C ARG G 97 14.05 32.62 25.27
N VAL G 98 15.32 32.23 25.15
CA VAL G 98 16.42 33.05 25.63
C VAL G 98 17.40 33.28 24.50
N PHE G 99 17.85 34.52 24.34
CA PHE G 99 18.85 34.90 23.35
C PHE G 99 20.24 34.93 23.97
N GLY G 100 21.26 34.87 23.10
CA GLY G 100 22.63 35.03 23.51
C GLY G 100 23.09 36.47 23.42
N GLY G 101 24.36 36.68 23.76
CA GLY G 101 24.94 38.01 23.78
C GLY G 101 25.35 38.57 22.44
N GLY G 102 25.45 37.72 21.41
CA GLY G 102 25.82 38.18 20.09
C GLY G 102 27.28 37.93 19.77
N THR G 103 27.58 37.97 18.47
CA THR G 103 28.93 37.75 17.98
C THR G 103 29.11 38.54 16.68
N LYS G 104 30.06 39.48 16.69
CA LYS G 104 30.33 40.30 15.50
C LYS G 104 31.37 39.59 14.65
N LEU G 105 30.93 39.00 13.54
CA LEU G 105 31.83 38.31 12.63
C LEU G 105 32.49 39.33 11.71
N THR G 106 33.82 39.34 11.72
CA THR G 106 34.60 40.25 10.89
C THR G 106 35.41 39.42 9.89
N VAL G 107 35.29 39.77 8.61
CA VAL G 107 36.07 39.13 7.56
C VAL G 107 37.39 39.87 7.41
N LEU G 108 38.49 39.14 7.50
CA LEU G 108 39.82 39.71 7.33
C LEU G 108 40.12 39.92 5.85
N GLY G 109 39.21 40.57 5.13
CA GLY G 109 39.34 40.73 3.70
C GLY G 109 39.89 42.07 3.28
N GLN G 110 40.78 42.63 4.11
CA GLN G 110 41.38 43.91 3.86
C GLN G 110 42.70 43.96 4.60
N PRO G 111 43.76 44.45 3.96
CA PRO G 111 45.05 44.52 4.64
C PRO G 111 44.99 45.41 5.88
N LYS G 112 45.88 45.15 6.82
CA LYS G 112 45.96 45.96 8.03
C LYS G 112 46.46 47.36 7.68
N ALA G 113 45.78 48.37 8.20
CA ALA G 113 46.16 49.75 8.01
C ALA G 113 46.24 50.46 9.36
N ALA G 114 47.21 51.39 9.47
CA ALA G 114 47.44 52.13 10.70
C ALA G 114 46.61 53.42 10.70
N PRO G 115 46.22 53.90 11.89
CA PRO G 115 45.37 55.10 11.96
C PRO G 115 46.15 56.39 11.79
N SER G 116 45.47 57.37 11.19
CA SER G 116 45.99 58.72 11.03
C SER G 116 45.39 59.61 12.10
N VAL G 117 46.22 60.16 12.97
CA VAL G 117 45.77 60.85 14.17
C VAL G 117 46.05 62.35 14.02
N THR G 118 45.02 63.15 14.30
CA THR G 118 45.12 64.61 14.27
C THR G 118 44.59 65.15 15.60
N LEU G 119 45.41 65.91 16.31
CA LEU G 119 45.06 66.39 17.64
C LEU G 119 45.00 67.91 17.64
N PHE G 120 43.85 68.45 18.07
CA PHE G 120 43.64 69.89 18.19
C PHE G 120 43.59 70.31 19.65
N PRO G 121 44.35 71.31 20.06
CA PRO G 121 44.17 71.89 21.39
C PRO G 121 42.91 72.73 21.44
N PRO G 122 42.45 73.11 22.63
CA PRO G 122 41.21 73.90 22.72
C PRO G 122 41.39 75.26 22.07
N SER G 123 40.31 75.72 21.44
CA SER G 123 40.33 77.04 20.82
C SER G 123 40.28 78.13 21.88
N SER G 124 40.98 79.24 21.61
CA SER G 124 40.92 80.38 22.52
C SER G 124 39.50 80.91 22.67
N GLU G 125 38.66 80.70 21.66
CA GLU G 125 37.26 81.09 21.75
C GLU G 125 36.51 80.24 22.77
N GLU G 126 36.76 78.92 22.75
CA GLU G 126 36.11 78.04 23.70
C GLU G 126 36.59 78.28 25.13
N LEU G 127 37.84 78.72 25.29
CA LEU G 127 38.36 79.07 26.61
C LEU G 127 37.76 80.37 27.13
N GLN G 128 37.41 81.30 26.25
CA GLN G 128 36.68 82.49 26.67
C GLN G 128 35.27 82.14 27.13
N ALA G 129 34.68 81.08 26.58
CA ALA G 129 33.39 80.58 27.02
C ALA G 129 33.47 79.75 28.29
N ASN G 130 34.65 79.69 28.92
CA ASN G 130 34.85 78.94 30.16
C ASN G 130 34.68 77.43 29.94
N LYS G 131 35.10 76.96 28.77
CA LYS G 131 35.12 75.52 28.48
C LYS G 131 36.44 75.19 27.79
N ALA G 132 36.61 73.91 27.47
CA ALA G 132 37.78 73.42 26.75
C ALA G 132 37.51 72.01 26.28
N THR G 133 37.78 71.76 25.00
CA THR G 133 37.56 70.44 24.41
C THR G 133 38.77 70.07 23.56
N LEU G 134 39.55 69.11 24.04
CA LEU G 134 40.56 68.48 23.20
C LEU G 134 39.92 67.52 22.21
N VAL G 135 40.34 67.63 20.96
CA VAL G 135 39.71 66.90 19.86
C VAL G 135 40.77 66.03 19.21
N CYS G 136 40.55 64.72 19.21
CA CYS G 136 41.50 63.76 18.67
C CYS G 136 40.77 62.94 17.61
N LEU G 137 41.15 63.12 16.36
CA LEU G 137 40.47 62.48 15.23
C LEU G 137 41.31 61.33 14.70
N ILE G 138 40.68 60.17 14.56
CA ILE G 138 41.35 58.94 14.16
C ILE G 138 40.71 58.47 12.86
N SER G 139 41.69 57.94 12.12
CA SER G 139 41.02 57.57 10.87
C SER G 139 41.95 56.75 9.97
N ASP G 140 41.29 56.21 8.89
CA ASP G 140 42.02 55.38 7.92
C ASP G 140 42.71 54.18 8.57
N PHE G 141 41.95 53.41 9.36
CA PHE G 141 42.47 52.23 10.01
C PHE G 141 41.56 51.04 9.77
N TYR G 142 42.15 49.83 9.79
CA TYR G 142 41.46 48.58 9.60
C TYR G 142 42.31 47.53 10.32
N PRO G 143 41.72 46.66 11.15
CA PRO G 143 40.30 46.54 11.49
C PRO G 143 39.82 47.62 12.45
N GLY G 144 38.50 47.79 12.56
CA GLY G 144 37.91 48.86 13.32
C GLY G 144 37.88 48.66 14.82
N ALA G 145 38.98 48.16 15.38
CA ALA G 145 39.14 48.01 16.83
C ALA G 145 40.32 48.87 17.26
N VAL G 146 40.03 50.02 17.87
CA VAL G 146 41.03 50.89 18.44
C VAL G 146 40.63 51.22 19.87
N THR G 147 41.63 51.59 20.67
CA THR G 147 41.43 51.96 22.06
C THR G 147 42.23 53.23 22.35
N VAL G 148 41.60 54.19 23.01
CA VAL G 148 42.15 55.53 23.18
C VAL G 148 42.49 55.76 24.64
N ALA G 149 43.64 56.40 24.88
CA ALA G 149 44.10 56.73 26.23
C ALA G 149 44.61 58.17 26.25
N TRP G 150 44.12 58.95 27.21
CA TRP G 150 44.48 60.35 27.36
C TRP G 150 45.38 60.51 28.58
N LYS G 151 46.43 61.33 28.45
CA LYS G 151 47.41 61.50 29.52
C LYS G 151 47.73 62.97 29.70
N ALA G 152 47.88 63.39 30.95
CA ALA G 152 48.35 64.73 31.31
C ALA G 152 49.82 64.63 31.69
N ASP G 153 50.69 65.21 30.87
CA ASP G 153 52.13 64.99 30.99
C ASP G 153 52.43 63.51 30.87
N SER G 154 52.34 62.79 31.99
CA SER G 154 52.45 61.35 32.04
C SER G 154 51.39 60.75 32.96
N SER G 155 50.28 61.45 33.15
CA SER G 155 49.22 61.04 34.06
C SER G 155 47.97 60.66 33.27
N PRO G 156 47.67 59.37 33.12
CA PRO G 156 46.44 58.98 32.41
C PRO G 156 45.20 59.51 33.12
N VAL G 157 44.23 59.96 32.32
CA VAL G 157 42.96 60.47 32.84
C VAL G 157 41.81 59.87 32.03
N LYS G 158 40.83 59.30 32.72
CA LYS G 158 39.59 58.88 32.09
C LYS G 158 38.44 59.83 32.37
N ALA G 159 38.62 60.77 33.29
CA ALA G 159 37.58 61.76 33.58
C ALA G 159 37.41 62.69 32.39
N GLY G 160 36.23 62.66 31.79
CA GLY G 160 35.90 63.55 30.68
C GLY G 160 36.13 63.00 29.29
N VAL G 161 36.21 61.68 29.13
CA VAL G 161 36.53 61.06 27.84
C VAL G 161 35.24 60.50 27.24
N GLU G 162 34.93 60.94 26.01
CA GLU G 162 33.78 60.45 25.26
C GLU G 162 34.27 60.07 23.87
N THR G 163 34.09 58.80 23.50
CA THR G 163 34.66 58.25 22.27
C THR G 163 33.56 57.62 21.42
N THR G 164 33.65 57.84 20.11
CA THR G 164 32.75 57.17 19.18
C THR G 164 32.98 55.66 19.20
N THR G 165 32.01 54.95 18.69
CA THR G 165 32.27 53.59 18.23
C THR G 165 32.86 53.67 16.82
N PRO G 166 33.90 52.89 16.52
CA PRO G 166 34.49 52.93 15.18
C PRO G 166 33.45 52.70 14.10
N SER G 167 33.44 53.60 13.11
CA SER G 167 32.50 53.56 12.00
C SER G 167 33.27 53.65 10.70
N LYS G 168 32.88 52.83 9.73
CA LYS G 168 33.59 52.76 8.46
C LYS G 168 33.54 54.10 7.72
N GLN G 169 34.54 54.32 6.86
CA GLN G 169 34.56 55.47 5.99
C GLN G 169 34.11 55.06 4.59
N SER G 170 34.21 56.01 3.65
CA SER G 170 33.87 55.78 2.24
C SER G 170 34.87 54.87 1.53
N ASN G 171 35.93 54.42 2.21
CA ASN G 171 37.02 53.68 1.58
C ASN G 171 37.27 52.33 2.25
N ASN G 172 36.27 51.76 2.92
CA ASN G 172 36.31 50.47 3.61
C ASN G 172 37.19 50.48 4.85
N LYS G 173 37.83 51.61 5.18
CA LYS G 173 38.51 51.78 6.45
C LYS G 173 37.63 52.56 7.42
N TYR G 174 38.07 52.63 8.68
CA TYR G 174 37.26 53.13 9.77
C TYR G 174 37.70 54.52 10.21
N ALA G 175 36.81 55.20 10.94
CA ALA G 175 37.06 56.53 11.47
C ALA G 175 36.49 56.64 12.88
N ALA G 176 37.17 57.40 13.73
CA ALA G 176 36.73 57.58 15.11
C ALA G 176 37.23 58.92 15.62
N SER G 177 36.44 59.53 16.50
CA SER G 177 36.79 60.79 17.15
C SER G 177 36.72 60.61 18.66
N SER G 178 37.55 61.37 19.37
CA SER G 178 37.59 61.31 20.84
C SER G 178 37.60 62.73 21.40
N TYR G 179 36.80 62.96 22.43
CA TYR G 179 36.58 64.28 23.02
C TYR G 179 36.93 64.22 24.50
N LEU G 180 37.97 64.96 24.90
CA LEU G 180 38.30 65.11 26.32
C LEU G 180 37.82 66.48 26.77
N SER G 181 36.74 66.50 27.55
CA SER G 181 36.14 67.74 28.02
C SER G 181 36.86 68.20 29.29
N LEU G 182 37.42 69.41 29.24
CA LEU G 182 38.20 69.94 30.34
C LEU G 182 37.75 71.36 30.69
N THR G 183 38.30 71.84 31.78
CA THR G 183 38.19 73.22 32.22
C THR G 183 39.45 74.00 31.86
N PRO G 184 39.36 75.33 31.79
CA PRO G 184 40.56 76.13 31.52
C PRO G 184 41.65 75.98 32.57
N GLU G 185 41.30 75.84 33.86
CA GLU G 185 42.33 75.72 34.89
C GLU G 185 43.04 74.37 34.84
N GLN G 186 42.36 73.30 34.44
CA GLN G 186 43.04 72.02 34.25
C GLN G 186 43.94 72.06 33.01
N TRP G 187 43.39 72.52 31.89
CA TRP G 187 44.14 72.59 30.63
C TRP G 187 45.45 73.32 30.79
N LYS G 188 45.49 74.35 31.64
CA LYS G 188 46.66 75.21 31.75
C LYS G 188 47.58 74.82 32.90
N SER G 189 47.11 73.99 33.84
CA SER G 189 47.93 73.58 34.99
C SER G 189 48.90 72.44 34.65
N HIS G 190 48.89 71.94 33.42
CA HIS G 190 49.80 70.89 33.00
C HIS G 190 50.67 71.40 31.85
N ARG G 191 51.81 70.73 31.66
CA ARG G 191 52.72 71.10 30.60
C ARG G 191 52.20 70.68 29.23
N SER G 192 51.49 69.56 29.15
CA SER G 192 51.04 69.02 27.88
C SER G 192 50.01 67.93 28.13
N TYR G 193 49.15 67.71 27.13
CA TYR G 193 48.22 66.61 27.10
C TYR G 193 48.53 65.73 25.89
N SER G 194 48.24 64.44 26.01
CA SER G 194 48.61 63.46 24.99
C SER G 194 47.44 62.54 24.68
N CYS G 195 47.02 62.52 23.42
CA CYS G 195 46.07 61.54 22.91
C CYS G 195 46.85 60.40 22.27
N GLN G 196 46.45 59.17 22.57
CA GLN G 196 47.28 58.00 22.29
C GLN G 196 46.41 56.87 21.75
N VAL G 197 46.57 56.56 20.46
CA VAL G 197 45.72 55.62 19.75
C VAL G 197 46.46 54.31 19.58
N THR G 198 45.89 53.23 20.11
CA THR G 198 46.48 51.90 20.04
C THR G 198 45.69 51.04 19.07
N HIS G 199 46.37 50.53 18.04
CA HIS G 199 45.71 49.73 17.01
C HIS G 199 46.60 48.56 16.63
N GLU G 200 46.10 47.34 16.84
CA GLU G 200 46.78 46.10 16.44
C GLU G 200 48.20 46.03 17.01
N GLY G 201 48.34 46.45 18.27
CA GLY G 201 49.63 46.38 18.93
C GLY G 201 50.59 47.51 18.61
N SER G 202 50.14 48.54 17.89
CA SER G 202 50.98 49.68 17.57
C SER G 202 50.26 50.96 17.97
N THR G 203 51.05 51.98 18.31
CA THR G 203 50.55 53.17 18.96
C THR G 203 51.01 54.44 18.24
N VAL G 204 50.13 55.42 18.17
CA VAL G 204 50.43 56.74 17.60
C VAL G 204 49.98 57.79 18.60
N GLU G 205 50.94 58.50 19.19
CA GLU G 205 50.67 59.49 20.24
C GLU G 205 50.87 60.90 19.69
N LYS G 206 49.86 61.74 19.84
CA LYS G 206 49.95 63.17 19.57
C LYS G 206 49.83 63.95 20.88
N THR G 207 50.60 65.04 20.98
CA THR G 207 50.68 65.84 22.20
C THR G 207 50.52 67.31 21.84
N VAL G 208 49.74 68.04 22.65
CA VAL G 208 49.57 69.48 22.51
C VAL G 208 49.76 70.13 23.88
N ALA G 209 50.06 71.42 23.85
CA ALA G 209 50.38 72.19 25.04
C ALA G 209 49.66 73.52 25.00
N PRO G 210 49.38 74.12 26.18
CA PRO G 210 48.75 75.45 26.27
C PRO G 210 49.53 76.54 25.53
N VAL H 2 -3.46 -36.82 -3.72
CA VAL H 2 -2.93 -37.53 -2.55
C VAL H 2 -3.67 -38.86 -2.36
N GLN H 3 -2.91 -39.95 -2.19
CA GLN H 3 -3.50 -41.27 -2.00
C GLN H 3 -2.66 -42.07 -1.02
N LEU H 4 -3.34 -42.90 -0.23
CA LEU H 4 -2.69 -43.85 0.68
C LEU H 4 -3.32 -45.23 0.46
N VAL H 5 -2.48 -46.21 0.14
CA VAL H 5 -2.92 -47.58 -0.12
C VAL H 5 -2.06 -48.51 0.72
N GLN H 6 -2.69 -49.28 1.60
CA GLN H 6 -1.98 -50.17 2.51
C GLN H 6 -1.90 -51.59 1.93
N SER H 7 -1.21 -52.47 2.66
CA SER H 7 -1.04 -53.85 2.21
C SER H 7 -2.23 -54.70 2.62
N GLY H 8 -2.22 -55.95 2.16
CA GLY H 8 -3.34 -56.84 2.37
C GLY H 8 -3.40 -57.40 3.77
N SER H 9 -4.55 -58.04 4.05
CA SER H 9 -4.78 -58.63 5.35
C SER H 9 -3.70 -59.65 5.70
N GLU H 10 -3.48 -59.83 7.00
CA GLU H 10 -2.39 -60.68 7.49
C GLU H 10 -2.90 -61.59 8.59
N LEU H 11 -2.75 -62.90 8.39
CA LEU H 11 -3.02 -63.92 9.39
C LEU H 11 -1.71 -64.46 9.92
N LYS H 12 -1.53 -64.41 11.24
CA LYS H 12 -0.29 -64.86 11.85
C LYS H 12 -0.62 -65.57 13.16
N LYS H 13 0.24 -66.52 13.53
CA LYS H 13 0.16 -67.15 14.84
C LYS H 13 0.78 -66.26 15.91
N PRO H 14 0.45 -66.50 17.18
CA PRO H 14 1.12 -65.76 18.25
C PRO H 14 2.62 -65.98 18.22
N GLY H 15 3.36 -64.95 18.64
CA GLY H 15 4.81 -64.99 18.60
C GLY H 15 5.41 -64.77 17.23
N ALA H 16 4.61 -64.72 16.17
CA ALA H 16 5.11 -64.46 14.83
C ALA H 16 5.40 -62.97 14.67
N SER H 17 5.66 -62.54 13.45
CA SER H 17 5.85 -61.14 13.14
C SER H 17 5.07 -60.81 11.87
N VAL H 18 4.89 -59.53 11.62
CA VAL H 18 4.13 -59.09 10.45
C VAL H 18 4.58 -57.68 10.08
N LYS H 19 4.65 -57.42 8.78
CA LYS H 19 5.06 -56.13 8.24
C LYS H 19 3.98 -55.61 7.30
N VAL H 20 3.34 -54.51 7.67
CA VAL H 20 2.35 -53.83 6.86
C VAL H 20 3.04 -52.70 6.11
N SER H 21 2.58 -52.43 4.89
CA SER H 21 3.13 -51.33 4.09
C SER H 21 2.05 -50.28 3.84
N CYS H 22 2.50 -49.10 3.43
CA CYS H 22 1.61 -47.95 3.24
C CYS H 22 2.18 -47.07 2.12
N LYS H 23 1.84 -47.40 0.88
CA LYS H 23 2.30 -46.62 -0.26
C LYS H 23 1.51 -45.31 -0.36
N ALA H 24 2.17 -44.29 -0.92
CA ALA H 24 1.55 -42.98 -1.11
C ALA H 24 1.77 -42.52 -2.54
N SER H 25 1.00 -41.50 -2.94
CA SER H 25 1.12 -40.93 -4.27
C SER H 25 0.42 -39.58 -4.30
N GLY H 26 1.00 -38.64 -5.05
CA GLY H 26 0.38 -37.35 -5.28
C GLY H 26 1.21 -36.16 -4.85
N TYR H 27 1.94 -36.30 -3.74
CA TYR H 27 2.61 -35.18 -3.11
C TYR H 27 4.08 -35.52 -2.89
N THR H 28 4.73 -34.78 -2.00
CA THR H 28 6.13 -34.98 -1.67
C THR H 28 6.20 -35.77 -0.36
N PHE H 29 6.67 -37.01 -0.44
CA PHE H 29 6.52 -37.95 0.66
C PHE H 29 7.26 -37.50 1.92
N THR H 30 8.45 -36.90 1.76
CA THR H 30 9.25 -36.46 2.91
C THR H 30 8.82 -35.09 3.45
N THR H 31 7.78 -34.47 2.88
CA THR H 31 7.29 -33.19 3.38
C THR H 31 6.43 -33.36 4.63
N TYR H 32 5.69 -34.46 4.74
CA TYR H 32 4.66 -34.58 5.76
C TYR H 32 4.92 -35.81 6.61
N VAL H 33 4.18 -35.88 7.73
CA VAL H 33 4.31 -36.94 8.73
C VAL H 33 3.33 -38.07 8.45
N MET H 34 3.78 -39.30 8.70
CA MET H 34 2.92 -40.48 8.64
C MET H 34 2.78 -41.03 10.06
N ASN H 35 1.54 -41.22 10.50
CA ASN H 35 1.27 -41.78 11.81
C ASN H 35 0.31 -42.96 11.69
N TRP H 36 0.28 -43.78 12.74
CA TRP H 36 -0.45 -45.04 12.71
C TRP H 36 -1.53 -45.03 13.78
N VAL H 37 -2.66 -45.66 13.48
CA VAL H 37 -3.79 -45.79 14.40
C VAL H 37 -4.27 -47.24 14.40
N ARG H 38 -4.66 -47.73 15.57
CA ARG H 38 -5.10 -49.09 15.77
C ARG H 38 -6.54 -49.12 16.27
N GLN H 39 -7.38 -49.94 15.64
CA GLN H 39 -8.78 -50.13 16.03
C GLN H 39 -9.02 -51.62 16.27
N ALA H 40 -8.99 -52.03 17.54
CA ALA H 40 -9.31 -53.39 17.92
C ALA H 40 -10.80 -53.66 17.73
N PRO H 41 -11.21 -54.92 17.68
CA PRO H 41 -12.64 -55.24 17.56
C PRO H 41 -13.43 -54.62 18.71
N GLY H 42 -14.50 -53.91 18.34
CA GLY H 42 -15.40 -53.36 19.34
C GLY H 42 -14.84 -52.24 20.18
N GLN H 43 -13.67 -51.71 19.83
CA GLN H 43 -13.07 -50.59 20.55
C GLN H 43 -13.01 -49.37 19.64
N GLY H 44 -12.47 -48.28 20.19
CA GLY H 44 -12.30 -47.07 19.44
C GLY H 44 -10.95 -47.01 18.74
N LEU H 45 -10.72 -45.90 18.06
CA LEU H 45 -9.41 -45.66 17.50
C LEU H 45 -8.40 -45.41 18.61
N GLU H 46 -7.17 -45.85 18.38
CA GLU H 46 -6.12 -45.72 19.38
C GLU H 46 -4.83 -45.30 18.68
N TRP H 47 -4.31 -44.14 19.05
CA TRP H 47 -3.12 -43.61 18.39
C TRP H 47 -1.88 -44.39 18.83
N MET H 48 -1.10 -44.85 17.85
CA MET H 48 0.11 -45.62 18.11
C MET H 48 1.35 -44.74 18.14
N GLY H 49 1.54 -43.94 17.11
CA GLY H 49 2.71 -43.09 17.03
C GLY H 49 2.89 -42.59 15.61
N TRP H 50 4.05 -41.99 15.38
CA TRP H 50 4.38 -41.38 14.09
C TRP H 50 5.89 -41.45 13.87
N ILE H 51 6.27 -41.40 12.60
CA ILE H 51 7.67 -41.36 12.19
C ILE H 51 7.90 -40.12 11.34
N ASN H 52 8.95 -39.37 11.67
CA ASN H 52 9.36 -38.24 10.85
C ASN H 52 9.89 -38.77 9.51
N THR H 53 9.33 -38.27 8.41
CA THR H 53 9.70 -38.76 7.09
C THR H 53 11.00 -38.17 6.59
N ASN H 54 11.51 -37.11 7.20
CA ASN H 54 12.84 -36.61 6.87
C ASN H 54 13.92 -37.26 7.74
N THR H 55 13.86 -37.04 9.04
CA THR H 55 14.89 -37.49 9.96
C THR H 55 14.75 -38.96 10.33
N GLY H 56 13.59 -39.58 10.09
CA GLY H 56 13.36 -40.96 10.42
C GLY H 56 12.98 -41.23 11.86
N ASN H 57 13.07 -40.23 12.75
CA ASN H 57 12.82 -40.34 14.19
C ASN H 57 11.40 -40.79 14.47
N PRO H 58 11.20 -42.00 14.99
CA PRO H 58 9.85 -42.44 15.38
C PRO H 58 9.50 -42.03 16.79
N THR H 59 8.20 -41.87 17.02
CA THR H 59 7.67 -41.59 18.35
C THR H 59 6.58 -42.60 18.66
N TYR H 60 6.78 -43.37 19.73
CA TYR H 60 5.82 -44.41 20.13
C TYR H 60 5.07 -43.93 21.36
N ALA H 61 3.76 -43.83 21.25
CA ALA H 61 2.94 -43.61 22.42
C ALA H 61 3.13 -44.79 23.38
N GLN H 62 2.93 -44.52 24.68
CA GLN H 62 3.00 -45.58 25.66
C GLN H 62 2.10 -46.74 25.23
N GLY H 63 2.62 -47.96 25.38
CA GLY H 63 1.89 -49.16 25.06
C GLY H 63 2.26 -49.81 23.75
N PHE H 64 2.94 -49.09 22.86
CA PHE H 64 3.42 -49.64 21.60
C PHE H 64 4.95 -49.60 21.54
N THR H 65 5.60 -49.65 22.69
CA THR H 65 7.05 -49.65 22.77
C THR H 65 7.55 -51.07 23.02
N GLY H 66 8.65 -51.43 22.36
CA GLY H 66 9.34 -52.68 22.62
C GLY H 66 9.02 -53.81 21.67
N ARG H 67 7.89 -53.76 20.97
CA ARG H 67 7.54 -54.78 20.01
C ARG H 67 7.11 -54.22 18.66
N PHE H 68 7.01 -52.91 18.51
CA PHE H 68 6.54 -52.28 17.29
C PHE H 68 7.64 -51.43 16.69
N VAL H 69 7.71 -51.39 15.37
CA VAL H 69 8.75 -50.68 14.65
C VAL H 69 8.13 -49.94 13.47
N PHE H 70 8.16 -48.62 13.50
CA PHE H 70 7.85 -47.82 12.32
C PHE H 70 9.09 -47.71 11.45
N SER H 71 8.90 -47.81 10.13
CA SER H 71 10.03 -47.71 9.23
C SER H 71 9.57 -47.18 7.88
N LEU H 72 10.53 -46.70 7.09
CA LEU H 72 10.25 -46.07 5.80
C LEU H 72 11.18 -46.62 4.75
N ASP H 73 10.76 -46.46 3.49
CA ASP H 73 11.61 -46.73 2.34
C ASP H 73 11.32 -45.60 1.34
N THR H 74 12.11 -44.53 1.44
CA THR H 74 11.88 -43.35 0.61
C THR H 74 12.12 -43.61 -0.88
N SER H 75 12.63 -44.79 -1.23
CA SER H 75 12.79 -45.15 -2.64
C SER H 75 11.48 -45.53 -3.31
N VAL H 76 10.43 -45.81 -2.52
CA VAL H 76 9.14 -46.24 -3.05
C VAL H 76 8.00 -45.56 -2.29
N SER H 77 8.30 -44.46 -1.60
CA SER H 77 7.32 -43.65 -0.88
C SER H 77 6.44 -44.52 0.01
N THR H 78 7.08 -45.45 0.72
CA THR H 78 6.40 -46.54 1.40
C THR H 78 6.69 -46.50 2.89
N ALA H 79 5.64 -46.35 3.69
CA ALA H 79 5.70 -46.50 5.12
C ALA H 79 5.40 -47.94 5.49
N SER H 80 5.98 -48.40 6.59
CA SER H 80 5.83 -49.79 7.01
C SER H 80 5.63 -49.85 8.52
N LEU H 81 4.93 -50.91 8.96
CA LEU H 81 4.69 -51.17 10.37
C LEU H 81 5.02 -52.63 10.65
N GLN H 82 6.03 -52.86 11.49
CA GLN H 82 6.48 -54.20 11.84
C GLN H 82 6.19 -54.45 13.32
N ILE H 83 5.59 -55.59 13.62
CA ILE H 83 5.24 -55.98 14.98
C ILE H 83 5.94 -57.29 15.29
N SER H 84 6.78 -57.29 16.32
CA SER H 84 7.51 -58.47 16.77
C SER H 84 6.79 -59.13 17.93
N SER H 85 6.87 -60.46 17.98
CA SER H 85 6.30 -61.26 19.06
C SER H 85 4.79 -60.98 19.19
N LEU H 86 4.06 -61.38 18.16
CA LEU H 86 2.63 -61.11 18.10
C LEU H 86 1.90 -61.81 19.23
N LYS H 87 1.00 -61.08 19.89
CA LYS H 87 0.11 -61.63 20.89
C LYS H 87 -1.30 -61.69 20.32
N ALA H 88 -2.17 -62.44 20.99
CA ALA H 88 -3.55 -62.52 20.53
C ALA H 88 -4.25 -61.19 20.62
N GLU H 89 -3.87 -60.35 21.58
CA GLU H 89 -4.53 -59.08 21.83
C GLU H 89 -4.17 -58.01 20.80
N ASP H 90 -3.09 -58.19 20.03
CA ASP H 90 -2.74 -57.29 18.94
C ASP H 90 -3.64 -57.42 17.73
N THR H 91 -4.69 -58.24 17.80
CA THR H 91 -5.59 -58.38 16.67
C THR H 91 -6.44 -57.12 16.53
N ALA H 92 -6.30 -56.44 15.38
CA ALA H 92 -6.96 -55.16 15.16
C ALA H 92 -6.78 -54.76 13.70
N VAL H 93 -7.54 -53.75 13.30
CA VAL H 93 -7.30 -53.08 12.04
C VAL H 93 -6.25 -52.00 12.27
N TYR H 94 -5.34 -51.84 11.31
CA TYR H 94 -4.24 -50.89 11.44
C TYR H 94 -4.32 -49.90 10.28
N TYR H 95 -4.43 -48.62 10.61
CA TYR H 95 -4.47 -47.54 9.64
C TYR H 95 -3.18 -46.75 9.64
N CYS H 96 -2.67 -46.44 8.45
CA CYS H 96 -1.67 -45.40 8.27
C CYS H 96 -2.37 -44.13 7.80
N SER H 97 -1.82 -42.97 8.17
CA SER H 97 -2.51 -41.72 7.93
C SER H 97 -1.51 -40.58 7.93
N CYS H 98 -1.91 -39.48 7.30
CA CYS H 98 -1.04 -38.33 7.10
C CYS H 98 -1.33 -37.23 8.11
N GLU H 99 -0.49 -36.20 8.08
CA GLU H 99 -0.66 -35.00 8.89
C GLU H 99 -0.15 -33.85 8.03
N ILE H 100 -1.08 -33.15 7.36
CA ILE H 100 -0.74 -31.86 6.77
C ILE H 100 0.03 -31.02 7.77
N THR H 101 -0.60 -30.77 8.91
CA THR H 101 -0.06 -29.96 9.99
C THR H 101 -0.63 -30.50 11.29
N THR H 102 -0.28 -29.83 12.39
CA THR H 102 -1.04 -30.00 13.63
C THR H 102 -2.51 -29.67 13.38
N LEU H 103 -2.79 -28.77 12.44
CA LEU H 103 -4.15 -28.48 11.99
C LEU H 103 -4.66 -29.60 11.11
N GLY H 104 -4.21 -29.67 9.86
CA GLY H 104 -4.53 -30.80 9.02
C GLY H 104 -3.93 -32.09 9.55
N GLY H 105 -4.29 -32.45 10.78
CA GLY H 105 -3.84 -33.69 11.37
C GLY H 105 -4.85 -34.79 11.15
N MET H 106 -4.45 -35.82 10.41
CA MET H 106 -5.21 -37.04 10.11
C MET H 106 -6.22 -36.75 8.99
N ASP H 107 -5.78 -36.09 7.92
CA ASP H 107 -6.69 -35.71 6.83
C ASP H 107 -6.88 -36.82 5.81
N VAL H 108 -5.84 -37.59 5.53
CA VAL H 108 -5.90 -38.70 4.57
C VAL H 108 -5.64 -39.98 5.32
N TRP H 109 -6.43 -41.01 5.01
CA TRP H 109 -6.34 -42.30 5.65
C TRP H 109 -6.19 -43.39 4.59
N GLY H 110 -5.44 -44.42 4.91
CA GLY H 110 -5.51 -45.64 4.14
C GLY H 110 -6.84 -46.33 4.34
N GLN H 111 -7.08 -47.36 3.55
CA GLN H 111 -8.32 -48.12 3.70
C GLN H 111 -8.28 -49.04 4.92
N GLY H 112 -7.11 -49.34 5.42
CA GLY H 112 -6.94 -50.20 6.58
C GLY H 112 -6.30 -51.54 6.21
N THR H 113 -5.59 -52.11 7.17
CA THR H 113 -5.03 -53.46 7.04
C THR H 113 -5.40 -54.24 8.28
N THR H 114 -6.07 -55.38 8.08
CA THR H 114 -6.50 -56.23 9.18
C THR H 114 -5.46 -57.31 9.45
N VAL H 115 -5.04 -57.42 10.70
CA VAL H 115 -4.08 -58.43 11.13
C VAL H 115 -4.73 -59.26 12.22
N THR H 116 -4.69 -60.58 12.05
CA THR H 116 -5.39 -61.51 12.93
C THR H 116 -4.39 -62.48 13.55
N VAL H 117 -4.42 -62.59 14.87
CA VAL H 117 -3.53 -63.46 15.63
C VAL H 117 -4.39 -64.47 16.37
N SER H 118 -4.55 -65.66 15.81
CA SER H 118 -5.25 -66.76 16.47
C SER H 118 -4.37 -67.99 16.44
N SER H 119 -4.40 -68.78 17.52
CA SER H 119 -3.52 -69.92 17.67
C SER H 119 -4.04 -71.18 16.99
N ALA H 120 -5.22 -71.13 16.38
CA ALA H 120 -5.76 -72.30 15.71
C ALA H 120 -5.00 -72.57 14.41
N SER H 121 -5.20 -73.77 13.86
CA SER H 121 -4.45 -74.24 12.71
C SER H 121 -5.37 -74.39 11.51
N THR H 122 -4.76 -74.31 10.32
CA THR H 122 -5.50 -74.41 9.06
C THR H 122 -6.19 -75.76 8.97
N LYS H 123 -7.49 -75.74 8.66
CA LYS H 123 -8.30 -76.94 8.67
C LYS H 123 -9.53 -76.75 7.80
N GLY H 124 -9.84 -77.75 6.98
CA GLY H 124 -11.07 -77.76 6.24
C GLY H 124 -12.25 -78.06 7.14
N PRO H 125 -13.46 -77.82 6.65
CA PRO H 125 -14.65 -78.06 7.47
C PRO H 125 -15.29 -79.42 7.22
N SER H 126 -16.23 -79.77 8.08
CA SER H 126 -17.15 -80.86 7.83
C SER H 126 -18.50 -80.27 7.45
N VAL H 127 -19.15 -80.86 6.44
CA VAL H 127 -20.40 -80.35 5.90
C VAL H 127 -21.50 -81.34 6.24
N PHE H 128 -22.43 -80.92 7.11
CA PHE H 128 -23.54 -81.75 7.57
C PHE H 128 -24.86 -81.25 6.97
N PRO H 129 -25.81 -82.17 6.69
CA PRO H 129 -27.11 -81.76 6.14
C PRO H 129 -28.10 -81.23 7.15
N LEU H 130 -28.56 -80.00 6.99
CA LEU H 130 -29.74 -79.54 7.70
C LEU H 130 -30.97 -80.00 6.91
N ALA H 131 -31.19 -81.31 6.93
CA ALA H 131 -32.19 -81.94 6.07
C ALA H 131 -33.60 -81.61 6.55
N PRO H 132 -34.57 -81.56 5.64
CA PRO H 132 -35.92 -81.12 6.01
C PRO H 132 -36.83 -82.27 6.44
N SER H 133 -38.00 -81.89 6.93
CA SER H 133 -39.04 -82.83 7.32
C SER H 133 -40.40 -82.14 7.34
N SER H 134 -41.10 -82.19 8.46
CA SER H 134 -42.40 -81.56 8.58
C SER H 134 -42.40 -80.53 9.71
N SER H 138 -43.83 -74.26 6.21
CA SER H 138 -44.80 -73.17 6.24
C SER H 138 -45.69 -73.17 4.99
N GLY H 139 -46.99 -73.41 5.17
CA GLY H 139 -47.93 -73.41 4.07
C GLY H 139 -47.67 -74.47 3.01
N GLY H 140 -46.94 -74.10 1.95
CA GLY H 140 -46.55 -75.04 0.91
C GLY H 140 -45.08 -74.98 0.60
N THR H 141 -44.29 -74.41 1.52
CA THR H 141 -42.85 -74.23 1.38
C THR H 141 -42.12 -75.20 2.32
N ALA H 142 -40.83 -74.95 2.53
CA ALA H 142 -39.99 -75.81 3.36
C ALA H 142 -38.74 -75.03 3.76
N ALA H 143 -37.74 -75.74 4.29
CA ALA H 143 -36.50 -75.11 4.74
C ALA H 143 -35.43 -76.19 4.90
N LEU H 144 -34.33 -76.07 4.16
CA LEU H 144 -33.24 -77.03 4.22
C LEU H 144 -31.92 -76.29 4.06
N GLY H 145 -30.84 -76.92 4.50
CA GLY H 145 -29.56 -76.26 4.45
C GLY H 145 -28.39 -77.16 4.76
N CYS H 146 -27.25 -76.53 5.07
CA CYS H 146 -25.99 -77.21 5.34
C CYS H 146 -25.32 -76.57 6.56
N LEU H 147 -24.42 -77.33 7.19
CA LEU H 147 -23.69 -76.89 8.38
C LEU H 147 -22.19 -77.01 8.11
N VAL H 148 -21.52 -75.87 7.94
CA VAL H 148 -20.08 -75.86 7.65
C VAL H 148 -19.39 -75.68 9.00
N LYS H 149 -19.20 -76.81 9.68
CA LYS H 149 -18.72 -76.79 11.06
C LYS H 149 -17.21 -77.01 11.14
N ASP H 150 -16.60 -76.31 12.10
CA ASP H 150 -15.21 -76.51 12.52
C ASP H 150 -14.22 -76.42 11.37
N TYR H 151 -13.85 -75.19 11.03
CA TYR H 151 -12.84 -74.90 10.02
C TYR H 151 -12.04 -73.69 10.46
N PHE H 152 -10.77 -73.65 10.05
CA PHE H 152 -9.94 -72.51 10.39
C PHE H 152 -8.97 -72.34 9.23
N PRO H 153 -8.68 -71.11 8.81
CA PRO H 153 -9.32 -69.88 9.30
C PRO H 153 -10.48 -69.45 8.41
N GLU H 154 -10.96 -68.23 8.60
CA GLU H 154 -11.88 -67.65 7.64
C GLU H 154 -11.17 -67.48 6.30
N PRO H 155 -11.93 -67.42 5.20
CA PRO H 155 -13.39 -67.56 5.08
C PRO H 155 -13.83 -68.82 4.34
N VAL H 156 -15.14 -68.99 4.22
CA VAL H 156 -15.72 -70.08 3.46
C VAL H 156 -16.88 -69.53 2.64
N THR H 157 -16.99 -69.99 1.40
CA THR H 157 -18.03 -69.55 0.48
C THR H 157 -18.99 -70.70 0.21
N VAL H 158 -20.29 -70.40 0.21
CA VAL H 158 -21.33 -71.41 0.08
C VAL H 158 -22.35 -70.95 -0.96
N SER H 159 -22.64 -71.81 -1.94
CA SER H 159 -23.64 -71.56 -2.96
C SER H 159 -24.45 -72.83 -3.19
N TRP H 160 -25.67 -72.65 -3.72
CA TRP H 160 -26.59 -73.76 -3.95
C TRP H 160 -26.78 -74.01 -5.44
N ASN H 161 -26.81 -75.29 -5.81
CA ASN H 161 -27.01 -75.72 -7.20
C ASN H 161 -26.03 -75.04 -8.16
N SER H 162 -24.81 -74.77 -7.66
CA SER H 162 -23.73 -74.20 -8.46
C SER H 162 -24.09 -72.82 -9.01
N GLY H 163 -24.86 -72.05 -8.26
CA GLY H 163 -25.20 -70.68 -8.62
C GLY H 163 -26.58 -70.48 -9.20
N ALA H 164 -27.29 -71.55 -9.54
CA ALA H 164 -28.63 -71.44 -10.12
C ALA H 164 -29.73 -71.35 -9.07
N LEU H 165 -29.39 -71.41 -7.79
CA LEU H 165 -30.35 -71.32 -6.69
C LEU H 165 -29.90 -70.19 -5.77
N THR H 166 -30.23 -68.95 -6.15
CA THR H 166 -29.95 -67.79 -5.31
C THR H 166 -31.18 -67.25 -4.60
N SER H 167 -32.38 -67.66 -5.02
CA SER H 167 -33.61 -67.13 -4.45
C SER H 167 -33.89 -67.81 -3.12
N GLY H 168 -34.02 -67.01 -2.06
CA GLY H 168 -34.35 -67.52 -0.75
C GLY H 168 -33.17 -68.06 0.05
N VAL H 169 -31.95 -67.67 -0.31
CA VAL H 169 -30.73 -68.21 0.29
C VAL H 169 -30.25 -67.25 1.38
N HIS H 170 -29.95 -67.80 2.56
CA HIS H 170 -29.33 -67.05 3.66
C HIS H 170 -28.06 -67.78 4.10
N THR H 171 -26.91 -67.24 3.70
CA THR H 171 -25.63 -67.71 4.22
C THR H 171 -25.23 -66.78 5.37
N PHE H 172 -25.26 -67.32 6.58
CA PHE H 172 -25.11 -66.53 7.81
C PHE H 172 -23.64 -66.35 8.17
N PRO H 173 -23.34 -65.32 8.98
CA PRO H 173 -21.97 -65.16 9.46
C PRO H 173 -21.57 -66.29 10.40
N ALA H 174 -20.31 -66.66 10.35
CA ALA H 174 -19.80 -67.77 11.15
C ALA H 174 -19.73 -67.39 12.62
N VAL H 175 -19.40 -68.37 13.45
CA VAL H 175 -19.09 -68.18 14.86
C VAL H 175 -17.64 -68.56 15.08
N LEU H 176 -17.02 -67.96 16.08
CA LEU H 176 -15.73 -68.40 16.57
C LEU H 176 -16.00 -69.10 17.90
N GLN H 177 -16.10 -70.43 17.85
CA GLN H 177 -16.40 -71.20 19.04
C GLN H 177 -15.28 -71.08 20.06
N SER H 178 -15.59 -71.44 21.31
CA SER H 178 -14.57 -71.43 22.36
C SER H 178 -13.33 -72.21 21.95
N SER H 179 -13.53 -73.26 21.14
CA SER H 179 -12.43 -74.08 20.65
C SER H 179 -11.41 -73.30 19.84
N GLY H 180 -11.79 -72.18 19.23
CA GLY H 180 -10.91 -71.43 18.38
C GLY H 180 -11.12 -71.65 16.90
N LEU H 181 -12.03 -72.53 16.50
CA LEU H 181 -12.37 -72.75 15.10
C LEU H 181 -13.69 -72.07 14.77
N TYR H 182 -13.93 -71.93 13.46
CA TYR H 182 -15.11 -71.25 12.95
C TYR H 182 -16.17 -72.26 12.54
N SER H 183 -17.40 -71.77 12.38
CA SER H 183 -18.52 -72.63 12.02
C SER H 183 -19.73 -71.82 11.58
N LEU H 184 -20.21 -72.03 10.36
CA LEU H 184 -21.40 -71.36 9.87
C LEU H 184 -22.35 -72.37 9.23
N SER H 185 -23.54 -71.87 8.88
CA SER H 185 -24.58 -72.65 8.25
C SER H 185 -25.21 -71.83 7.12
N SER H 186 -25.85 -72.53 6.18
CA SER H 186 -26.47 -71.90 5.02
C SER H 186 -27.75 -72.65 4.68
N VAL H 187 -28.85 -71.92 4.54
CA VAL H 187 -30.16 -72.51 4.31
C VAL H 187 -30.78 -71.91 3.05
N VAL H 188 -31.85 -72.54 2.59
CA VAL H 188 -32.61 -72.07 1.43
C VAL H 188 -34.03 -72.60 1.56
N THR H 189 -35.01 -71.77 1.19
CA THR H 189 -36.41 -72.09 1.32
C THR H 189 -37.00 -72.44 -0.04
N VAL H 190 -37.76 -73.52 -0.11
CA VAL H 190 -38.31 -74.06 -1.35
C VAL H 190 -39.69 -74.61 -1.09
N PRO H 191 -40.50 -74.76 -2.15
CA PRO H 191 -41.83 -75.38 -1.98
C PRO H 191 -41.73 -76.86 -1.63
N SER H 192 -42.60 -77.28 -0.71
CA SER H 192 -42.58 -78.66 -0.23
C SER H 192 -43.08 -79.65 -1.29
N SER H 193 -43.80 -79.17 -2.31
CA SER H 193 -44.22 -80.03 -3.41
C SER H 193 -43.06 -80.47 -4.29
N SER H 194 -41.97 -79.69 -4.28
CA SER H 194 -40.79 -79.99 -5.09
C SER H 194 -39.68 -80.67 -4.28
N LEU H 195 -40.01 -81.24 -3.11
CA LEU H 195 -38.99 -81.84 -2.27
C LEU H 195 -38.53 -83.19 -2.84
N GLY H 196 -39.45 -83.97 -3.39
CA GLY H 196 -39.11 -85.28 -3.92
C GLY H 196 -38.55 -85.30 -5.33
N THR H 197 -38.64 -84.19 -6.06
CA THR H 197 -38.26 -84.14 -7.46
C THR H 197 -37.06 -83.25 -7.75
N GLN H 198 -36.92 -82.13 -7.04
CA GLN H 198 -35.83 -81.19 -7.27
C GLN H 198 -34.69 -81.47 -6.29
N THR H 199 -33.46 -81.52 -6.81
CA THR H 199 -32.28 -81.85 -6.03
C THR H 199 -31.58 -80.57 -5.56
N TYR H 200 -31.11 -80.57 -4.31
CA TYR H 200 -30.51 -79.41 -3.69
C TYR H 200 -29.12 -79.77 -3.19
N ILE H 201 -28.10 -79.15 -3.77
CA ILE H 201 -26.71 -79.38 -3.39
C ILE H 201 -26.10 -78.05 -2.99
N CYS H 202 -25.42 -78.04 -1.85
CA CYS H 202 -24.72 -76.85 -1.37
C CYS H 202 -23.22 -76.98 -1.65
N ASN H 203 -22.64 -75.88 -2.14
CA ASN H 203 -21.26 -75.87 -2.64
C ASN H 203 -20.39 -75.13 -1.63
N VAL H 204 -19.72 -75.87 -0.77
CA VAL H 204 -18.89 -75.31 0.27
C VAL H 204 -17.44 -75.26 -0.20
N ASN H 205 -16.82 -74.09 -0.11
CA ASN H 205 -15.43 -73.90 -0.50
C ASN H 205 -14.65 -73.27 0.64
N HIS H 206 -13.67 -74.01 1.16
CA HIS H 206 -12.69 -73.48 2.09
C HIS H 206 -11.37 -73.40 1.34
N LYS H 207 -11.17 -72.30 0.64
CA LYS H 207 -9.94 -72.08 -0.11
C LYS H 207 -8.66 -72.20 0.71
N PRO H 208 -8.60 -71.81 2.00
CA PRO H 208 -7.32 -71.92 2.72
C PRO H 208 -6.78 -73.33 2.83
N SER H 209 -7.63 -74.35 2.90
CA SER H 209 -7.20 -75.73 3.15
C SER H 209 -7.36 -76.64 1.94
N ASN H 210 -7.67 -76.09 0.76
CA ASN H 210 -7.92 -76.89 -0.43
C ASN H 210 -9.04 -77.89 -0.20
N THR H 211 -10.18 -77.38 0.28
CA THR H 211 -11.32 -78.21 0.67
C THR H 211 -12.56 -77.72 -0.07
N LYS H 212 -13.04 -78.51 -1.02
CA LYS H 212 -14.31 -78.27 -1.69
C LYS H 212 -15.20 -79.49 -1.49
N VAL H 213 -16.46 -79.26 -1.13
CA VAL H 213 -17.42 -80.32 -0.85
C VAL H 213 -18.76 -79.93 -1.49
N ASP H 214 -19.21 -80.74 -2.46
CA ASP H 214 -20.54 -80.63 -3.03
C ASP H 214 -21.39 -81.70 -2.33
N LYS H 215 -22.36 -81.26 -1.52
CA LYS H 215 -23.07 -82.20 -0.67
C LYS H 215 -24.57 -82.09 -0.90
N LYS H 216 -25.17 -83.20 -1.33
CA LYS H 216 -26.62 -83.40 -1.42
C LYS H 216 -27.23 -83.50 -0.03
N VAL H 217 -28.48 -83.06 0.07
CA VAL H 217 -29.25 -82.96 1.32
C VAL H 217 -30.61 -83.61 1.11
N GLU H 218 -30.94 -84.60 1.92
CA GLU H 218 -32.18 -85.37 1.71
C GLU H 218 -33.21 -85.12 2.83
N SER I 1 -0.18 -40.37 29.64
CA SER I 1 -0.68 -39.35 28.72
C SER I 1 -2.03 -38.81 29.13
N TYR I 2 -2.76 -38.25 28.17
CA TYR I 2 -4.01 -37.55 28.44
C TYR I 2 -5.18 -38.52 28.38
N VAL I 3 -6.35 -38.04 28.81
CA VAL I 3 -7.55 -38.85 28.91
C VAL I 3 -8.70 -38.14 28.21
N LEU I 4 -9.40 -38.86 27.34
CA LEU I 4 -10.56 -38.35 26.61
C LEU I 4 -11.75 -39.26 26.87
N THR I 5 -12.90 -38.67 27.14
CA THR I 5 -14.08 -39.40 27.61
C THR I 5 -15.27 -39.09 26.71
N GLN I 6 -15.78 -40.10 26.02
CA GLN I 6 -16.95 -39.90 25.16
C GLN I 6 -18.14 -40.69 25.68
N PRO I 7 -19.35 -40.24 25.41
CA PRO I 7 -20.53 -41.07 25.66
C PRO I 7 -20.55 -42.26 24.72
N PRO I 8 -20.85 -43.46 25.22
CA PRO I 8 -20.79 -44.65 24.37
C PRO I 8 -21.73 -44.57 23.18
N SER I 9 -23.03 -44.44 23.44
CA SER I 9 -24.01 -44.29 22.39
C SER I 9 -24.78 -42.99 22.58
N VAL I 10 -25.19 -42.40 21.47
CA VAL I 10 -26.04 -41.22 21.46
C VAL I 10 -27.08 -41.40 20.36
N SER I 11 -28.35 -41.22 20.70
CA SER I 11 -29.45 -41.39 19.76
C SER I 11 -30.16 -40.05 19.55
N VAL I 12 -30.74 -39.89 18.37
CA VAL I 12 -31.29 -38.61 17.93
C VAL I 12 -32.46 -38.86 16.99
N ALA I 13 -33.48 -38.02 17.08
CA ALA I 13 -34.61 -38.10 16.18
C ALA I 13 -34.23 -37.58 14.80
N PRO I 14 -34.85 -38.10 13.74
CA PRO I 14 -34.55 -37.60 12.39
C PRO I 14 -34.90 -36.13 12.24
N GLY I 15 -33.97 -35.39 11.60
CA GLY I 15 -34.10 -33.96 11.43
C GLY I 15 -33.61 -33.14 12.60
N LYS I 16 -33.50 -33.72 13.79
CA LYS I 16 -33.18 -32.98 14.99
C LYS I 16 -31.66 -32.89 15.15
N THR I 17 -31.21 -32.27 16.23
CA THR I 17 -29.79 -32.04 16.46
C THR I 17 -29.26 -33.04 17.49
N ALA I 18 -28.15 -33.69 17.16
CA ALA I 18 -27.42 -34.54 18.08
C ALA I 18 -26.22 -33.78 18.64
N ARG I 19 -25.76 -34.20 19.81
CA ARG I 19 -24.63 -33.54 20.47
C ARG I 19 -23.79 -34.60 21.17
N ILE I 20 -22.64 -34.91 20.57
CA ILE I 20 -21.67 -35.83 21.15
C ILE I 20 -20.65 -35.01 21.93
N THR I 21 -20.37 -35.44 23.16
CA THR I 21 -19.44 -34.73 24.03
C THR I 21 -18.08 -35.42 24.03
N CYS I 22 -17.08 -34.65 24.46
CA CYS I 22 -15.72 -35.18 24.62
C CYS I 22 -15.11 -34.49 25.84
N GLY I 23 -14.76 -35.28 26.85
CA GLY I 23 -14.35 -34.74 28.13
C GLY I 23 -12.89 -35.04 28.45
N GLY I 24 -12.30 -34.15 29.25
CA GLY I 24 -10.94 -34.31 29.72
C GLY I 24 -10.67 -33.36 30.86
N ASN I 25 -9.45 -32.85 30.94
CA ASN I 25 -9.08 -31.86 31.96
C ASN I 25 -8.53 -30.63 31.24
N ASN I 26 -9.26 -29.52 31.32
CA ASN I 26 -8.87 -28.26 30.70
C ASN I 26 -8.77 -28.41 29.18
N ILE I 27 -9.73 -29.11 28.58
CA ILE I 27 -9.65 -29.35 27.14
C ILE I 27 -10.01 -28.10 26.34
N GLY I 28 -10.62 -27.09 26.96
CA GLY I 28 -10.77 -25.81 26.29
C GLY I 28 -9.45 -25.15 25.95
N SER I 29 -8.35 -25.64 26.52
CA SER I 29 -7.01 -25.15 26.25
C SER I 29 -6.37 -25.81 25.04
N LYS I 30 -6.84 -26.98 24.62
CA LYS I 30 -6.26 -27.68 23.49
C LYS I 30 -7.18 -27.59 22.27
N SER I 31 -6.75 -28.22 21.18
CA SER I 31 -7.50 -28.25 19.93
C SER I 31 -8.04 -29.65 19.69
N VAL I 32 -9.30 -29.74 19.27
CA VAL I 32 -9.97 -31.01 19.10
C VAL I 32 -10.34 -31.21 17.63
N HIS I 33 -10.38 -32.47 17.22
CA HIS I 33 -10.74 -32.85 15.86
C HIS I 33 -11.71 -34.03 15.94
N TRP I 34 -12.70 -34.03 15.05
CA TRP I 34 -13.73 -35.05 15.06
C TRP I 34 -13.68 -35.87 13.78
N TYR I 35 -14.06 -37.14 13.89
CA TYR I 35 -14.02 -38.08 12.78
C TYR I 35 -15.31 -38.87 12.74
N GLN I 36 -15.76 -39.18 11.53
CA GLN I 36 -16.97 -39.97 11.30
C GLN I 36 -16.56 -41.26 10.61
N GLN I 37 -16.54 -42.36 11.35
CA GLN I 37 -16.16 -43.66 10.80
C GLN I 37 -17.42 -44.49 10.60
N LYS I 38 -17.90 -44.53 9.36
CA LYS I 38 -18.99 -45.42 9.02
C LYS I 38 -18.53 -46.87 9.15
N PRO I 39 -19.44 -47.79 9.45
CA PRO I 39 -19.02 -49.18 9.65
C PRO I 39 -18.35 -49.75 8.41
N GLY I 40 -17.16 -50.32 8.61
CA GLY I 40 -16.42 -50.94 7.53
C GLY I 40 -15.55 -50.01 6.71
N GLN I 41 -15.52 -48.73 7.05
CA GLN I 41 -14.73 -47.75 6.32
C GLN I 41 -13.68 -47.13 7.22
N ALA I 42 -12.75 -46.41 6.61
CA ALA I 42 -11.78 -45.64 7.35
C ALA I 42 -12.42 -44.36 7.90
N PRO I 43 -11.90 -43.83 8.99
CA PRO I 43 -12.43 -42.59 9.54
C PRO I 43 -12.16 -41.40 8.62
N VAL I 44 -13.06 -40.42 8.68
CA VAL I 44 -13.01 -39.23 7.84
C VAL I 44 -13.01 -38.00 8.73
N LEU I 45 -12.08 -37.08 8.47
CA LEU I 45 -12.04 -35.82 9.21
C LEU I 45 -13.24 -34.97 8.84
N VAL I 46 -14.09 -34.66 9.82
CA VAL I 46 -15.29 -33.87 9.57
C VAL I 46 -15.19 -32.47 10.16
N ILE I 47 -14.48 -32.30 11.28
CA ILE I 47 -14.17 -30.98 11.83
C ILE I 47 -12.78 -31.02 12.44
N TYR I 48 -11.95 -30.04 12.08
CA TYR I 48 -10.63 -29.84 12.67
C TYR I 48 -10.56 -28.45 13.31
N TYR I 49 -9.59 -28.28 14.20
CA TYR I 49 -9.45 -27.06 15.00
C TYR I 49 -10.78 -26.51 15.49
N ASP I 50 -11.42 -27.31 16.35
CA ASP I 50 -12.51 -26.87 17.20
C ASP I 50 -13.79 -26.61 16.41
N SER I 51 -13.67 -26.09 15.18
CA SER I 51 -14.85 -25.72 14.40
C SER I 51 -14.59 -25.60 12.91
N ASP I 52 -13.35 -25.84 12.46
CA ASP I 52 -13.03 -25.67 11.05
C ASP I 52 -13.58 -26.84 10.25
N ARG I 53 -14.44 -26.53 9.29
CA ARG I 53 -15.09 -27.54 8.47
C ARG I 53 -14.27 -27.81 7.22
N PRO I 54 -13.70 -28.99 7.04
CA PRO I 54 -12.97 -29.28 5.79
C PRO I 54 -13.87 -29.18 4.58
N SER I 55 -13.22 -29.11 3.41
CA SER I 55 -13.92 -28.90 2.14
C SER I 55 -14.58 -30.21 1.72
N GLY I 56 -15.90 -30.21 1.67
CA GLY I 56 -16.69 -31.39 1.37
C GLY I 56 -17.62 -31.83 2.48
N ILE I 57 -17.36 -31.40 3.71
CA ILE I 57 -18.25 -31.75 4.83
C ILE I 57 -19.50 -30.88 4.74
N PRO I 58 -20.69 -31.46 4.93
CA PRO I 58 -21.90 -30.63 4.99
C PRO I 58 -21.79 -29.61 6.11
N GLU I 59 -22.45 -28.46 5.91
CA GLU I 59 -22.38 -27.41 6.92
C GLU I 59 -23.02 -27.85 8.22
N ARG I 60 -23.90 -28.85 8.17
CA ARG I 60 -24.60 -29.32 9.37
C ARG I 60 -23.64 -29.62 10.51
N PHE I 61 -22.42 -30.02 10.18
CA PHE I 61 -21.42 -30.36 11.19
C PHE I 61 -20.80 -29.08 11.73
N SER I 62 -20.92 -28.86 13.04
CA SER I 62 -20.42 -27.66 13.67
C SER I 62 -19.83 -28.01 15.04
N GLY I 63 -18.86 -27.20 15.47
CA GLY I 63 -18.08 -27.51 16.66
C GLY I 63 -18.18 -26.44 17.73
N SER I 64 -17.51 -26.73 18.85
CA SER I 64 -17.48 -25.87 20.03
C SER I 64 -16.55 -26.47 21.08
N ASN I 65 -15.69 -25.64 21.68
CA ASN I 65 -14.74 -26.10 22.69
C ASN I 65 -14.52 -25.02 23.73
N SER I 66 -14.70 -25.37 25.00
CA SER I 66 -14.45 -24.45 26.11
C SER I 66 -14.34 -25.24 27.41
N GLY I 67 -13.62 -24.66 28.37
CA GLY I 67 -13.48 -25.23 29.69
C GLY I 67 -12.84 -26.60 29.71
N ASN I 68 -13.65 -27.65 29.84
CA ASN I 68 -13.14 -29.01 29.88
C ASN I 68 -14.01 -29.99 29.09
N THR I 69 -14.90 -29.49 28.23
CA THR I 69 -15.80 -30.33 27.45
C THR I 69 -15.99 -29.75 26.06
N ALA I 70 -15.76 -30.57 25.04
CA ALA I 70 -16.01 -30.23 23.64
C ALA I 70 -17.31 -30.85 23.17
N THR I 71 -17.89 -30.27 22.11
CA THR I 71 -19.25 -30.63 21.69
C THR I 71 -19.33 -30.60 20.17
N LEU I 72 -19.41 -31.78 19.56
CA LEU I 72 -19.70 -31.92 18.14
C LEU I 72 -21.22 -31.96 17.96
N THR I 73 -21.78 -30.91 17.39
CA THR I 73 -23.23 -30.77 17.22
C THR I 73 -23.57 -30.91 15.74
N ILE I 74 -24.30 -31.98 15.41
CA ILE I 74 -24.75 -32.20 14.04
C ILE I 74 -26.12 -31.58 13.87
N SER I 75 -26.26 -30.69 12.88
CA SER I 75 -27.48 -29.91 12.70
C SER I 75 -28.64 -30.78 12.26
N GLY I 76 -28.81 -30.96 10.95
CA GLY I 76 -29.88 -31.78 10.42
C GLY I 76 -29.43 -33.22 10.25
N VAL I 77 -29.65 -34.05 11.27
CA VAL I 77 -29.20 -35.43 11.22
C VAL I 77 -30.00 -36.19 10.18
N GLU I 78 -29.29 -36.91 9.30
CA GLU I 78 -29.90 -37.73 8.27
C GLU I 78 -29.66 -39.21 8.57
N ALA I 79 -30.12 -40.06 7.65
CA ALA I 79 -29.98 -41.50 7.84
C ALA I 79 -28.53 -41.95 7.76
N GLY I 80 -27.82 -41.51 6.71
CA GLY I 80 -26.43 -41.92 6.54
C GLY I 80 -25.52 -41.52 7.68
N ASP I 81 -25.95 -40.58 8.53
CA ASP I 81 -25.13 -40.09 9.64
C ASP I 81 -24.94 -41.11 10.77
N GLU I 82 -25.58 -42.28 10.71
CA GLU I 82 -25.27 -43.32 11.70
C GLU I 82 -23.83 -43.80 11.49
N ALA I 83 -22.96 -43.49 12.45
CA ALA I 83 -21.55 -43.83 12.37
C ALA I 83 -20.95 -43.61 13.75
N ASP I 84 -19.70 -44.07 13.90
CA ASP I 84 -18.95 -43.84 15.11
C ASP I 84 -18.20 -42.52 15.01
N TYR I 85 -18.20 -41.75 16.10
CA TYR I 85 -17.60 -40.43 16.12
C TYR I 85 -16.53 -40.38 17.21
N TYR I 86 -15.31 -40.05 16.81
CA TYR I 86 -14.18 -40.02 17.73
C TYR I 86 -13.64 -38.60 17.82
N CYS I 87 -13.38 -38.16 19.05
CA CYS I 87 -12.69 -36.91 19.29
C CYS I 87 -11.20 -37.21 19.50
N GLN I 88 -10.36 -36.35 18.93
CA GLN I 88 -8.92 -36.53 18.99
C GLN I 88 -8.26 -35.20 19.31
N VAL I 89 -7.30 -35.23 20.23
CA VAL I 89 -6.59 -34.04 20.67
C VAL I 89 -5.10 -34.23 20.42
N TRP I 90 -4.40 -33.10 20.22
CA TRP I 90 -2.96 -33.11 20.07
C TRP I 90 -2.36 -32.24 21.16
N ASP I 91 -1.24 -32.68 21.70
CA ASP I 91 -0.59 -32.05 22.84
C ASP I 91 0.67 -31.33 22.37
N SER I 92 0.81 -30.06 22.72
CA SER I 92 1.78 -29.21 22.03
C SER I 92 3.22 -29.46 22.47
N ILE I 93 3.44 -30.13 23.59
CA ILE I 93 4.81 -30.41 24.00
C ILE I 93 5.01 -31.92 24.09
N SER I 94 3.93 -32.64 24.38
CA SER I 94 4.05 -34.10 24.36
C SER I 94 4.18 -34.63 22.94
N ASP I 95 3.56 -33.95 21.97
CA ASP I 95 3.45 -34.35 20.56
C ASP I 95 2.67 -35.65 20.37
N HIS I 96 2.24 -36.31 21.45
CA HIS I 96 1.31 -37.41 21.32
C HIS I 96 -0.06 -36.89 20.92
N ARG I 97 -0.79 -37.71 20.19
CA ARG I 97 -2.22 -37.52 19.98
C ARG I 97 -2.99 -38.63 20.69
N VAL I 98 -4.13 -38.26 21.27
CA VAL I 98 -4.97 -39.20 22.01
C VAL I 98 -6.36 -39.16 21.42
N PHE I 99 -6.96 -40.32 21.22
CA PHE I 99 -8.34 -40.40 20.78
C PHE I 99 -9.30 -40.52 21.97
N GLY I 100 -10.59 -40.41 21.66
CA GLY I 100 -11.63 -40.69 22.63
C GLY I 100 -12.20 -42.08 22.44
N GLY I 101 -13.03 -42.48 23.40
CA GLY I 101 -13.57 -43.83 23.40
C GLY I 101 -14.44 -44.14 22.19
N GLY I 102 -15.03 -43.12 21.58
CA GLY I 102 -15.93 -43.29 20.46
C GLY I 102 -17.38 -43.11 20.85
N THR I 103 -18.22 -42.97 19.83
CA THR I 103 -19.64 -42.73 20.05
C THR I 103 -20.43 -43.28 18.87
N LYS I 104 -21.30 -44.24 19.12
CA LYS I 104 -22.17 -44.81 18.08
C LYS I 104 -23.43 -43.97 18.00
N LEU I 105 -23.44 -43.01 17.08
CA LEU I 105 -24.65 -42.26 16.78
C LEU I 105 -25.64 -43.17 16.07
N THR I 106 -26.76 -43.45 16.72
CA THR I 106 -27.83 -44.26 16.16
C THR I 106 -29.04 -43.35 15.92
N VAL I 107 -29.42 -43.22 14.66
CA VAL I 107 -30.58 -42.40 14.30
C VAL I 107 -31.85 -43.22 14.51
N LEU I 108 -32.82 -42.64 15.19
CA LEU I 108 -34.04 -43.33 15.55
C LEU I 108 -34.86 -43.70 14.32
N GLY I 109 -35.97 -44.41 14.54
CA GLY I 109 -36.80 -44.88 13.46
C GLY I 109 -36.59 -46.36 13.19
N GLN I 110 -36.86 -46.76 11.95
CA GLN I 110 -36.70 -48.11 11.41
C GLN I 110 -37.74 -49.04 12.04
N PRO I 111 -38.37 -49.90 11.24
CA PRO I 111 -39.48 -50.72 11.76
C PRO I 111 -39.03 -51.67 12.85
N LYS I 112 -39.82 -51.75 13.92
CA LYS I 112 -39.60 -52.76 14.95
C LYS I 112 -39.96 -54.12 14.37
N ALA I 113 -38.96 -54.86 13.91
CA ALA I 113 -39.15 -56.13 13.22
C ALA I 113 -38.82 -57.29 14.15
N ALA I 114 -39.75 -58.23 14.27
CA ALA I 114 -39.60 -59.37 15.16
C ALA I 114 -38.75 -60.47 14.52
N PRO I 115 -38.07 -61.29 15.33
CA PRO I 115 -37.08 -62.23 14.79
C PRO I 115 -37.72 -63.48 14.20
N SER I 116 -37.13 -63.95 13.11
CA SER I 116 -37.51 -65.22 12.47
C SER I 116 -36.59 -66.31 12.98
N VAL I 117 -37.16 -67.35 13.60
CA VAL I 117 -36.38 -68.39 14.27
C VAL I 117 -36.66 -69.73 13.58
N THR I 118 -35.63 -70.31 12.98
CA THR I 118 -35.68 -71.68 12.47
C THR I 118 -34.65 -72.50 13.22
N LEU I 119 -35.04 -73.70 13.65
CA LEU I 119 -34.19 -74.57 14.45
C LEU I 119 -34.04 -75.91 13.74
N PHE I 120 -32.82 -76.43 13.71
CA PHE I 120 -32.56 -77.72 13.12
C PHE I 120 -31.97 -78.69 14.14
N PRO I 121 -32.35 -79.96 14.09
CA PRO I 121 -31.82 -80.95 15.01
C PRO I 121 -30.49 -81.50 14.52
N PRO I 122 -29.79 -82.29 15.33
CA PRO I 122 -28.57 -82.94 14.83
C PRO I 122 -28.89 -83.90 13.69
N SER I 123 -28.13 -83.78 12.61
CA SER I 123 -28.34 -84.64 11.46
C SER I 123 -27.92 -86.08 11.78
N SER I 124 -28.46 -87.02 10.99
CA SER I 124 -28.11 -88.43 11.19
C SER I 124 -26.65 -88.70 10.83
N GLU I 125 -26.11 -87.98 9.86
CA GLU I 125 -24.69 -88.12 9.52
C GLU I 125 -23.81 -87.63 10.67
N GLU I 126 -24.12 -86.44 11.19
CA GLU I 126 -23.32 -85.88 12.29
C GLU I 126 -23.37 -86.76 13.53
N LEU I 127 -24.44 -87.53 13.69
CA LEU I 127 -24.53 -88.45 14.83
C LEU I 127 -23.69 -89.70 14.60
N GLN I 128 -23.62 -90.19 13.36
CA GLN I 128 -22.77 -91.34 13.05
C GLN I 128 -21.31 -91.08 13.36
N ALA I 129 -20.90 -89.82 13.45
CA ALA I 129 -19.54 -89.45 13.80
C ALA I 129 -19.39 -89.07 15.27
N ASN I 130 -20.45 -89.21 16.07
CA ASN I 130 -20.44 -89.05 17.52
C ASN I 130 -20.44 -87.57 17.95
N LYS I 131 -21.04 -86.69 17.15
CA LYS I 131 -21.25 -85.31 17.57
C LYS I 131 -22.71 -84.94 17.37
N ALA I 132 -23.07 -83.79 17.93
CA ALA I 132 -24.43 -83.26 17.81
C ALA I 132 -24.37 -81.75 17.92
N THR I 133 -24.97 -81.06 16.96
CA THR I 133 -24.97 -79.59 16.93
C THR I 133 -26.37 -79.12 16.57
N LEU I 134 -27.03 -78.43 17.50
CA LEU I 134 -28.31 -77.81 17.23
C LEU I 134 -28.08 -76.39 16.73
N VAL I 135 -28.69 -76.06 15.61
CA VAL I 135 -28.41 -74.84 14.85
C VAL I 135 -29.65 -73.96 14.89
N CYS I 136 -29.53 -72.78 15.49
CA CYS I 136 -30.66 -71.87 15.70
C CYS I 136 -30.38 -70.56 14.97
N LEU I 137 -31.07 -70.35 13.85
CA LEU I 137 -30.84 -69.22 12.97
C LEU I 137 -31.88 -68.12 13.23
N ILE I 138 -31.39 -66.90 13.44
CA ILE I 138 -32.24 -65.75 13.74
C ILE I 138 -32.01 -64.71 12.66
N SER I 139 -33.10 -64.15 12.11
CA SER I 139 -32.99 -63.29 10.94
C SER I 139 -34.05 -62.20 10.96
N ASP I 140 -33.72 -61.08 10.31
CA ASP I 140 -34.68 -60.02 9.96
C ASP I 140 -35.29 -59.36 11.20
N PHE I 141 -34.48 -59.13 12.23
CA PHE I 141 -34.93 -58.41 13.40
C PHE I 141 -34.24 -57.05 13.50
N TYR I 142 -34.86 -56.16 14.26
CA TYR I 142 -34.34 -54.83 14.54
C TYR I 142 -35.02 -54.29 15.79
N PRO I 143 -34.31 -53.67 16.74
CA PRO I 143 -32.85 -53.42 16.74
C PRO I 143 -32.03 -54.70 16.92
N GLY I 144 -30.76 -54.64 16.55
CA GLY I 144 -29.92 -55.82 16.55
C GLY I 144 -29.47 -56.25 17.91
N ALA I 145 -30.41 -56.68 18.76
CA ALA I 145 -30.10 -57.16 20.10
C ALA I 145 -31.07 -58.28 20.45
N VAL I 146 -30.55 -59.51 20.49
CA VAL I 146 -31.32 -60.68 20.90
C VAL I 146 -30.52 -61.45 21.92
N THR I 147 -31.22 -62.15 22.81
CA THR I 147 -30.61 -63.11 23.71
C THR I 147 -31.14 -64.50 23.38
N VAL I 148 -30.30 -65.50 23.57
CA VAL I 148 -30.63 -66.89 23.24
C VAL I 148 -30.49 -67.72 24.50
N ALA I 149 -31.58 -68.37 24.90
CA ALA I 149 -31.61 -69.28 26.04
C ALA I 149 -31.97 -70.66 25.54
N TRP I 150 -31.04 -71.61 25.68
CA TRP I 150 -31.29 -72.98 25.28
C TRP I 150 -31.93 -73.74 26.42
N LYS I 151 -32.91 -74.58 26.09
CA LYS I 151 -33.80 -75.19 27.08
C LYS I 151 -34.14 -76.61 26.64
N ALA I 152 -33.45 -77.59 27.24
CA ALA I 152 -33.74 -79.00 27.01
C ALA I 152 -34.97 -79.40 27.80
N ASP I 153 -35.97 -79.97 27.12
CA ASP I 153 -37.29 -80.16 27.70
C ASP I 153 -37.76 -78.82 28.25
N SER I 154 -37.52 -78.58 29.55
CA SER I 154 -37.61 -77.26 30.15
C SER I 154 -36.53 -77.17 31.23
N SER I 155 -35.27 -77.17 30.78
CA SER I 155 -34.10 -77.01 31.64
C SER I 155 -33.06 -76.14 30.95
N PRO I 156 -32.81 -74.94 31.48
CA PRO I 156 -31.81 -74.06 30.85
C PRO I 156 -30.43 -74.70 30.86
N VAL I 157 -29.73 -74.62 29.74
CA VAL I 157 -28.39 -75.16 29.59
C VAL I 157 -27.52 -74.10 28.91
N LYS I 158 -26.27 -73.97 29.39
CA LYS I 158 -25.32 -73.03 28.80
C LYS I 158 -24.01 -73.66 28.38
N ALA I 159 -23.77 -74.93 28.70
CA ALA I 159 -22.54 -75.58 28.30
C ALA I 159 -22.55 -75.84 26.80
N GLY I 160 -21.47 -75.49 26.12
CA GLY I 160 -21.34 -75.73 24.70
C GLY I 160 -22.12 -74.79 23.81
N VAL I 161 -22.69 -73.72 24.35
CA VAL I 161 -23.46 -72.76 23.57
C VAL I 161 -22.52 -71.72 22.98
N GLU I 162 -22.69 -71.44 21.69
CA GLU I 162 -21.89 -70.44 20.99
C GLU I 162 -22.84 -69.62 20.12
N THR I 163 -22.78 -68.29 20.23
CA THR I 163 -23.74 -67.42 19.56
C THR I 163 -23.02 -66.22 18.98
N THR I 164 -23.37 -65.86 17.74
CA THR I 164 -22.77 -64.70 17.08
C THR I 164 -23.11 -63.40 17.83
N THR I 165 -22.44 -62.36 17.41
CA THR I 165 -22.91 -60.99 17.63
C THR I 165 -23.74 -60.56 16.43
N PRO I 166 -24.94 -60.00 16.62
CA PRO I 166 -25.79 -59.67 15.47
C PRO I 166 -25.10 -58.72 14.51
N SER I 167 -25.30 -58.98 13.21
CA SER I 167 -24.67 -58.21 12.14
C SER I 167 -25.74 -57.80 11.13
N LYS I 168 -25.67 -56.54 10.67
CA LYS I 168 -26.63 -56.03 9.72
C LYS I 168 -26.63 -56.86 8.45
N GLN I 169 -27.81 -57.32 8.04
CA GLN I 169 -27.99 -57.99 6.76
C GLN I 169 -27.89 -57.00 5.60
N SER I 170 -28.38 -57.39 4.44
CA SER I 170 -28.45 -56.51 3.29
C SER I 170 -29.72 -55.68 3.26
N ASN I 171 -30.64 -55.90 4.19
CA ASN I 171 -31.89 -55.14 4.26
C ASN I 171 -31.99 -54.27 5.51
N ASN I 172 -30.86 -53.92 6.11
CA ASN I 172 -30.73 -53.06 7.28
C ASN I 172 -31.36 -53.64 8.54
N LYS I 173 -31.89 -54.86 8.49
CA LYS I 173 -32.21 -55.61 9.69
C LYS I 173 -31.01 -56.45 10.09
N TYR I 174 -31.13 -57.19 11.19
CA TYR I 174 -30.03 -57.96 11.76
C TYR I 174 -30.34 -59.45 11.70
N ALA I 175 -29.26 -60.26 11.74
CA ALA I 175 -29.36 -61.71 11.75
C ALA I 175 -28.31 -62.28 12.69
N ALA I 176 -28.58 -63.47 13.21
CA ALA I 176 -27.70 -64.10 14.18
C ALA I 176 -27.88 -65.61 14.13
N SER I 177 -26.95 -66.31 14.78
CA SER I 177 -27.02 -67.76 14.89
C SER I 177 -26.46 -68.17 16.24
N SER I 178 -27.02 -69.24 16.81
CA SER I 178 -26.62 -69.76 18.11
C SER I 178 -26.43 -71.27 17.99
N TYR I 179 -25.25 -71.75 18.37
CA TYR I 179 -24.90 -73.16 18.26
C TYR I 179 -24.86 -73.80 19.65
N LEU I 180 -25.57 -74.92 19.80
CA LEU I 180 -25.50 -75.76 20.99
C LEU I 180 -24.73 -77.02 20.64
N SER I 181 -23.55 -77.18 21.25
CA SER I 181 -22.73 -78.37 21.05
C SER I 181 -23.09 -79.41 22.10
N LEU I 182 -23.61 -80.56 21.65
CA LEU I 182 -24.01 -81.65 22.53
C LEU I 182 -23.26 -82.92 22.17
N THR I 183 -23.42 -83.93 23.05
CA THR I 183 -23.08 -85.32 22.81
C THR I 183 -24.34 -86.07 22.34
N PRO I 184 -24.18 -87.07 21.49
CA PRO I 184 -25.35 -87.83 21.02
C PRO I 184 -26.17 -88.47 22.14
N GLU I 185 -25.57 -88.71 23.31
CA GLU I 185 -26.29 -89.29 24.45
C GLU I 185 -26.99 -88.24 25.29
N GLN I 186 -26.54 -86.98 25.26
CA GLN I 186 -27.33 -85.89 25.82
C GLN I 186 -28.59 -85.64 25.00
N TRP I 187 -28.43 -85.64 23.67
CA TRP I 187 -29.53 -85.33 22.76
C TRP I 187 -30.66 -86.34 22.87
N LYS I 188 -30.32 -87.63 22.94
CA LYS I 188 -31.33 -88.69 22.90
C LYS I 188 -31.94 -88.99 24.26
N SER I 189 -31.23 -88.70 25.36
CA SER I 189 -31.75 -88.94 26.70
C SER I 189 -32.89 -88.01 27.08
N HIS I 190 -33.09 -86.93 26.35
CA HIS I 190 -34.15 -85.97 26.64
C HIS I 190 -35.32 -86.20 25.69
N ARG I 191 -36.44 -85.57 26.01
CA ARG I 191 -37.60 -85.62 25.14
C ARG I 191 -37.51 -84.59 24.02
N SER I 192 -36.93 -83.43 24.30
CA SER I 192 -36.85 -82.36 23.32
C SER I 192 -35.85 -81.32 23.78
N TYR I 193 -35.36 -80.55 22.82
CA TYR I 193 -34.57 -79.35 23.05
C TYR I 193 -35.27 -78.15 22.42
N SER I 194 -35.08 -76.98 23.02
CA SER I 194 -35.78 -75.77 22.61
C SER I 194 -34.80 -74.61 22.53
N CYS I 195 -34.83 -73.88 21.42
CA CYS I 195 -34.08 -72.65 21.26
C CYS I 195 -35.04 -71.47 21.44
N GLN I 196 -34.74 -70.62 22.41
CA GLN I 196 -35.65 -69.58 22.85
C GLN I 196 -35.00 -68.22 22.63
N VAL I 197 -35.59 -67.41 21.75
CA VAL I 197 -34.99 -66.16 21.28
C VAL I 197 -35.81 -64.99 21.84
N THR I 198 -35.15 -64.12 22.60
CA THR I 198 -35.79 -62.95 23.20
C THR I 198 -35.38 -61.70 22.43
N HIS I 199 -36.37 -60.88 22.08
CA HIS I 199 -36.15 -59.68 21.28
C HIS I 199 -37.10 -58.59 21.75
N GLU I 200 -36.58 -57.63 22.52
CA GLU I 200 -37.32 -56.47 22.99
C GLU I 200 -38.46 -56.87 23.93
N GLY I 201 -38.23 -57.89 24.75
CA GLY I 201 -39.22 -58.38 25.69
C GLY I 201 -40.19 -59.41 25.14
N SER I 202 -40.09 -59.78 23.87
CA SER I 202 -40.92 -60.81 23.27
C SER I 202 -40.06 -62.00 22.89
N THR I 203 -40.70 -63.17 22.80
CA THR I 203 -39.99 -64.44 22.67
C THR I 203 -40.58 -65.30 21.57
N VAL I 204 -39.70 -66.01 20.85
CA VAL I 204 -40.09 -67.04 19.89
C VAL I 204 -39.27 -68.28 20.21
N GLU I 205 -39.97 -69.39 20.51
CA GLU I 205 -39.33 -70.62 20.94
C GLU I 205 -39.71 -71.76 20.01
N LYS I 206 -38.71 -72.42 19.44
CA LYS I 206 -38.89 -73.59 18.62
C LYS I 206 -38.39 -74.83 19.36
N THR I 207 -38.97 -75.99 19.03
CA THR I 207 -38.70 -77.21 19.75
C THR I 207 -38.56 -78.37 18.77
N VAL I 208 -37.56 -79.21 19.00
CA VAL I 208 -37.31 -80.39 18.18
C VAL I 208 -37.12 -81.60 19.10
N ALA I 209 -37.51 -82.77 18.60
CA ALA I 209 -37.40 -84.03 19.32
C ALA I 209 -36.62 -85.03 18.50
N PRO I 210 -35.93 -85.99 19.16
CA PRO I 210 -35.17 -87.04 18.45
C PRO I 210 -36.04 -87.93 17.56
N VAL J 2 2.94 37.01 4.07
CA VAL J 2 3.02 37.41 5.47
C VAL J 2 3.81 38.71 5.59
N GLN J 3 3.28 39.66 6.36
CA GLN J 3 3.93 40.95 6.54
C GLN J 3 3.68 41.46 7.94
N LEU J 4 4.71 42.05 8.55
CA LEU J 4 4.59 42.76 9.81
C LEU J 4 5.15 44.17 9.62
N VAL J 5 4.32 45.17 9.88
CA VAL J 5 4.69 46.58 9.71
C VAL J 5 4.45 47.28 11.04
N GLN J 6 5.48 47.97 11.54
CA GLN J 6 5.42 48.61 12.84
C GLN J 6 5.39 50.13 12.71
N SER J 7 5.13 50.78 13.86
CA SER J 7 5.02 52.23 13.92
C SER J 7 6.39 52.88 13.78
N GLY J 8 6.38 54.20 13.60
CA GLY J 8 7.60 54.95 13.39
C GLY J 8 8.35 55.27 14.66
N SER J 9 9.46 55.99 14.48
CA SER J 9 10.36 56.29 15.59
C SER J 9 9.68 57.20 16.60
N GLU J 10 9.92 56.89 17.88
CA GLU J 10 9.33 57.63 18.99
C GLU J 10 10.41 58.31 19.81
N LEU J 11 10.10 59.50 20.30
CA LEU J 11 10.96 60.26 21.20
C LEU J 11 10.13 60.71 22.39
N LYS J 12 10.65 60.47 23.60
CA LYS J 12 9.89 60.74 24.81
C LYS J 12 10.83 61.24 25.90
N LYS J 13 10.29 62.02 26.82
CA LYS J 13 11.02 62.35 28.04
C LYS J 13 10.89 61.20 29.04
N PRO J 14 11.81 61.12 30.01
CA PRO J 14 11.65 60.13 31.07
C PRO J 14 10.33 60.33 31.82
N GLY J 15 9.69 59.21 32.15
CA GLY J 15 8.41 59.23 32.81
C GLY J 15 7.21 59.27 31.88
N ALA J 16 7.43 59.46 30.59
CA ALA J 16 6.35 59.51 29.61
C ALA J 16 5.85 58.09 29.34
N SER J 17 4.96 57.96 28.36
CA SER J 17 4.46 56.67 27.92
C SER J 17 4.55 56.59 26.40
N VAL J 18 4.59 55.36 25.90
CA VAL J 18 4.67 55.12 24.46
C VAL J 18 3.93 53.82 24.16
N LYS J 19 3.38 53.74 22.96
CA LYS J 19 2.69 52.53 22.51
C LYS J 19 3.11 52.23 21.08
N VAL J 20 3.73 51.07 20.88
CA VAL J 20 4.22 50.65 19.57
C VAL J 20 3.26 49.62 19.01
N SER J 21 2.83 49.81 17.77
CA SER J 21 1.90 48.91 17.12
C SER J 21 2.63 47.98 16.16
N CYS J 22 1.91 46.94 15.70
CA CYS J 22 2.49 45.91 14.82
C CYS J 22 1.36 45.33 13.97
N LYS J 23 1.00 46.04 12.90
CA LYS J 23 -0.02 45.57 11.98
C LYS J 23 0.51 44.41 11.15
N ALA J 24 -0.28 43.34 11.04
CA ALA J 24 0.08 42.17 10.27
C ALA J 24 -0.80 42.06 9.03
N SER J 25 -0.38 41.21 8.09
CA SER J 25 -1.14 40.95 6.88
C SER J 25 -0.56 39.73 6.18
N GLY J 26 -1.43 38.92 5.57
CA GLY J 26 -1.04 37.74 4.82
C GLY J 26 -1.58 36.44 5.40
N TYR J 27 -1.87 36.42 6.69
CA TYR J 27 -2.30 35.22 7.39
C TYR J 27 -3.36 35.61 8.41
N THR J 28 -3.78 34.64 9.23
CA THR J 28 -4.79 34.87 10.24
C THR J 28 -4.12 35.31 11.53
N PHE J 29 -4.37 36.56 11.92
CA PHE J 29 -3.68 37.18 13.06
C PHE J 29 -3.73 36.31 14.32
N THR J 30 -4.90 35.76 14.63
CA THR J 30 -5.11 35.00 15.87
C THR J 30 -4.54 33.58 15.81
N THR J 31 -4.03 33.14 14.66
CA THR J 31 -3.46 31.80 14.56
C THR J 31 -2.12 31.71 15.29
N TYR J 32 -1.32 32.76 15.24
CA TYR J 32 0.07 32.69 15.67
C TYR J 32 0.35 33.70 16.76
N VAL J 33 1.06 33.24 17.80
CA VAL J 33 1.63 34.05 18.86
C VAL J 33 2.38 35.27 18.32
N MET J 34 2.30 36.39 19.02
CA MET J 34 3.14 37.55 18.76
C MET J 34 4.22 37.65 19.83
N ASN J 35 5.44 38.00 19.41
CA ASN J 35 6.59 38.09 20.30
C ASN J 35 7.24 39.47 20.19
N TRP J 36 7.80 39.94 21.30
CA TRP J 36 8.49 41.20 21.37
C TRP J 36 9.94 40.97 21.79
N VAL J 37 10.87 41.61 21.09
CA VAL J 37 12.29 41.52 21.38
C VAL J 37 12.85 42.92 21.47
N ARG J 38 13.81 43.10 22.37
CA ARG J 38 14.43 44.39 22.64
C ARG J 38 15.93 44.33 22.38
N GLN J 39 16.46 45.39 21.77
CA GLN J 39 17.89 45.51 21.48
C GLN J 39 18.33 46.92 21.82
N ALA J 40 19.02 47.07 22.96
CA ALA J 40 19.56 48.35 23.38
C ALA J 40 20.81 48.69 22.57
N PRO J 41 21.24 49.95 22.56
CA PRO J 41 22.47 50.31 21.86
C PRO J 41 23.66 49.50 22.36
N GLY J 42 24.38 48.88 21.43
CA GLY J 42 25.59 48.14 21.75
C GLY J 42 25.39 46.85 22.50
N GLN J 43 24.16 46.36 22.59
CA GLN J 43 23.87 45.09 23.26
C GLN J 43 23.33 44.07 22.26
N GLY J 44 22.79 42.98 22.78
CA GLY J 44 22.22 41.93 21.97
C GLY J 44 20.71 41.83 22.12
N LEU J 45 20.14 40.94 21.32
CA LEU J 45 18.70 40.69 21.39
C LEU J 45 18.36 40.11 22.75
N GLU J 46 17.25 40.60 23.32
CA GLU J 46 16.80 40.17 24.64
C GLU J 46 15.30 39.94 24.58
N TRP J 47 14.89 38.68 24.74
CA TRP J 47 13.48 38.32 24.63
C TRP J 47 12.66 38.98 25.72
N MET J 48 11.57 39.62 25.33
CA MET J 48 10.66 40.30 26.24
C MET J 48 9.50 39.41 26.68
N GLY J 49 8.85 38.76 25.73
CA GLY J 49 7.75 37.87 26.05
C GLY J 49 6.82 37.73 24.86
N TRP J 50 5.67 37.11 25.13
CA TRP J 50 4.67 36.88 24.10
C TRP J 50 3.27 37.05 24.65
N ILE J 51 2.34 37.40 23.76
CA ILE J 51 0.93 37.42 24.06
C ILE J 51 0.26 36.38 23.17
N ASN J 52 -0.49 35.46 23.79
CA ASN J 52 -1.26 34.51 23.03
C ASN J 52 -2.33 35.26 22.26
N THR J 53 -2.24 35.28 20.93
CA THR J 53 -3.22 36.01 20.14
C THR J 53 -4.61 35.39 20.16
N ASN J 54 -4.78 34.26 20.84
CA ASN J 54 -6.10 33.65 21.00
C ASN J 54 -6.72 34.10 22.32
N THR J 55 -6.23 33.56 23.43
CA THR J 55 -6.77 33.85 24.76
C THR J 55 -6.41 35.24 25.26
N GLY J 56 -5.45 35.91 24.63
CA GLY J 56 -4.95 37.18 25.12
C GLY J 56 -3.91 37.09 26.22
N ASN J 57 -3.69 35.90 26.77
CA ASN J 57 -2.75 35.71 27.87
C ASN J 57 -1.35 36.16 27.49
N PRO J 58 -0.76 37.14 28.18
CA PRO J 58 0.63 37.52 27.90
C PRO J 58 1.63 36.84 28.84
N THR J 59 2.83 36.52 28.35
CA THR J 59 3.91 35.99 29.18
C THR J 59 5.03 37.02 29.20
N TYR J 60 5.41 37.47 30.39
CA TYR J 60 6.51 38.42 30.56
C TYR J 60 7.68 37.71 31.22
N ALA J 61 8.81 37.63 30.52
CA ALA J 61 10.01 37.08 31.11
C ALA J 61 10.44 37.95 32.29
N GLN J 62 11.32 37.39 33.13
CA GLN J 62 11.80 38.14 34.27
C GLN J 62 12.65 39.31 33.78
N GLY J 63 12.27 40.52 34.17
CA GLY J 63 12.94 41.73 33.73
C GLY J 63 12.08 42.68 32.94
N PHE J 64 10.92 42.23 32.42
CA PHE J 64 10.00 43.10 31.72
C PHE J 64 8.63 43.12 32.39
N THR J 65 8.54 42.68 33.63
CA THR J 65 7.30 42.75 34.39
C THR J 65 7.20 44.09 35.10
N GLY J 66 5.98 44.65 35.15
CA GLY J 66 5.68 45.82 35.95
C GLY J 66 5.36 47.07 35.15
N ARG J 67 5.97 47.23 33.98
CA ARG J 67 5.82 48.47 33.23
C ARG J 67 5.46 48.27 31.76
N PHE J 68 5.37 47.03 31.29
CA PHE J 68 5.07 46.75 29.90
C PHE J 68 3.69 46.11 29.79
N VAL J 69 3.02 46.35 28.66
CA VAL J 69 1.68 45.82 28.42
C VAL J 69 1.60 45.35 26.98
N PHE J 70 1.59 44.03 26.77
CA PHE J 70 1.20 43.49 25.49
C PHE J 70 -0.31 43.54 25.36
N SER J 71 -0.79 44.08 24.24
CA SER J 71 -2.21 44.07 23.96
C SER J 71 -2.41 43.75 22.49
N LEU J 72 -3.68 43.56 22.11
CA LEU J 72 -4.00 43.18 20.74
C LEU J 72 -5.12 44.06 20.23
N ASP J 73 -5.30 44.03 18.91
CA ASP J 73 -6.50 44.59 18.29
C ASP J 73 -6.76 43.69 17.08
N THR J 74 -7.40 42.54 17.33
CA THR J 74 -7.65 41.56 16.28
C THR J 74 -8.43 42.16 15.11
N SER J 75 -9.21 43.22 15.38
CA SER J 75 -9.98 43.87 14.32
C SER J 75 -9.10 44.33 13.17
N VAL J 76 -7.95 44.95 13.48
CA VAL J 76 -7.02 45.41 12.47
C VAL J 76 -5.79 44.51 12.37
N SER J 77 -5.84 43.32 12.95
CA SER J 77 -4.74 42.36 12.89
C SER J 77 -3.45 42.96 13.43
N THR J 78 -3.56 43.71 14.52
CA THR J 78 -2.44 44.49 15.04
C THR J 78 -2.23 44.19 16.51
N ALA J 79 -0.98 43.89 16.87
CA ALA J 79 -0.57 43.84 18.26
C ALA J 79 0.07 45.18 18.66
N SER J 80 0.05 45.45 19.96
CA SER J 80 0.58 46.72 20.46
C SER J 80 1.43 46.47 21.70
N LEU J 81 2.45 47.31 21.85
CA LEU J 81 3.33 47.30 23.02
C LEU J 81 3.29 48.68 23.68
N GLN J 82 2.77 48.73 24.90
CA GLN J 82 2.71 49.96 25.67
C GLN J 82 3.70 49.91 26.82
N ILE J 83 4.47 50.99 26.99
CA ILE J 83 5.44 51.12 28.06
C ILE J 83 5.05 52.33 28.91
N SER J 84 4.99 52.14 30.22
CA SER J 84 4.62 53.19 31.16
C SER J 84 5.81 53.59 32.00
N SER J 85 5.91 54.87 32.31
CA SER J 85 7.00 55.44 33.11
C SER J 85 8.36 55.10 32.50
N LEU J 86 8.57 55.61 31.29
CA LEU J 86 9.78 55.32 30.54
C LEU J 86 11.03 55.72 31.33
N LYS J 87 12.10 54.95 31.13
CA LYS J 87 13.39 55.20 31.76
C LYS J 87 14.44 55.39 30.67
N ALA J 88 15.55 56.03 31.05
CA ALA J 88 16.64 56.21 30.10
C ALA J 88 17.14 54.87 29.59
N GLU J 89 17.14 53.86 30.45
CA GLU J 89 17.60 52.52 30.07
C GLU J 89 16.58 51.80 29.19
N ASP J 90 15.39 52.37 28.97
CA ASP J 90 14.45 51.81 28.02
C ASP J 90 14.81 52.12 26.57
N THR J 91 15.78 53.00 26.35
CA THR J 91 16.17 53.38 24.99
C THR J 91 16.69 52.18 24.23
N ALA J 92 16.00 51.81 23.16
CA ALA J 92 16.33 50.63 22.39
C ALA J 92 15.52 50.62 21.09
N VAL J 93 15.80 49.63 20.25
CA VAL J 93 14.98 49.31 19.08
C VAL J 93 14.14 48.10 19.44
N TYR J 94 12.83 48.22 19.24
CA TYR J 94 11.88 47.18 19.62
C TYR J 94 11.31 46.51 18.39
N TYR J 95 11.33 45.17 18.38
CA TYR J 95 10.85 44.37 17.26
C TYR J 95 9.63 43.56 17.68
N CYS J 96 8.66 43.47 16.78
CA CYS J 96 7.59 42.48 16.91
C CYS J 96 7.90 41.33 15.96
N SER J 97 7.83 40.11 16.48
CA SER J 97 8.13 38.92 15.69
C SER J 97 7.12 37.84 16.01
N CYS J 98 6.77 37.04 15.01
CA CYS J 98 5.80 35.98 15.16
C CYS J 98 6.51 34.63 15.14
N GLU J 99 6.21 33.80 16.14
CA GLU J 99 6.53 32.38 16.05
C GLU J 99 5.40 31.69 15.31
N ILE J 100 5.69 31.07 14.17
CA ILE J 100 4.83 29.98 13.71
C ILE J 100 4.66 29.00 14.85
N THR J 101 5.76 28.38 15.25
CA THR J 101 5.87 27.51 16.41
C THR J 101 7.30 27.71 16.93
N THR J 102 7.67 26.93 17.95
CA THR J 102 9.06 27.03 18.39
C THR J 102 10.06 26.34 17.41
N LEU J 103 9.49 25.94 16.27
CA LEU J 103 10.17 25.46 15.06
C LEU J 103 10.80 26.63 14.33
N GLY J 104 10.16 27.07 13.24
CA GLY J 104 10.42 28.42 12.76
C GLY J 104 9.97 29.40 13.82
N GLY J 105 10.70 29.46 14.93
CA GLY J 105 10.41 30.40 16.00
C GLY J 105 11.16 31.70 15.77
N MET J 106 10.42 32.81 15.84
CA MET J 106 10.89 34.11 15.38
C MET J 106 11.31 34.02 13.91
N ASP J 107 10.32 33.71 13.06
CA ASP J 107 10.57 33.54 11.62
C ASP J 107 10.09 34.71 10.78
N VAL J 108 9.28 35.61 11.32
CA VAL J 108 8.90 36.85 10.65
C VAL J 108 9.03 37.97 11.65
N TRP J 109 9.66 39.06 11.24
CA TRP J 109 10.00 40.19 12.10
C TRP J 109 9.53 41.48 11.44
N GLY J 110 9.08 42.43 12.26
CA GLY J 110 8.84 43.76 11.75
C GLY J 110 10.14 44.47 11.44
N GLN J 111 10.03 45.65 10.83
CA GLN J 111 11.23 46.41 10.50
C GLN J 111 11.83 47.11 11.71
N GLY J 112 11.17 47.08 12.85
CA GLY J 112 11.70 47.70 14.06
C GLY J 112 11.18 49.09 14.31
N THR J 113 10.93 49.41 15.59
CA THR J 113 10.55 50.75 16.02
C THR J 113 11.56 51.23 17.06
N THR J 114 12.26 52.31 16.74
CA THR J 114 13.29 52.84 17.62
C THR J 114 12.68 53.77 18.66
N VAL J 115 13.07 53.61 19.92
CA VAL J 115 12.52 54.36 21.03
C VAL J 115 13.67 54.97 21.82
N THR J 116 13.70 56.30 21.88
CA THR J 116 14.75 57.04 22.57
C THR J 116 14.14 57.81 23.74
N VAL J 117 14.71 57.62 24.93
CA VAL J 117 14.24 58.27 26.15
C VAL J 117 15.38 59.16 26.65
N SER J 118 15.32 60.45 26.31
CA SER J 118 16.33 61.41 26.73
C SER J 118 15.65 62.62 27.33
N SER J 119 16.13 63.06 28.50
CA SER J 119 15.61 64.26 29.12
C SER J 119 16.04 65.53 28.41
N ALA J 120 16.71 65.42 27.26
CA ALA J 120 17.22 66.58 26.54
C ALA J 120 16.11 67.32 25.81
N SER J 121 16.26 68.63 25.70
CA SER J 121 15.38 69.48 24.91
C SER J 121 16.11 69.93 23.65
N THR J 122 15.31 70.31 22.65
CA THR J 122 15.87 70.80 21.39
C THR J 122 16.85 71.94 21.64
N LYS J 123 18.02 71.86 20.99
CA LYS J 123 19.04 72.87 21.20
C LYS J 123 19.93 72.97 19.95
N GLY J 124 20.43 74.19 19.71
CA GLY J 124 21.34 74.43 18.61
C GLY J 124 22.80 74.43 19.05
N PRO J 125 23.71 74.15 18.12
CA PRO J 125 25.11 73.88 18.49
C PRO J 125 25.96 75.14 18.61
N SER J 126 27.11 74.95 19.26
CA SER J 126 28.21 75.90 19.21
C SER J 126 29.24 75.42 18.20
N VAL J 127 29.88 76.37 17.51
CA VAL J 127 30.86 76.05 16.48
C VAL J 127 32.17 76.74 16.85
N PHE J 128 33.16 75.96 17.30
CA PHE J 128 34.46 76.48 17.69
C PHE J 128 35.52 76.14 16.66
N PRO J 129 36.41 77.07 16.33
CA PRO J 129 37.36 76.83 15.24
C PRO J 129 38.52 75.93 15.66
N LEU J 130 38.88 75.01 14.77
CA LEU J 130 40.05 74.15 14.98
C LEU J 130 41.15 74.68 14.07
N ALA J 131 41.89 75.67 14.58
CA ALA J 131 42.76 76.48 13.75
C ALA J 131 43.97 75.69 13.27
N PRO J 132 44.59 76.12 12.18
CA PRO J 132 45.86 75.52 11.74
C PRO J 132 47.07 76.18 12.39
N SER J 133 48.06 75.35 12.68
CA SER J 133 49.37 75.82 13.16
C SER J 133 50.41 74.78 12.74
N SER J 134 51.55 74.75 13.44
CA SER J 134 52.59 73.78 13.13
C SER J 134 52.32 72.40 13.75
N LYS J 135 51.37 72.29 14.67
CA LYS J 135 50.94 71.00 15.18
C LYS J 135 49.97 70.30 14.22
N SER J 136 49.38 71.05 13.29
CA SER J 136 48.55 70.46 12.24
C SER J 136 49.19 70.49 10.86
N THR J 137 50.43 70.99 10.76
CA THR J 137 51.15 71.02 9.49
C THR J 137 52.00 69.76 9.35
N SER J 138 51.84 69.05 8.23
CA SER J 138 52.58 67.82 7.94
C SER J 138 53.13 67.92 6.51
N GLY J 139 54.42 68.16 6.39
CA GLY J 139 55.04 68.34 5.09
C GLY J 139 54.58 69.61 4.39
N GLY J 140 53.56 69.47 3.54
CA GLY J 140 52.99 70.60 2.84
C GLY J 140 51.50 70.76 3.08
N THR J 141 50.92 69.91 3.90
CA THR J 141 49.49 69.92 4.19
C THR J 141 49.25 70.41 5.62
N ALA J 142 48.13 71.11 5.80
CA ALA J 142 47.75 71.65 7.09
C ALA J 142 46.29 71.29 7.36
N ALA J 143 46.00 70.85 8.59
CA ALA J 143 44.67 70.39 8.96
C ALA J 143 43.99 71.44 9.83
N LEU J 144 42.71 71.70 9.53
CA LEU J 144 41.91 72.65 10.28
C LEU J 144 40.47 72.19 10.23
N GLY J 145 39.62 72.81 11.02
CA GLY J 145 38.22 72.43 11.01
C GLY J 145 37.38 73.16 12.03
N CYS J 146 36.19 72.59 12.27
CA CYS J 146 35.17 73.16 13.16
C CYS J 146 34.66 72.09 14.12
N LEU J 147 34.32 72.53 15.34
CA LEU J 147 33.80 71.66 16.39
C LEU J 147 32.34 72.02 16.62
N VAL J 148 31.43 71.15 16.17
CA VAL J 148 29.99 71.39 16.28
C VAL J 148 29.55 70.82 17.63
N LYS J 149 29.69 71.61 18.69
CA LYS J 149 29.53 71.15 20.05
C LYS J 149 28.13 71.40 20.59
N ASP J 150 27.61 70.42 21.35
CA ASP J 150 26.42 70.58 22.18
C ASP J 150 25.18 70.91 21.35
N TYR J 151 24.50 69.89 20.85
CA TYR J 151 23.29 70.09 20.07
C TYR J 151 22.38 68.88 20.19
N PHE J 152 21.06 69.13 20.07
CA PHE J 152 20.02 68.13 20.20
C PHE J 152 18.81 68.56 19.40
N PRO J 153 18.18 67.67 18.62
CA PRO J 153 18.66 66.31 18.36
C PRO J 153 19.41 66.21 17.03
N GLU J 154 19.59 64.99 16.53
CA GLU J 154 20.17 64.80 15.22
C GLU J 154 19.23 65.35 14.15
N PRO J 155 19.76 65.68 12.96
CA PRO J 155 21.17 65.67 12.54
C PRO J 155 21.75 67.06 12.39
N VAL J 156 22.92 67.15 11.77
CA VAL J 156 23.50 68.45 11.42
C VAL J 156 24.34 68.32 10.17
N THR J 157 24.05 69.15 9.16
CA THR J 157 24.79 69.14 7.91
C THR J 157 25.95 70.13 7.98
N VAL J 158 27.08 69.74 7.39
CA VAL J 158 28.29 70.56 7.41
C VAL J 158 28.88 70.57 6.01
N SER J 159 29.26 71.76 5.53
CA SER J 159 29.93 71.92 4.25
C SER J 159 30.97 73.04 4.35
N TRP J 160 31.91 73.05 3.42
CA TRP J 160 33.02 74.01 3.41
C TRP J 160 32.93 74.91 2.19
N ASN J 161 33.17 76.21 2.42
CA ASN J 161 33.14 77.22 1.37
C ASN J 161 31.88 77.12 0.51
N SER J 162 30.76 76.84 1.18
CA SER J 162 29.45 76.68 0.52
C SER J 162 29.46 75.59 -0.54
N GLY J 163 30.31 74.57 -0.37
CA GLY J 163 30.36 73.43 -1.25
C GLY J 163 31.55 73.40 -2.19
N ALA J 164 32.22 74.54 -2.40
CA ALA J 164 33.35 74.62 -3.31
C ALA J 164 34.63 74.01 -2.76
N LEU J 165 34.53 73.17 -1.72
CA LEU J 165 35.70 72.53 -1.13
C LEU J 165 35.25 71.17 -0.58
N THR J 166 35.40 70.13 -1.41
CA THR J 166 35.08 68.76 -1.02
C THR J 166 36.29 67.83 -1.05
N SER J 167 37.43 68.28 -1.55
CA SER J 167 38.62 67.44 -1.67
C SER J 167 39.40 67.49 -0.35
N GLY J 168 39.59 66.32 0.26
CA GLY J 168 40.27 66.22 1.52
C GLY J 168 39.42 66.46 2.74
N VAL J 169 38.10 66.44 2.60
CA VAL J 169 37.19 66.76 3.69
C VAL J 169 36.75 65.48 4.39
N HIS J 170 36.67 65.54 5.72
CA HIS J 170 36.16 64.43 6.53
C HIS J 170 35.23 65.00 7.59
N THR J 171 33.95 64.67 7.51
CA THR J 171 32.99 65.00 8.57
C THR J 171 32.76 63.73 9.39
N PHE J 172 33.03 63.81 10.67
CA PHE J 172 33.03 62.61 11.49
C PHE J 172 31.65 62.36 12.10
N PRO J 173 31.37 61.10 12.45
CA PRO J 173 30.15 60.81 13.21
C PRO J 173 30.21 61.47 14.58
N ALA J 174 29.08 61.99 15.01
CA ALA J 174 29.02 62.72 16.27
C ALA J 174 29.16 61.76 17.45
N VAL J 175 29.25 62.34 18.65
CA VAL J 175 29.13 61.61 19.89
C VAL J 175 27.92 62.13 20.63
N LEU J 176 27.13 61.21 21.19
CA LEU J 176 26.17 61.57 22.22
C LEU J 176 26.94 61.62 23.54
N GLN J 177 27.08 62.82 24.09
CA GLN J 177 27.81 62.99 25.33
C GLN J 177 26.91 62.70 26.52
N SER J 178 27.53 62.44 27.67
CA SER J 178 26.79 62.06 28.87
C SER J 178 25.67 63.03 29.21
N SER J 179 25.75 64.27 28.70
CA SER J 179 24.71 65.27 28.87
C SER J 179 23.46 64.97 28.06
N GLY J 180 23.54 64.09 27.07
CA GLY J 180 22.42 63.89 26.17
C GLY J 180 22.38 64.84 24.99
N LEU J 181 23.45 65.60 24.77
CA LEU J 181 23.60 66.47 23.61
C LEU J 181 24.69 65.92 22.70
N TYR J 182 24.58 66.23 21.42
CA TYR J 182 25.49 65.70 20.42
C TYR J 182 26.63 66.66 20.16
N SER J 183 27.70 66.14 19.54
CA SER J 183 28.92 66.91 19.33
C SER J 183 29.78 66.19 18.31
N LEU J 184 29.93 66.79 17.13
CA LEU J 184 30.83 66.26 16.11
C LEU J 184 31.85 67.33 15.71
N SER J 185 32.80 66.91 14.89
CA SER J 185 33.78 67.80 14.29
C SER J 185 33.81 67.57 12.79
N SER J 186 34.38 68.53 12.07
CA SER J 186 34.48 68.47 10.62
C SER J 186 35.77 69.13 10.19
N VAL J 187 36.59 68.42 9.41
CA VAL J 187 37.94 68.86 9.10
C VAL J 187 38.24 68.75 7.61
N VAL J 188 39.32 69.43 7.21
CA VAL J 188 39.81 69.43 5.84
C VAL J 188 41.31 69.73 5.88
N THR J 189 42.06 69.11 4.98
CA THR J 189 43.47 69.39 4.80
C THR J 189 43.67 70.13 3.49
N VAL J 190 44.56 71.13 3.51
CA VAL J 190 44.85 71.99 2.37
C VAL J 190 46.35 72.23 2.34
N PRO J 191 46.92 72.78 1.27
CA PRO J 191 48.33 73.19 1.32
C PRO J 191 48.53 74.34 2.29
N SER J 192 49.49 74.17 3.21
CA SER J 192 49.86 75.25 4.12
C SER J 192 50.36 76.48 3.38
N SER J 193 50.64 76.35 2.07
CA SER J 193 51.00 77.51 1.26
C SER J 193 49.85 78.49 1.13
N SER J 194 48.61 78.02 1.29
CA SER J 194 47.41 78.81 1.05
C SER J 194 46.67 79.17 2.34
N LEU J 195 47.36 79.20 3.48
CA LEU J 195 46.69 79.52 4.74
C LEU J 195 46.42 81.01 4.87
N GLY J 196 47.35 81.86 4.40
CA GLY J 196 47.19 83.29 4.53
C GLY J 196 46.28 83.90 3.49
N THR J 197 46.44 83.48 2.23
CA THR J 197 45.64 84.04 1.14
C THR J 197 44.24 83.45 1.10
N GLN J 198 44.16 82.12 1.01
CA GLN J 198 42.87 81.45 0.86
C GLN J 198 42.15 81.39 2.21
N THR J 199 40.84 81.62 2.17
CA THR J 199 40.01 81.70 3.37
C THR J 199 39.10 80.47 3.45
N TYR J 200 38.81 80.03 4.69
CA TYR J 200 38.11 78.78 4.93
C TYR J 200 36.95 79.02 5.88
N ILE J 201 35.72 78.78 5.41
CA ILE J 201 34.51 78.96 6.20
C ILE J 201 33.73 77.66 6.18
N CYS J 202 33.35 77.17 7.37
CA CYS J 202 32.58 75.93 7.50
C CYS J 202 31.11 76.26 7.70
N ASN J 203 30.25 75.58 6.94
CA ASN J 203 28.81 75.83 6.96
C ASN J 203 28.15 74.85 7.92
N VAL J 204 27.36 75.38 8.85
CA VAL J 204 26.72 74.58 9.89
C VAL J 204 25.22 74.78 9.80
N ASN J 205 24.48 73.70 9.51
CA ASN J 205 23.03 73.74 9.41
C ASN J 205 22.43 72.69 10.34
N HIS J 206 21.65 73.14 11.32
CA HIS J 206 20.92 72.27 12.25
C HIS J 206 19.44 72.58 12.03
N LYS J 207 18.81 71.81 11.14
CA LYS J 207 17.44 72.06 10.72
C LYS J 207 16.39 71.84 11.81
N PRO J 208 16.53 70.85 12.71
CA PRO J 208 15.56 70.75 13.82
C PRO J 208 15.51 71.96 14.73
N SER J 209 16.56 72.78 14.79
CA SER J 209 16.54 74.00 15.57
C SER J 209 16.74 75.26 14.74
N ASN J 210 17.04 75.12 13.44
CA ASN J 210 17.14 76.24 12.50
C ASN J 210 18.36 77.12 12.79
N THR J 211 19.49 76.49 13.10
CA THR J 211 20.74 77.20 13.33
C THR J 211 21.59 77.10 12.07
N LYS J 212 21.84 78.24 11.43
CA LYS J 212 22.76 78.33 10.32
C LYS J 212 23.88 79.29 10.69
N VAL J 213 25.10 78.76 10.78
CA VAL J 213 26.26 79.50 11.29
C VAL J 213 27.42 79.26 10.35
N ASP J 214 28.01 80.35 9.85
CA ASP J 214 29.18 80.28 8.97
C ASP J 214 30.39 80.79 9.75
N LYS J 215 31.42 79.95 9.87
CA LYS J 215 32.53 80.21 10.77
C LYS J 215 33.85 80.21 9.99
N LYS J 216 34.57 81.33 10.04
CA LYS J 216 35.91 81.40 9.48
C LYS J 216 36.92 80.84 10.48
N VAL J 217 38.02 80.32 9.96
CA VAL J 217 39.05 79.67 10.78
C VAL J 217 40.41 80.27 10.42
N GLU J 218 41.05 80.92 11.38
CA GLU J 218 42.35 81.55 11.15
C GLU J 218 43.51 80.67 11.62
#